data_5JQL
#
_entry.id   5JQL
#
_cell.length_a   83.311
_cell.length_b   130.736
_cell.length_c   84.271
_cell.angle_alpha   90.000
_cell.angle_beta   103.090
_cell.angle_gamma   90.000
#
_symmetry.space_group_name_H-M   'P 1 21 1'
#
loop_
_entity.id
_entity.type
_entity.pdbx_description
1 polymer 'Protein UPS1, mitochondrial'
2 polymer 'Mitochondrial distribution and morphology protein 35'
3 polymer 'Protein UPS1, mitochondrial'
4 polymer 'Protein UPS1, mitochondrial'
5 polymer 'Mitochondrial distribution and morphology protein 35'
#
loop_
_entity_poly.entity_id
_entity_poly.type
_entity_poly.pdbx_seq_one_letter_code
_entity_poly.pdbx_strand_id
1 'polypeptide(L)'
;MGSSHHHHHHSQDPMVLLHKSTHIFPTDFASVSRAFFNRYPNPYSPHVLSIDTISRNVDQEGNLRTTRLLKKSGKLPTWV
KPFLRGITETWIIEVSVVNPANST(MSE)KTYTRNLDHTGI(MSE)KVEEYTTYQFDSATSSTIADSRVKFSSGFNMGIK
SKVEDWSRTKFDENVKKSR(MSE)G(MSE)AFVIQKLEEARNPQF
;
A,E,I,K
2 'polypeptide(L)'
;MGNIMSASFAPECTDLKTKYDSCFNEWYSEKFLKGKSVENECSKQWYAYTTCVNAALVKQGIKPALDEAREEAPFENGGK
LKEVDK
;
B,D,F,J,L
3 'polypeptide(L)'
;MGSSHHHHHHSQDP(MSE)VLLHKSTHIFPTDFASVSRAFFNRYPNPYSPHVLSIDTISRNVDQEGNLRTTRLLKKSGKL
PTWVKPFLRGITETWIIEVSVVNPANST(MSE)KTYTRNLDHTGI(MSE)KVEEYTTYQFDSATSSTIADSRVKFSSGFN
MGIKSKVEDWSRTKFDENVKKSR(MSE)G(MSE)AFVIQKLEEARNPQF
;
C
4 'polypeptide(L)'
;MGSSHHHHHHSQDP(MSE)VLLHKSTHIFPTDFASVSRAFFNRYPNPYSPHVLSIDTISRNVDQEGNLRTTRLLKKSGKL
PTWVKPFLRGITETWIIEVSVVNPANST(MSE)KTYTRNLDHTGI(MSE)KVEEYTTYQFDSATSSTIADSRVKFSSGFN
(MSE)GIKSKVEDWSRTKFDENVKKSR(MSE)G(MSE)AFVIQKLEEARNPQF
;
G
5 'polypeptide(L)'
;MGNI(MSE)SASFAPECTDLKTKYDSCFNEWYSEKFLKGKSVENECSKQWYAYTTCVNAALVKQGIKPALDEAREEAPFE
NGGKLKEVDK
;
H
#
# COMPACT_ATOMS: atom_id res chain seq x y z
N PRO A 14 -17.68 18.06 4.35
CA PRO A 14 -18.11 17.09 3.33
C PRO A 14 -18.00 17.68 1.92
N MET A 15 -17.07 17.17 1.12
CA MET A 15 -16.84 17.77 -0.20
C MET A 15 -18.05 17.56 -1.09
N VAL A 16 -18.46 18.60 -1.82
CA VAL A 16 -19.55 18.45 -2.78
C VAL A 16 -19.12 18.92 -4.16
N LEU A 17 -19.26 18.04 -5.13
CA LEU A 17 -18.88 18.29 -6.53
C LEU A 17 -20.13 18.08 -7.38
N LEU A 18 -20.27 18.86 -8.44
CA LEU A 18 -21.46 18.79 -9.26
C LEU A 18 -21.12 18.60 -10.72
N HIS A 19 -21.91 17.82 -11.44
CA HIS A 19 -21.74 17.75 -12.87
C HIS A 19 -23.11 17.82 -13.52
N LYS A 20 -23.17 18.26 -14.77
CA LYS A 20 -24.43 18.32 -15.48
C LYS A 20 -24.24 17.77 -16.86
N SER A 21 -25.32 17.32 -17.49
CA SER A 21 -25.20 16.72 -18.81
C SER A 21 -26.57 16.80 -19.46
N THR A 22 -26.63 16.80 -20.79
CA THR A 22 -27.93 16.83 -21.45
C THR A 22 -27.88 15.93 -22.65
N HIS A 23 -28.92 15.17 -22.92
CA HIS A 23 -28.95 14.46 -24.18
C HIS A 23 -30.30 14.65 -24.84
N ILE A 24 -30.31 14.57 -26.16
CA ILE A 24 -31.53 14.67 -26.93
C ILE A 24 -31.78 13.37 -27.69
N PHE A 25 -32.91 12.75 -27.42
CA PHE A 25 -33.26 11.53 -28.12
C PHE A 25 -34.20 11.86 -29.27
N PRO A 26 -33.80 11.50 -30.49
CA PRO A 26 -34.66 11.71 -31.66
C PRO A 26 -35.79 10.70 -31.66
N THR A 27 -36.60 10.69 -30.60
CA THR A 27 -37.71 9.76 -30.49
C THR A 27 -38.75 10.13 -29.42
N ASP A 28 -39.80 9.32 -29.32
CA ASP A 28 -40.95 9.65 -28.47
C ASP A 28 -40.88 9.14 -27.02
N PHE A 29 -41.54 9.88 -26.14
CA PHE A 29 -41.58 9.65 -24.69
C PHE A 29 -41.92 8.21 -24.26
N ALA A 30 -42.88 7.60 -24.95
CA ALA A 30 -43.22 6.23 -24.66
C ALA A 30 -42.01 5.32 -24.89
N SER A 31 -41.27 5.55 -25.97
CA SER A 31 -40.08 4.74 -26.27
C SER A 31 -38.93 4.98 -25.31
N VAL A 32 -38.72 6.24 -24.94
CA VAL A 32 -37.65 6.63 -24.02
C VAL A 32 -37.92 6.05 -22.63
N SER A 33 -39.08 6.37 -22.06
CA SER A 33 -39.46 5.87 -20.73
C SER A 33 -39.52 4.34 -20.67
N ARG A 34 -40.17 3.73 -21.66
CA ARG A 34 -40.13 2.29 -21.72
C ARG A 34 -38.70 1.74 -21.74
N ALA A 35 -37.83 2.38 -22.54
CA ALA A 35 -36.44 1.93 -22.54
C ALA A 35 -35.80 2.04 -21.14
N PHE A 36 -36.03 3.18 -20.47
CA PHE A 36 -35.48 3.39 -19.14
C PHE A 36 -35.86 2.22 -18.22
N PHE A 37 -37.15 1.83 -18.21
CA PHE A 37 -37.59 0.70 -17.41
C PHE A 37 -37.00 -0.61 -17.89
N ASN A 38 -36.46 -0.63 -19.11
CA ASN A 38 -35.82 -1.87 -19.57
C ASN A 38 -34.35 -1.76 -19.92
N ARG A 39 -33.67 -0.75 -19.39
CA ARG A 39 -32.33 -0.45 -19.85
C ARG A 39 -31.26 -1.47 -19.44
N TYR A 40 -31.60 -2.46 -18.63
CA TYR A 40 -30.62 -3.48 -18.29
C TYR A 40 -31.17 -4.87 -18.55
N PRO A 41 -30.31 -5.79 -19.04
CA PRO A 41 -28.90 -5.57 -19.36
C PRO A 41 -28.74 -4.86 -20.68
N ASN A 42 -27.56 -4.29 -20.90
CA ASN A 42 -27.13 -3.79 -22.21
C ASN A 42 -25.61 -3.75 -22.26
N PRO A 43 -25.03 -3.92 -23.46
CA PRO A 43 -23.58 -4.13 -23.61
C PRO A 43 -22.69 -3.03 -23.02
N TYR A 44 -23.21 -1.84 -22.78
CA TYR A 44 -22.42 -0.72 -22.29
C TYR A 44 -22.41 -0.59 -20.77
N SER A 45 -23.16 -1.46 -20.10
CA SER A 45 -23.29 -1.40 -18.65
C SER A 45 -23.02 -2.78 -18.04
N PRO A 46 -21.74 -3.20 -18.06
CA PRO A 46 -21.40 -4.57 -17.62
C PRO A 46 -21.36 -4.79 -16.11
N HIS A 47 -21.23 -3.75 -15.30
CA HIS A 47 -21.10 -3.93 -13.86
C HIS A 47 -22.48 -4.03 -13.17
N VAL A 48 -23.54 -3.86 -13.93
CA VAL A 48 -24.86 -3.98 -13.37
C VAL A 48 -25.11 -5.47 -13.31
N LEU A 49 -25.33 -5.96 -12.07
CA LEU A 49 -25.55 -7.36 -11.75
C LEU A 49 -27.01 -7.76 -11.66
N SER A 50 -27.86 -6.86 -11.13
CA SER A 50 -29.33 -7.08 -11.10
C SER A 50 -30.16 -5.83 -10.92
N ILE A 51 -31.41 -5.86 -11.37
CA ILE A 51 -32.39 -4.82 -11.05
C ILE A 51 -33.64 -5.49 -10.47
N ASP A 52 -34.25 -4.91 -9.45
CA ASP A 52 -35.49 -5.42 -8.87
C ASP A 52 -36.47 -4.31 -8.66
N THR A 53 -37.76 -4.60 -8.81
CA THR A 53 -38.77 -3.59 -8.49
C THR A 53 -39.25 -3.77 -7.07
N ILE A 54 -39.00 -2.75 -6.26
CA ILE A 54 -39.42 -2.79 -4.87
C ILE A 54 -40.91 -2.40 -4.68
N SER A 55 -41.34 -1.34 -5.36
CA SER A 55 -42.71 -0.92 -5.30
C SER A 55 -43.18 -0.19 -6.55
N ARG A 56 -44.43 -0.37 -6.92
CA ARG A 56 -44.94 0.38 -8.03
C ARG A 56 -46.42 0.65 -7.88
N ASN A 57 -46.80 1.92 -7.91
CA ASN A 57 -48.21 2.29 -7.91
C ASN A 57 -48.53 3.64 -8.52
N VAL A 58 -49.78 3.86 -8.90
CA VAL A 58 -50.19 5.15 -9.46
C VAL A 58 -50.76 6.10 -8.39
N ASP A 59 -50.23 7.33 -8.32
CA ASP A 59 -50.58 8.19 -7.19
C ASP A 59 -51.92 8.93 -7.34
N GLN A 60 -52.22 9.80 -6.37
CA GLN A 60 -53.45 10.60 -6.37
C GLN A 60 -53.61 11.38 -7.69
N GLU A 61 -52.50 11.89 -8.24
CA GLU A 61 -52.56 12.69 -9.46
C GLU A 61 -52.44 11.93 -10.79
N GLY A 62 -52.44 10.61 -10.75
CA GLY A 62 -52.39 9.81 -11.97
C GLY A 62 -50.99 9.55 -12.52
N ASN A 63 -49.98 9.93 -11.73
CA ASN A 63 -48.59 9.72 -12.09
C ASN A 63 -48.12 8.37 -11.56
N LEU A 64 -47.29 7.68 -12.35
CA LEU A 64 -46.72 6.39 -11.97
C LEU A 64 -45.53 6.53 -11.06
N ARG A 65 -45.55 5.86 -9.92
CA ARG A 65 -44.45 5.96 -8.96
C ARG A 65 -43.75 4.63 -8.76
N THR A 66 -42.45 4.59 -9.08
CA THR A 66 -41.68 3.35 -8.92
C THR A 66 -40.40 3.51 -8.08
N THR A 67 -40.09 2.48 -7.29
CA THR A 67 -38.82 2.37 -6.60
C THR A 67 -38.22 1.03 -7.01
N ARG A 68 -36.98 1.09 -7.52
CA ARG A 68 -36.25 -0.10 -7.92
C ARG A 68 -34.92 -0.22 -7.21
N LEU A 69 -34.39 -1.44 -7.17
CA LEU A 69 -33.15 -1.74 -6.47
C LEU A 69 -32.13 -2.38 -7.46
N LEU A 70 -30.94 -1.80 -7.58
CA LEU A 70 -29.88 -2.36 -8.43
C LEU A 70 -28.70 -2.84 -7.60
N LYS A 71 -27.98 -3.82 -8.13
CA LYS A 71 -26.71 -4.23 -7.53
C LYS A 71 -25.62 -4.00 -8.59
N LYS A 72 -24.53 -3.33 -8.23
CA LYS A 72 -23.41 -3.11 -9.14
C LYS A 72 -22.18 -3.78 -8.57
N SER A 73 -21.26 -4.18 -9.41
CA SER A 73 -19.94 -4.56 -8.91
C SER A 73 -18.98 -3.44 -9.30
N GLY A 74 -17.92 -3.29 -8.54
CA GLY A 74 -16.93 -2.29 -8.91
C GLY A 74 -15.85 -2.24 -7.88
N LYS A 75 -14.80 -1.51 -8.16
CA LYS A 75 -13.73 -1.36 -7.20
C LYS A 75 -13.94 -0.03 -6.50
N LEU A 76 -13.71 0.01 -5.20
CA LEU A 76 -13.67 1.30 -4.49
C LEU A 76 -12.44 2.08 -4.98
N PRO A 77 -12.51 3.42 -4.96
CA PRO A 77 -11.43 4.28 -5.50
C PRO A 77 -10.15 4.05 -4.73
N THR A 78 -8.98 4.16 -5.36
CA THR A 78 -7.72 3.86 -4.66
C THR A 78 -7.45 4.73 -3.43
N TRP A 79 -8.07 5.92 -3.38
CA TRP A 79 -7.84 6.88 -2.29
C TRP A 79 -8.55 6.59 -0.94
N VAL A 80 -9.22 5.44 -0.83
CA VAL A 80 -9.84 5.05 0.44
C VAL A 80 -8.79 4.33 1.31
N LYS A 81 -9.03 4.24 2.62
CA LYS A 81 -8.14 3.52 3.53
C LYS A 81 -7.93 2.08 3.03
N PRO A 82 -6.79 1.46 3.38
CA PRO A 82 -6.43 0.13 2.84
C PRO A 82 -7.31 -1.07 3.26
N PHE A 83 -8.13 -0.91 4.29
CA PHE A 83 -8.94 -2.03 4.77
C PHE A 83 -10.17 -2.19 3.89
N LEU A 84 -10.58 -1.10 3.28
CA LEU A 84 -11.77 -1.08 2.42
C LEU A 84 -11.45 -1.29 0.94
N ARG A 85 -10.17 -1.26 0.59
CA ARG A 85 -9.76 -1.43 -0.80
C ARG A 85 -10.20 -2.81 -1.32
N GLY A 86 -10.38 -2.93 -2.63
CA GLY A 86 -10.87 -4.18 -3.18
C GLY A 86 -12.03 -4.08 -4.17
N ILE A 87 -12.65 -5.21 -4.47
CA ILE A 87 -13.80 -5.18 -5.34
C ILE A 87 -14.99 -5.52 -4.48
N THR A 88 -16.07 -4.80 -4.71
CA THR A 88 -17.26 -5.01 -3.92
C THR A 88 -18.49 -4.97 -4.79
N GLU A 89 -19.62 -5.16 -4.14
CA GLU A 89 -20.91 -4.97 -4.76
C GLU A 89 -21.60 -3.89 -3.95
N THR A 90 -22.24 -2.96 -4.64
CA THR A 90 -22.97 -1.89 -3.97
C THR A 90 -24.42 -1.95 -4.40
N TRP A 91 -25.33 -1.64 -3.47
CA TRP A 91 -26.75 -1.54 -3.80
C TRP A 91 -27.10 -0.11 -4.21
N ILE A 92 -27.98 0.04 -5.20
CA ILE A 92 -28.42 1.35 -5.62
C ILE A 92 -29.95 1.50 -5.64
N ILE A 93 -30.47 2.59 -5.10
CA ILE A 93 -31.89 2.82 -5.14
C ILE A 93 -32.13 3.72 -6.32
N GLU A 94 -33.22 3.45 -7.04
CA GLU A 94 -33.63 4.22 -8.21
C GLU A 94 -35.10 4.52 -8.07
N VAL A 95 -35.45 5.81 -8.04
CA VAL A 95 -36.81 6.26 -7.76
C VAL A 95 -37.29 7.12 -8.91
N SER A 96 -38.44 6.77 -9.48
CA SER A 96 -38.89 7.47 -10.67
C SER A 96 -40.37 7.82 -10.62
N VAL A 97 -40.71 8.94 -11.25
CA VAL A 97 -42.09 9.35 -11.43
C VAL A 97 -42.34 9.58 -12.92
N VAL A 98 -43.43 9.04 -13.44
CA VAL A 98 -43.83 9.33 -14.81
C VAL A 98 -45.14 10.12 -14.76
N ASN A 99 -45.19 11.21 -15.51
CA ASN A 99 -46.42 11.98 -15.70
C ASN A 99 -46.86 11.84 -17.16
N PRO A 100 -47.87 11.01 -17.43
CA PRO A 100 -48.32 10.69 -18.78
C PRO A 100 -49.08 11.86 -19.41
N ALA A 101 -49.63 12.71 -18.56
CA ALA A 101 -50.32 13.91 -19.05
C ALA A 101 -49.31 14.85 -19.76
N ASN A 102 -48.34 15.35 -19.01
CA ASN A 102 -47.32 16.23 -19.53
C ASN A 102 -46.21 15.52 -20.34
N SER A 103 -46.30 14.18 -20.43
CA SER A 103 -45.21 13.38 -20.98
C SER A 103 -43.86 13.75 -20.37
N THR A 104 -43.74 13.65 -19.05
CA THR A 104 -42.46 13.96 -18.38
C THR A 104 -42.06 12.85 -17.43
N LYS A 106 -39.19 11.91 -14.06
CA LYS A 106 -38.08 12.31 -13.21
C LYS A 106 -37.51 11.05 -12.54
N THR A 107 -36.18 10.90 -12.50
CA THR A 107 -35.55 9.75 -11.87
C THR A 107 -34.50 10.24 -10.91
N TYR A 108 -34.23 9.43 -9.89
CA TYR A 108 -33.22 9.75 -8.89
C TYR A 108 -32.52 8.45 -8.47
N THR A 109 -31.19 8.40 -8.56
CA THR A 109 -30.51 7.20 -8.09
C THR A 109 -29.46 7.56 -7.08
N ARG A 110 -29.20 6.65 -6.16
CA ARG A 110 -28.05 6.82 -5.27
C ARG A 110 -27.67 5.50 -4.60
N ASN A 111 -26.41 5.40 -4.17
CA ASN A 111 -25.94 4.17 -3.53
C ASN A 111 -26.48 4.14 -2.13
N LEU A 112 -26.77 2.92 -1.65
CA LEU A 112 -27.32 2.71 -0.29
C LEU A 112 -26.23 2.41 0.74
N ASP A 113 -25.17 1.74 0.30
CA ASP A 113 -24.10 1.37 1.21
C ASP A 113 -22.80 2.01 0.72
N HIS A 114 -21.74 1.81 1.51
CA HIS A 114 -20.46 2.50 1.32
C HIS A 114 -20.71 4.01 1.43
N THR A 115 -21.76 4.39 2.14
CA THR A 115 -22.15 5.78 2.24
C THR A 115 -21.19 6.59 3.11
N GLY A 116 -20.38 5.90 3.91
CA GLY A 116 -19.38 6.58 4.72
C GLY A 116 -18.33 7.19 3.81
N ILE A 117 -17.94 6.39 2.82
CA ILE A 117 -16.94 6.75 1.83
C ILE A 117 -17.40 7.84 0.87
N LYS A 119 -21.19 9.47 -1.32
CA LYS A 119 -22.58 9.40 -1.76
C LYS A 119 -22.61 10.00 -3.17
N VAL A 120 -23.23 9.29 -4.09
CA VAL A 120 -23.36 9.79 -5.44
C VAL A 120 -24.83 9.83 -5.81
N GLU A 121 -25.38 11.01 -6.02
CA GLU A 121 -26.79 11.14 -6.33
C GLU A 121 -26.93 11.61 -7.75
N GLU A 122 -27.88 11.06 -8.50
CA GLU A 122 -28.09 11.52 -9.87
C GLU A 122 -29.56 11.77 -10.10
N TYR A 123 -29.90 13.02 -10.42
CA TYR A 123 -31.26 13.39 -10.75
C TYR A 123 -31.35 13.52 -12.25
N THR A 124 -32.38 12.95 -12.86
CA THR A 124 -32.53 13.09 -14.30
C THR A 124 -33.96 13.40 -14.69
N THR A 125 -34.14 14.47 -15.46
CA THR A 125 -35.47 14.80 -15.91
C THR A 125 -35.58 14.62 -17.41
N TYR A 126 -36.56 13.83 -17.84
CA TYR A 126 -36.90 13.70 -19.24
C TYR A 126 -38.15 14.53 -19.50
N GLN A 127 -38.19 15.26 -20.61
CA GLN A 127 -39.38 16.05 -20.98
C GLN A 127 -39.54 15.92 -22.49
N PHE A 128 -40.76 15.83 -22.98
CA PHE A 128 -40.99 15.73 -24.42
C PHE A 128 -40.97 17.11 -25.04
N ASP A 129 -40.44 17.24 -26.24
CA ASP A 129 -40.47 18.53 -26.90
C ASP A 129 -41.11 18.37 -28.27
N SER A 130 -42.34 18.86 -28.39
CA SER A 130 -43.11 18.78 -29.63
C SER A 130 -42.46 19.63 -30.72
N ALA A 131 -41.80 20.71 -30.30
CA ALA A 131 -41.05 21.59 -31.20
C ALA A 131 -39.96 20.89 -32.02
N THR A 132 -39.06 20.21 -31.32
CA THR A 132 -37.97 19.46 -31.95
C THR A 132 -38.40 18.02 -32.28
N SER A 133 -39.62 17.66 -31.88
CA SER A 133 -40.15 16.30 -31.97
C SER A 133 -39.19 15.32 -31.31
N SER A 134 -38.66 15.72 -30.17
CA SER A 134 -37.57 14.98 -29.54
C SER A 134 -37.68 15.00 -28.02
N THR A 135 -37.16 13.97 -27.37
CA THR A 135 -37.22 13.89 -25.91
C THR A 135 -35.92 14.40 -25.29
N ILE A 136 -36.02 15.39 -24.41
CA ILE A 136 -34.85 16.01 -23.80
C ILE A 136 -34.59 15.51 -22.39
N ALA A 137 -33.39 14.99 -22.16
CA ALA A 137 -33.00 14.50 -20.86
C ALA A 137 -31.92 15.38 -20.21
N ASP A 138 -32.18 15.95 -19.04
CA ASP A 138 -31.17 16.73 -18.29
C ASP A 138 -30.73 16.00 -17.03
N SER A 139 -29.42 15.74 -16.89
CA SER A 139 -28.91 15.03 -15.74
C SER A 139 -28.03 15.93 -14.91
N ARG A 140 -28.17 15.83 -13.59
CA ARG A 140 -27.27 16.53 -12.71
C ARG A 140 -26.82 15.52 -11.65
N VAL A 141 -25.52 15.44 -11.43
CA VAL A 141 -24.97 14.50 -10.48
C VAL A 141 -24.25 15.24 -9.36
N LYS A 142 -24.51 14.82 -8.13
CA LYS A 142 -23.87 15.38 -6.96
C LYS A 142 -22.99 14.31 -6.31
N PHE A 143 -21.69 14.59 -6.23
CA PHE A 143 -20.80 13.72 -5.51
C PHE A 143 -20.56 14.39 -4.16
N SER A 144 -20.76 13.65 -3.07
CA SER A 144 -20.46 14.20 -1.76
C SER A 144 -19.71 13.21 -0.87
N SER A 145 -18.54 13.62 -0.39
CA SER A 145 -17.65 12.73 0.35
C SER A 145 -17.22 13.29 1.68
N GLY A 146 -16.40 12.52 2.38
CA GLY A 146 -15.93 12.88 3.71
C GLY A 146 -14.52 12.37 3.91
N PHE A 147 -13.96 11.80 2.84
CA PHE A 147 -12.56 11.37 2.80
C PHE A 147 -11.64 12.49 3.30
N ASN A 148 -11.93 13.73 2.89
CA ASN A 148 -11.24 14.91 3.38
C ASN A 148 -11.30 15.00 4.91
N MET A 149 -12.51 14.81 5.46
CA MET A 149 -12.72 14.83 6.90
C MET A 149 -11.95 13.69 7.59
N GLY A 150 -11.81 12.57 6.89
CA GLY A 150 -11.07 11.41 7.40
C GLY A 150 -9.58 11.69 7.51
N ILE A 151 -9.03 12.30 6.46
CA ILE A 151 -7.63 12.72 6.47
C ILE A 151 -7.40 13.69 7.62
N LYS A 152 -8.20 14.75 7.67
CA LYS A 152 -8.08 15.75 8.75
C LYS A 152 -8.15 15.13 10.16
N SER A 153 -9.06 14.18 10.35
CA SER A 153 -9.17 13.47 11.64
C SER A 153 -7.93 12.64 12.00
N LYS A 154 -7.49 11.80 11.05
CA LYS A 154 -6.33 10.95 11.28
C LYS A 154 -5.11 11.81 11.62
N VAL A 155 -4.96 12.90 10.89
CA VAL A 155 -3.89 13.84 11.16
C VAL A 155 -3.97 14.44 12.56
N GLU A 156 -5.15 14.92 12.94
CA GLU A 156 -5.33 15.49 14.27
C GLU A 156 -4.92 14.51 15.38
N ASP A 157 -5.42 13.28 15.30
CA ASP A 157 -5.07 12.26 16.29
C ASP A 157 -3.56 12.04 16.33
N TRP A 158 -2.97 11.92 15.15
CA TRP A 158 -1.52 11.76 15.03
C TRP A 158 -0.82 12.86 15.80
N SER A 159 -1.23 14.10 15.54
CA SER A 159 -0.64 15.28 16.18
C SER A 159 -0.71 15.24 17.69
N ARG A 160 -1.88 14.88 18.23
CA ARG A 160 -1.98 14.76 19.68
C ARG A 160 -0.96 13.75 20.20
N THR A 161 -0.95 12.55 19.61
CA THR A 161 -0.06 11.48 20.10
C THR A 161 1.41 11.87 20.06
N LYS A 162 1.83 12.38 18.90
CA LYS A 162 3.20 12.80 18.72
C LYS A 162 3.56 13.87 19.74
N PHE A 163 2.67 14.84 19.93
CA PHE A 163 2.91 15.91 20.90
C PHE A 163 3.17 15.32 22.27
N ASP A 164 2.39 14.30 22.62
CA ASP A 164 2.60 13.64 23.89
C ASP A 164 4.00 13.05 23.94
N GLU A 165 4.38 12.25 22.94
CA GLU A 165 5.75 11.72 22.92
C GLU A 165 6.81 12.80 23.04
N ASN A 166 6.72 13.87 22.24
CA ASN A 166 7.74 14.91 22.25
C ASN A 166 7.86 15.68 23.56
N VAL A 167 6.73 15.95 24.20
CA VAL A 167 6.79 16.58 25.52
C VAL A 167 7.37 15.62 26.53
N LYS A 168 6.94 14.35 26.49
CA LYS A 168 7.55 13.34 27.36
C LYS A 168 9.06 13.30 27.19
N LYS A 169 9.56 13.09 25.98
CA LYS A 169 11.01 13.08 25.75
C LYS A 169 11.71 14.37 26.18
N SER A 170 11.10 15.53 25.93
CA SER A 170 11.70 16.78 26.39
C SER A 170 11.90 16.72 27.90
N ARG A 171 10.84 16.39 28.64
CA ARG A 171 10.87 16.29 30.10
C ARG A 171 11.85 15.22 30.63
N GLY A 173 14.38 13.68 29.07
CA GLY A 173 15.72 14.06 28.71
C GLY A 173 16.27 15.22 29.52
N ALA A 175 15.37 16.20 32.45
CA ALA A 175 15.60 15.69 33.80
C ALA A 175 16.89 14.90 33.87
N PHE A 176 17.10 14.04 32.88
CA PHE A 176 18.28 13.19 32.85
C PHE A 176 19.53 14.05 32.90
N VAL A 177 19.62 15.00 31.97
CA VAL A 177 20.77 15.87 31.84
C VAL A 177 20.96 16.72 33.08
N ILE A 178 19.85 17.21 33.67
CA ILE A 178 19.92 18.03 34.88
C ILE A 178 20.51 17.23 36.02
N GLN A 179 20.04 16.00 36.19
CA GLN A 179 20.60 15.11 37.20
C GLN A 179 22.10 14.89 36.95
N LYS A 180 22.47 14.47 35.74
CA LYS A 180 23.87 14.21 35.45
C LYS A 180 24.78 15.42 35.66
N LEU A 181 24.26 16.63 35.40
CA LEU A 181 25.07 17.84 35.56
C LEU A 181 25.08 18.38 36.98
N GLU A 182 24.61 17.57 37.93
CA GLU A 182 24.56 18.01 39.32
C GLU A 182 25.56 17.17 40.10
N GLU A 183 25.82 15.97 39.61
CA GLU A 183 26.94 15.17 40.08
C GLU A 183 28.23 15.85 39.59
N ALA A 184 28.63 16.89 40.32
CA ALA A 184 29.82 17.69 40.00
C ALA A 184 30.18 18.62 41.16
N ILE B 4 -32.08 -11.30 -23.99
CA ILE B 4 -31.62 -11.54 -22.63
C ILE B 4 -32.37 -10.68 -21.63
N MET B 5 -32.83 -11.30 -20.55
CA MET B 5 -33.69 -10.63 -19.58
C MET B 5 -32.96 -10.48 -18.25
N SER B 6 -33.19 -9.35 -17.56
CA SER B 6 -32.40 -9.01 -16.37
C SER B 6 -32.59 -9.95 -15.20
N ALA B 7 -31.56 -10.03 -14.38
CA ALA B 7 -31.56 -10.96 -13.28
C ALA B 7 -32.11 -10.27 -12.05
N SER B 8 -32.74 -11.05 -11.18
CA SER B 8 -33.09 -10.57 -9.86
C SER B 8 -31.88 -10.84 -9.01
N PHE B 9 -31.73 -10.13 -7.89
CA PHE B 9 -30.56 -10.37 -7.06
C PHE B 9 -30.66 -11.74 -6.42
N ALA B 10 -31.87 -12.29 -6.48
CA ALA B 10 -32.16 -13.62 -6.00
C ALA B 10 -32.58 -14.41 -7.22
N PRO B 11 -31.75 -15.37 -7.64
CA PRO B 11 -31.99 -16.14 -8.87
C PRO B 11 -33.38 -16.81 -8.93
N GLU B 12 -33.87 -17.37 -7.81
CA GLU B 12 -35.20 -17.98 -7.72
C GLU B 12 -36.35 -17.04 -8.16
N CYS B 13 -36.13 -15.74 -8.03
CA CYS B 13 -37.14 -14.79 -8.37
C CYS B 13 -37.06 -14.36 -9.83
N THR B 14 -35.95 -14.68 -10.49
CA THR B 14 -35.73 -14.14 -11.83
C THR B 14 -36.92 -14.43 -12.77
N ASP B 15 -37.33 -15.69 -12.81
CA ASP B 15 -38.42 -16.09 -13.68
C ASP B 15 -39.68 -15.31 -13.32
N LEU B 16 -40.02 -15.28 -12.03
CA LEU B 16 -41.18 -14.52 -11.58
C LEU B 16 -41.08 -13.07 -12.02
N LYS B 17 -39.91 -12.47 -11.75
CA LYS B 17 -39.65 -11.10 -12.16
C LYS B 17 -39.91 -10.91 -13.65
N THR B 18 -39.44 -11.86 -14.46
CA THR B 18 -39.62 -11.75 -15.89
C THR B 18 -41.11 -11.65 -16.23
N LYS B 19 -41.89 -12.60 -15.69
CA LYS B 19 -43.33 -12.61 -15.92
C LYS B 19 -43.89 -11.25 -15.56
N TYR B 20 -43.57 -10.78 -14.34
CA TYR B 20 -44.16 -9.54 -13.89
C TYR B 20 -43.82 -8.40 -14.85
N ASP B 21 -42.53 -8.30 -15.17
CA ASP B 21 -42.03 -7.18 -15.96
C ASP B 21 -42.68 -7.21 -17.31
N SER B 22 -42.77 -8.43 -17.85
CA SER B 22 -43.41 -8.62 -19.14
C SER B 22 -44.81 -8.01 -19.08
N CYS B 23 -45.59 -8.44 -18.09
CA CYS B 23 -46.95 -8.00 -17.91
C CYS B 23 -46.99 -6.48 -17.72
N PHE B 24 -46.15 -5.97 -16.83
CA PHE B 24 -46.14 -4.51 -16.64
C PHE B 24 -45.79 -3.77 -17.95
N ASN B 25 -44.83 -4.29 -18.74
CA ASN B 25 -44.45 -3.64 -19.99
C ASN B 25 -45.68 -3.49 -20.87
N GLU B 26 -46.42 -4.59 -21.04
CA GLU B 26 -47.59 -4.55 -21.92
C GLU B 26 -48.50 -3.45 -21.40
N TRP B 27 -48.70 -3.39 -20.08
CA TRP B 27 -49.63 -2.42 -19.53
C TRP B 27 -49.12 -1.00 -19.71
N TYR B 28 -47.81 -0.81 -19.63
CA TYR B 28 -47.25 0.54 -19.59
C TYR B 28 -47.45 1.27 -20.91
N SER B 29 -47.18 0.55 -21.99
CA SER B 29 -47.24 1.05 -23.35
C SER B 29 -48.67 1.15 -23.86
N GLU B 30 -49.47 0.13 -23.57
CA GLU B 30 -50.77 0.05 -24.21
C GLU B 30 -51.88 0.80 -23.43
N LYS B 31 -51.78 0.82 -22.11
CA LYS B 31 -52.84 1.44 -21.34
C LYS B 31 -52.45 2.74 -20.63
N PHE B 32 -51.46 2.68 -19.75
CA PHE B 32 -51.18 3.80 -18.87
C PHE B 32 -50.80 5.06 -19.60
N LEU B 33 -49.87 4.93 -20.55
CA LEU B 33 -49.38 6.08 -21.32
C LEU B 33 -50.43 6.65 -22.25
N LYS B 34 -51.35 5.79 -22.67
CA LYS B 34 -52.44 6.20 -23.53
C LYS B 34 -53.69 6.64 -22.77
N GLY B 35 -53.57 6.76 -21.45
CA GLY B 35 -54.67 7.19 -20.60
C GLY B 35 -55.82 6.22 -20.38
N LYS B 36 -55.65 4.95 -20.74
CA LYS B 36 -56.72 3.94 -20.62
C LYS B 36 -56.78 3.27 -19.25
N SER B 37 -55.89 3.65 -18.34
CA SER B 37 -55.81 2.95 -17.06
C SER B 37 -54.95 3.67 -16.03
N VAL B 38 -55.40 3.61 -14.78
CA VAL B 38 -54.59 4.06 -13.66
C VAL B 38 -54.70 3.03 -12.54
N GLU B 39 -54.89 1.77 -12.91
CA GLU B 39 -54.96 0.67 -11.95
C GLU B 39 -53.86 -0.35 -12.25
N ASN B 40 -53.69 -1.32 -11.35
CA ASN B 40 -52.65 -2.31 -11.50
C ASN B 40 -53.22 -3.60 -12.06
N GLU B 41 -53.10 -3.82 -13.37
CA GLU B 41 -53.60 -5.06 -13.92
C GLU B 41 -52.60 -6.26 -13.84
N CYS B 42 -51.56 -6.17 -13.00
CA CYS B 42 -50.53 -7.24 -12.98
C CYS B 42 -50.30 -7.89 -11.63
N SER B 43 -51.31 -7.80 -10.76
CA SER B 43 -51.22 -8.20 -9.34
C SER B 43 -50.94 -9.67 -9.12
N LYS B 44 -51.42 -10.58 -9.97
CA LYS B 44 -51.00 -11.96 -9.76
C LYS B 44 -49.47 -12.08 -9.82
N GLN B 45 -48.93 -11.71 -10.98
CA GLN B 45 -47.51 -11.82 -11.24
C GLN B 45 -46.73 -10.99 -10.25
N TRP B 46 -47.25 -9.80 -9.98
CA TRP B 46 -46.61 -8.95 -8.99
C TRP B 46 -46.56 -9.54 -7.61
N TYR B 47 -47.64 -10.17 -7.16
CA TYR B 47 -47.69 -10.75 -5.81
C TYR B 47 -46.63 -11.83 -5.74
N ALA B 48 -46.59 -12.68 -6.77
CA ALA B 48 -45.63 -13.81 -6.78
C ALA B 48 -44.23 -13.29 -6.65
N TYR B 49 -43.93 -12.34 -7.54
CA TYR B 49 -42.61 -11.75 -7.61
C TYR B 49 -42.21 -11.10 -6.30
N THR B 50 -43.11 -10.31 -5.75
CA THR B 50 -42.77 -9.48 -4.62
C THR B 50 -42.61 -10.30 -3.36
N THR B 51 -43.34 -11.41 -3.30
CA THR B 51 -43.21 -12.31 -2.17
C THR B 51 -41.85 -12.99 -2.19
N CYS B 52 -41.51 -13.59 -3.34
CA CYS B 52 -40.19 -14.18 -3.48
C CYS B 52 -39.09 -13.15 -3.12
N VAL B 53 -39.17 -11.95 -3.69
CA VAL B 53 -38.18 -10.92 -3.41
C VAL B 53 -38.06 -10.54 -1.94
N ASN B 54 -39.18 -10.23 -1.30
CA ASN B 54 -39.11 -9.76 0.08
C ASN B 54 -38.62 -10.85 1.02
N ALA B 55 -38.98 -12.10 0.70
CA ALA B 55 -38.36 -13.22 1.35
C ALA B 55 -36.84 -13.10 1.24
N ALA B 56 -36.33 -12.93 0.02
CA ALA B 56 -34.86 -12.84 -0.13
C ALA B 56 -34.26 -11.60 0.55
N LEU B 57 -35.01 -10.53 0.56
CA LEU B 57 -34.53 -9.26 1.06
C LEU B 57 -34.32 -9.28 2.56
N VAL B 58 -35.11 -10.06 3.30
CA VAL B 58 -34.85 -10.14 4.75
C VAL B 58 -33.43 -10.62 5.10
N LYS B 59 -32.90 -11.62 4.40
CA LYS B 59 -31.54 -12.09 4.68
C LYS B 59 -30.51 -10.96 4.51
N GLN B 60 -30.79 -10.02 3.61
CA GLN B 60 -29.88 -8.94 3.28
C GLN B 60 -29.93 -7.85 4.31
N GLY B 61 -28.80 -7.23 4.60
CA GLY B 61 -28.77 -6.17 5.61
C GLY B 61 -29.26 -4.81 5.14
N ILE B 62 -29.98 -4.78 4.03
CA ILE B 62 -30.30 -3.51 3.37
C ILE B 62 -31.70 -2.93 3.56
N LYS B 63 -32.65 -3.72 4.06
CA LYS B 63 -34.02 -3.20 4.20
C LYS B 63 -34.17 -1.85 4.96
N PRO B 64 -33.42 -1.66 6.08
CA PRO B 64 -33.48 -0.35 6.71
C PRO B 64 -33.05 0.80 5.79
N ALA B 65 -31.85 0.72 5.21
CA ALA B 65 -31.32 1.78 4.36
C ALA B 65 -32.23 2.10 3.17
N LEU B 66 -32.77 1.03 2.60
CA LEU B 66 -33.67 1.12 1.47
C LEU B 66 -34.89 1.86 1.91
N ASP B 67 -35.38 1.50 3.08
CA ASP B 67 -36.55 2.17 3.64
C ASP B 67 -36.27 3.65 3.90
N GLU B 68 -35.11 3.96 4.49
CA GLU B 68 -34.76 5.34 4.79
C GLU B 68 -34.72 6.22 3.56
N ALA B 69 -34.07 5.77 2.48
CA ALA B 69 -34.03 6.58 1.26
C ALA B 69 -35.39 6.51 0.52
N ARG B 70 -36.23 5.56 0.89
CA ARG B 70 -37.60 5.51 0.34
C ARG B 70 -38.56 6.43 1.11
N GLU B 71 -38.18 6.79 2.34
CA GLU B 71 -38.94 7.74 3.16
C GLU B 71 -38.56 9.15 2.76
N GLU B 72 -37.40 9.24 2.10
CA GLU B 72 -36.85 10.49 1.62
C GLU B 72 -37.58 10.76 0.33
N ALA B 73 -37.76 12.04 0.02
CA ALA B 73 -38.43 12.41 -1.22
C ALA B 73 -37.48 13.30 -1.96
N PRO B 74 -36.70 12.71 -2.87
CA PRO B 74 -35.67 13.46 -3.57
C PRO B 74 -36.27 14.50 -4.53
N PHE B 75 -37.59 14.46 -4.71
CA PHE B 75 -38.28 15.39 -5.61
C PHE B 75 -38.88 16.55 -4.83
N PRO C 14 16.04 6.57 -18.52
CA PRO C 14 14.64 6.45 -18.97
C PRO C 14 14.43 5.17 -19.77
N VAL C 16 13.13 2.46 -22.28
CA VAL C 16 12.45 2.41 -23.56
C VAL C 16 12.14 0.96 -23.88
N LEU C 17 10.89 0.67 -24.21
CA LEU C 17 10.51 -0.67 -24.66
C LEU C 17 9.84 -0.53 -26.01
N LEU C 18 10.02 -1.52 -26.88
CA LEU C 18 9.50 -1.44 -28.23
C LEU C 18 8.60 -2.63 -28.48
N HIS C 19 7.52 -2.43 -29.21
CA HIS C 19 6.75 -3.61 -29.62
C HIS C 19 6.39 -3.35 -31.04
N LYS C 20 6.28 -4.42 -31.83
CA LYS C 20 5.84 -4.29 -33.20
C LYS C 20 4.86 -5.37 -33.51
N SER C 21 3.97 -5.10 -34.47
CA SER C 21 2.91 -6.05 -34.79
C SER C 21 2.42 -5.82 -36.20
N THR C 22 1.78 -6.82 -36.79
CA THR C 22 1.25 -6.68 -38.13
C THR C 22 -0.13 -7.29 -38.22
N HIS C 23 -1.04 -6.66 -38.96
CA HIS C 23 -2.29 -7.35 -39.24
C HIS C 23 -2.64 -7.24 -40.69
N ILE C 24 -3.38 -8.25 -41.16
CA ILE C 24 -3.84 -8.29 -42.53
C ILE C 24 -5.34 -8.21 -42.57
N PHE C 25 -5.85 -7.17 -43.23
CA PHE C 25 -7.28 -7.00 -43.40
C PHE C 25 -7.64 -7.57 -44.75
N PRO C 26 -8.52 -8.58 -44.77
CA PRO C 26 -8.94 -9.17 -46.03
C PRO C 26 -9.89 -8.24 -46.76
N THR C 27 -9.45 -7.03 -47.11
CA THR C 27 -10.29 -6.06 -47.83
C THR C 27 -9.43 -4.95 -48.45
N ASP C 28 -10.08 -4.02 -49.14
CA ASP C 28 -9.38 -2.98 -49.89
C ASP C 28 -9.04 -1.73 -49.10
N PHE C 29 -7.97 -1.06 -49.51
CA PHE C 29 -7.48 0.14 -48.82
C PHE C 29 -8.55 1.18 -48.46
N ALA C 30 -9.49 1.43 -49.37
CA ALA C 30 -10.55 2.41 -49.12
C ALA C 30 -11.37 2.06 -47.90
N SER C 31 -11.73 0.78 -47.78
CA SER C 31 -12.57 0.34 -46.67
C SER C 31 -11.82 0.38 -45.35
N VAL C 32 -10.55 0.00 -45.41
CA VAL C 32 -9.73 -0.02 -44.21
C VAL C 32 -9.56 1.40 -43.74
N SER C 33 -9.06 2.29 -44.61
CA SER C 33 -8.82 3.68 -44.24
C SER C 33 -10.10 4.46 -43.79
N ARG C 34 -11.20 4.35 -44.53
CA ARG C 34 -12.45 4.92 -44.06
C ARG C 34 -12.86 4.38 -42.68
N ALA C 35 -12.66 3.07 -42.50
CA ALA C 35 -12.90 2.46 -41.21
C ALA C 35 -12.02 3.15 -40.18
N PHE C 36 -10.77 3.41 -40.53
CA PHE C 36 -9.88 4.07 -39.62
C PHE C 36 -10.41 5.43 -39.14
N PHE C 37 -10.97 6.24 -40.05
CA PHE C 37 -11.53 7.53 -39.63
C PHE C 37 -12.82 7.39 -38.83
N ASN C 38 -13.45 6.21 -38.88
CA ASN C 38 -14.68 5.96 -38.13
C ASN C 38 -14.63 4.82 -37.13
N ARG C 39 -13.46 4.52 -36.59
CA ARG C 39 -13.32 3.36 -35.72
C ARG C 39 -13.97 3.48 -34.32
N TYR C 40 -14.51 4.65 -33.98
CA TYR C 40 -15.13 4.81 -32.68
C TYR C 40 -16.49 5.44 -32.84
N PRO C 41 -17.47 5.03 -32.02
CA PRO C 41 -17.27 4.03 -30.98
C PRO C 41 -17.24 2.63 -31.56
N ASN C 42 -16.68 1.69 -30.80
CA ASN C 42 -16.84 0.28 -31.13
C ASN C 42 -16.73 -0.51 -29.83
N PRO C 43 -17.43 -1.64 -29.74
CA PRO C 43 -17.56 -2.43 -28.50
C PRO C 43 -16.25 -2.94 -27.91
N TYR C 44 -15.17 -3.01 -28.69
CA TYR C 44 -13.90 -3.47 -28.12
C TYR C 44 -13.08 -2.32 -27.62
N SER C 45 -13.54 -1.08 -27.85
CA SER C 45 -12.88 0.11 -27.30
C SER C 45 -13.83 1.01 -26.52
N PRO C 46 -14.13 0.62 -25.29
CA PRO C 46 -15.06 1.29 -24.39
C PRO C 46 -14.47 2.51 -23.66
N HIS C 47 -13.14 2.62 -23.59
CA HIS C 47 -12.57 3.72 -22.83
C HIS C 47 -12.44 5.00 -23.62
N VAL C 48 -12.80 4.96 -24.89
CA VAL C 48 -12.72 6.17 -25.67
C VAL C 48 -13.94 7.02 -25.36
N LEU C 49 -13.69 8.24 -24.88
CA LEU C 49 -14.73 9.17 -24.47
C LEU C 49 -15.17 10.10 -25.59
N SER C 50 -14.22 10.65 -26.36
CA SER C 50 -14.52 11.52 -27.53
C SER C 50 -13.37 11.59 -28.53
N ILE C 51 -13.68 11.87 -29.79
CA ILE C 51 -12.69 12.15 -30.86
C ILE C 51 -13.06 13.46 -31.58
N ASP C 52 -12.11 14.34 -31.86
CA ASP C 52 -12.41 15.56 -32.61
C ASP C 52 -11.39 15.72 -33.66
N THR C 53 -11.81 16.28 -34.80
CA THR C 53 -10.89 16.55 -35.90
C THR C 53 -10.37 17.96 -35.70
N ILE C 54 -9.07 18.08 -35.45
CA ILE C 54 -8.48 19.37 -35.16
C ILE C 54 -8.21 20.16 -36.43
N SER C 55 -7.66 19.48 -37.43
CA SER C 55 -7.36 20.08 -38.72
C SER C 55 -7.30 19.04 -39.82
N ARG C 56 -7.73 19.41 -41.01
CA ARG C 56 -7.69 18.49 -42.12
C ARG C 56 -7.51 19.30 -43.39
N ASN C 57 -6.53 18.94 -44.21
CA ASN C 57 -6.31 19.60 -45.48
C ASN C 57 -5.66 18.65 -46.48
N VAL C 58 -5.73 18.97 -47.77
CA VAL C 58 -4.98 18.22 -48.77
C VAL C 58 -3.67 18.95 -49.10
N ASP C 59 -2.54 18.26 -49.06
CA ASP C 59 -1.25 18.95 -49.21
C ASP C 59 -0.88 19.20 -50.67
N GLN C 60 0.27 19.85 -50.91
CA GLN C 60 0.73 20.20 -52.27
C GLN C 60 0.82 18.98 -53.21
N GLU C 61 1.28 17.86 -52.65
CA GLU C 61 1.48 16.64 -53.42
C GLU C 61 0.20 15.78 -53.47
N GLY C 62 -0.92 16.35 -53.01
CA GLY C 62 -2.23 15.68 -53.11
C GLY C 62 -2.63 14.62 -52.09
N ASN C 63 -1.88 14.54 -50.99
CA ASN C 63 -2.11 13.59 -49.91
C ASN C 63 -2.96 14.27 -48.84
N LEU C 64 -3.86 13.52 -48.18
CA LEU C 64 -4.71 14.08 -47.14
C LEU C 64 -3.99 14.09 -45.77
N ARG C 65 -3.93 15.25 -45.14
CA ARG C 65 -3.26 15.41 -43.87
C ARG C 65 -4.29 15.74 -42.82
N THR C 66 -4.43 14.87 -41.82
CA THR C 66 -5.39 15.07 -40.75
C THR C 66 -4.75 15.09 -39.37
N THR C 67 -5.22 15.97 -38.49
CA THR C 67 -4.86 15.87 -37.08
C THR C 67 -6.15 15.76 -36.26
N ARG C 68 -6.23 14.76 -35.38
CA ARG C 68 -7.38 14.61 -34.50
C ARG C 68 -6.98 14.52 -33.04
N LEU C 69 -7.96 14.79 -32.18
CA LEU C 69 -7.76 14.80 -30.75
C LEU C 69 -8.72 13.78 -30.16
N LEU C 70 -8.20 12.82 -29.38
CA LEU C 70 -8.97 11.78 -28.68
C LEU C 70 -8.85 11.98 -27.21
N LYS C 71 -9.87 11.60 -26.44
CA LYS C 71 -9.77 11.57 -24.98
C LYS C 71 -10.15 10.17 -24.48
N LYS C 72 -9.33 9.58 -23.62
CA LYS C 72 -9.61 8.26 -23.09
C LYS C 72 -9.72 8.33 -21.59
N SER C 73 -10.49 7.42 -21.00
CA SER C 73 -10.46 7.30 -19.56
C SER C 73 -9.64 6.05 -19.34
N GLY C 74 -9.06 5.89 -18.16
CA GLY C 74 -8.31 4.67 -17.91
C GLY C 74 -7.65 4.67 -16.57
N LYS C 75 -7.06 3.55 -16.19
CA LYS C 75 -6.35 3.43 -14.93
C LYS C 75 -4.86 3.58 -15.17
N LEU C 76 -4.21 4.37 -14.34
CA LEU C 76 -2.75 4.46 -14.39
C LEU C 76 -2.19 3.13 -13.88
N PRO C 77 -1.03 2.73 -14.40
CA PRO C 77 -0.43 1.43 -14.05
C PRO C 77 -0.04 1.33 -12.59
N THR C 78 -0.11 0.13 -12.02
CA THR C 78 0.21 -0.06 -10.61
C THR C 78 1.64 0.34 -10.25
N TRP C 79 2.55 0.29 -11.23
CA TRP C 79 3.95 0.55 -10.96
C TRP C 79 4.29 2.02 -10.79
N VAL C 80 3.33 2.92 -10.97
CA VAL C 80 3.60 4.34 -10.73
C VAL C 80 3.51 4.58 -9.23
N LYS C 81 4.02 5.74 -8.78
CA LYS C 81 3.93 6.14 -7.37
C LYS C 81 2.48 6.07 -6.91
N PRO C 82 2.24 5.41 -5.74
CA PRO C 82 0.90 5.12 -5.22
C PRO C 82 0.06 6.37 -4.95
N PHE C 83 0.68 7.54 -5.06
CA PHE C 83 0.01 8.83 -4.91
C PHE C 83 -0.66 9.20 -6.24
N LEU C 84 -0.13 8.63 -7.31
CA LEU C 84 -0.67 8.83 -8.66
C LEU C 84 -1.58 7.69 -9.12
N ARG C 85 -1.59 6.58 -8.39
CA ARG C 85 -2.42 5.43 -8.81
C ARG C 85 -3.90 5.83 -8.81
N GLY C 86 -4.70 5.17 -9.63
CA GLY C 86 -6.08 5.59 -9.76
C GLY C 86 -6.49 5.72 -11.21
N ILE C 87 -7.63 6.36 -11.44
CA ILE C 87 -8.18 6.49 -12.77
C ILE C 87 -8.08 7.93 -13.17
N THR C 88 -7.76 8.16 -14.43
CA THR C 88 -7.69 9.51 -14.95
C THR C 88 -8.16 9.55 -16.37
N GLU C 89 -7.91 10.68 -17.04
CA GLU C 89 -8.17 10.85 -18.46
C GLU C 89 -6.93 11.29 -19.21
N THR C 90 -6.76 10.78 -20.43
CA THR C 90 -5.59 11.10 -21.25
C THR C 90 -6.04 11.75 -22.54
N TRP C 91 -5.36 12.82 -22.94
CA TRP C 91 -5.56 13.35 -24.28
C TRP C 91 -4.58 12.68 -25.22
N ILE C 92 -5.06 12.35 -26.42
CA ILE C 92 -4.22 11.69 -27.38
C ILE C 92 -4.29 12.44 -28.72
N ILE C 93 -3.12 12.68 -29.34
CA ILE C 93 -3.13 13.31 -30.64
C ILE C 93 -2.92 12.21 -31.65
N GLU C 94 -3.63 12.34 -32.78
CA GLU C 94 -3.57 11.37 -33.83
C GLU C 94 -3.30 12.09 -35.17
N VAL C 95 -2.18 11.76 -35.82
CA VAL C 95 -1.76 12.47 -37.03
C VAL C 95 -1.64 11.51 -38.21
N SER C 96 -2.29 11.81 -39.33
CA SER C 96 -2.29 10.85 -40.41
C SER C 96 -2.11 11.49 -41.79
N VAL C 97 -1.54 10.70 -42.70
CA VAL C 97 -1.40 11.05 -44.10
C VAL C 97 -2.00 9.94 -44.95
N VAL C 98 -2.88 10.26 -45.89
CA VAL C 98 -3.40 9.25 -46.84
C VAL C 98 -2.94 9.59 -48.25
N ASN C 99 -2.44 8.60 -48.95
CA ASN C 99 -1.99 8.77 -50.31
C ASN C 99 -2.90 8.00 -51.24
N PRO C 100 -3.81 8.71 -51.93
CA PRO C 100 -4.83 8.05 -52.73
C PRO C 100 -4.25 7.39 -53.96
N ALA C 101 -3.15 7.92 -54.51
CA ALA C 101 -2.46 7.32 -55.65
C ALA C 101 -1.88 5.94 -55.34
N ASN C 102 -0.91 5.90 -54.42
CA ASN C 102 -0.23 4.66 -54.06
C ASN C 102 -1.07 3.74 -53.19
N SER C 103 -2.26 4.20 -52.81
CA SER C 103 -3.08 3.52 -51.81
C SER C 103 -2.32 3.25 -50.52
N THR C 104 -1.77 4.28 -49.90
CA THR C 104 -1.03 4.03 -48.66
C THR C 104 -1.41 5.01 -47.55
N LYS C 106 -0.24 6.58 -43.47
CA LYS C 106 0.62 6.60 -42.29
C LYS C 106 -0.15 7.25 -41.16
N THR C 107 -0.05 6.68 -39.97
CA THR C 107 -0.70 7.25 -38.80
C THR C 107 0.31 7.29 -37.68
N TYR C 108 0.13 8.25 -36.79
CA TYR C 108 0.99 8.46 -35.62
C TYR C 108 0.16 8.92 -34.41
N THR C 109 0.27 8.22 -33.28
CA THR C 109 -0.48 8.66 -32.10
C THR C 109 0.47 8.82 -30.93
N ARG C 110 0.10 9.74 -30.03
CA ARG C 110 0.80 9.83 -28.75
C ARG C 110 -0.01 10.58 -27.69
N ASN C 111 0.29 10.28 -26.43
CA ASN C 111 -0.43 10.93 -25.39
C ASN C 111 0.08 12.34 -25.31
N LEU C 112 -0.82 13.32 -25.14
CA LEU C 112 -0.47 14.73 -24.99
C LEU C 112 -0.16 15.07 -23.55
N ASP C 113 -0.85 14.42 -22.60
CA ASP C 113 -0.65 14.66 -21.17
C ASP C 113 -0.20 13.41 -20.43
N HIS C 114 0.11 13.57 -19.15
CA HIS C 114 0.70 12.51 -18.31
C HIS C 114 2.06 12.05 -18.81
N THR C 115 2.76 12.94 -19.50
CA THR C 115 4.06 12.65 -20.10
C THR C 115 5.17 12.59 -19.05
N GLY C 116 4.89 13.08 -17.84
CA GLY C 116 5.83 12.96 -16.74
C GLY C 116 5.99 11.50 -16.39
N ILE C 117 4.87 10.79 -16.37
CA ILE C 117 4.83 9.34 -16.11
C ILE C 117 5.34 8.49 -17.28
N LYS C 119 5.53 8.22 -21.99
CA LYS C 119 5.19 8.61 -23.35
C LYS C 119 5.01 7.33 -24.13
N VAL C 120 3.89 7.20 -24.83
CA VAL C 120 3.65 6.03 -25.67
C VAL C 120 3.39 6.49 -27.08
N GLU C 121 4.26 6.10 -28.02
CA GLU C 121 4.15 6.52 -29.41
C GLU C 121 3.79 5.35 -30.30
N GLU C 122 2.90 5.57 -31.27
CA GLU C 122 2.69 4.49 -32.23
C GLU C 122 2.67 4.97 -33.68
N TYR C 123 3.60 4.42 -34.50
CA TYR C 123 3.59 4.65 -35.97
C TYR C 123 2.98 3.46 -36.65
N THR C 124 2.06 3.71 -37.58
CA THR C 124 1.43 2.61 -38.28
C THR C 124 1.32 2.91 -39.76
N THR C 125 1.72 1.97 -40.61
CA THR C 125 1.60 2.15 -42.05
C THR C 125 0.58 1.16 -42.60
N TYR C 126 -0.42 1.64 -43.32
CA TYR C 126 -1.38 0.77 -43.99
C TYR C 126 -1.00 0.72 -45.45
N GLN C 127 -1.01 -0.47 -46.04
CA GLN C 127 -0.60 -0.64 -47.43
C GLN C 127 -1.42 -1.66 -48.19
N PHE C 128 -1.75 -1.38 -49.44
CA PHE C 128 -2.49 -2.39 -50.22
C PHE C 128 -1.54 -3.34 -50.90
N ASP C 129 -1.88 -4.62 -50.86
CA ASP C 129 -1.09 -5.67 -51.51
C ASP C 129 -2.02 -6.45 -52.42
N SER C 130 -1.89 -6.19 -53.72
CA SER C 130 -2.77 -6.75 -54.76
C SER C 130 -2.56 -8.25 -54.91
N ALA C 131 -1.36 -8.72 -54.60
CA ALA C 131 -1.07 -10.16 -54.61
C ALA C 131 -2.05 -10.93 -53.71
N THR C 132 -2.17 -10.52 -52.45
CA THR C 132 -3.08 -11.18 -51.52
C THR C 132 -4.48 -10.59 -51.58
N SER C 133 -4.63 -9.50 -52.33
CA SER C 133 -5.88 -8.71 -52.34
C SER C 133 -6.26 -8.30 -50.92
N SER C 134 -5.28 -7.74 -50.19
CA SER C 134 -5.46 -7.49 -48.77
C SER C 134 -4.73 -6.21 -48.34
N THR C 135 -5.17 -5.60 -47.24
CA THR C 135 -4.45 -4.44 -46.71
C THR C 135 -3.58 -4.82 -45.50
N ILE C 136 -2.29 -4.55 -45.57
CA ILE C 136 -1.35 -4.88 -44.51
C ILE C 136 -1.04 -3.68 -43.63
N ALA C 137 -1.28 -3.80 -42.33
CA ALA C 137 -1.06 -2.73 -41.37
C ALA C 137 0.11 -3.07 -40.46
N ASP C 138 1.15 -2.24 -40.47
CA ASP C 138 2.34 -2.46 -39.65
C ASP C 138 2.39 -1.46 -38.53
N SER C 139 2.43 -1.94 -37.29
CA SER C 139 2.49 -1.05 -36.14
C SER C 139 3.81 -1.16 -35.37
N ARG C 140 4.38 -0.01 -35.04
CA ARG C 140 5.57 0.03 -34.22
C ARG C 140 5.39 1.04 -33.07
N VAL C 141 5.48 0.51 -31.85
CA VAL C 141 5.20 1.26 -30.63
C VAL C 141 6.43 1.40 -29.78
N LYS C 142 6.66 2.63 -29.30
CA LYS C 142 7.73 2.90 -28.35
C LYS C 142 7.17 3.39 -27.00
N PHE C 143 7.49 2.68 -25.93
CA PHE C 143 7.18 3.12 -24.57
C PHE C 143 8.40 3.73 -23.96
N SER C 144 8.27 4.87 -23.32
CA SER C 144 9.38 5.45 -22.55
C SER C 144 8.87 6.02 -21.21
N SER C 145 9.66 5.89 -20.14
CA SER C 145 9.17 6.26 -18.82
C SER C 145 9.97 7.30 -18.04
N GLY C 146 10.92 6.83 -17.25
CA GLY C 146 11.70 7.69 -16.38
C GLY C 146 11.21 7.63 -14.93
N PHE C 147 10.18 6.83 -14.71
CA PHE C 147 9.66 6.54 -13.37
C PHE C 147 10.77 6.12 -12.42
N ASN C 148 11.68 5.32 -12.96
CA ASN C 148 12.81 4.74 -12.23
C ASN C 148 13.58 5.74 -11.37
N MET C 149 13.89 6.91 -11.92
CA MET C 149 14.68 7.93 -11.21
C MET C 149 14.01 8.35 -9.90
N GLY C 150 12.69 8.26 -9.83
CA GLY C 150 12.01 8.58 -8.60
C GLY C 150 12.32 7.54 -7.53
N ILE C 151 12.15 6.26 -7.88
CA ILE C 151 12.38 5.17 -6.92
C ILE C 151 13.80 5.22 -6.36
N LYS C 152 14.76 5.26 -7.28
CA LYS C 152 16.17 5.30 -6.91
C LYS C 152 16.39 6.42 -5.92
N SER C 153 15.75 7.58 -6.14
CA SER C 153 15.97 8.70 -5.24
C SER C 153 15.63 8.32 -3.80
N LYS C 154 14.47 7.70 -3.58
CA LYS C 154 14.10 7.26 -2.24
C LYS C 154 15.14 6.34 -1.62
N VAL C 155 15.62 5.37 -2.42
CA VAL C 155 16.59 4.43 -1.89
C VAL C 155 17.84 5.16 -1.42
N GLU C 156 18.28 6.13 -2.24
CA GLU C 156 19.47 6.89 -1.90
C GLU C 156 19.31 7.48 -0.53
N ASP C 157 18.17 8.15 -0.33
CA ASP C 157 17.90 8.84 0.91
C ASP C 157 17.89 7.85 2.06
N TRP C 158 17.26 6.69 1.82
CA TRP C 158 17.22 5.69 2.85
C TRP C 158 18.64 5.39 3.29
N SER C 159 19.49 5.07 2.29
CA SER C 159 20.85 4.65 2.58
C SER C 159 21.62 5.74 3.32
N ARG C 160 21.46 6.98 2.85
CA ARG C 160 22.17 8.07 3.47
C ARG C 160 21.84 8.06 4.96
N THR C 161 20.55 8.05 5.27
CA THR C 161 20.11 8.14 6.64
C THR C 161 20.60 6.96 7.48
N LYS C 162 20.44 5.76 6.94
CA LYS C 162 20.88 4.58 7.70
C LYS C 162 22.37 4.73 8.01
N PHE C 163 23.12 5.16 7.00
CA PHE C 163 24.53 5.34 7.22
C PHE C 163 24.81 6.37 8.31
N ASP C 164 24.14 7.51 8.26
CA ASP C 164 24.42 8.51 9.28
C ASP C 164 24.09 7.91 10.65
N GLU C 165 22.93 7.24 10.76
CA GLU C 165 22.55 6.68 12.04
C GLU C 165 23.67 5.79 12.51
N ASN C 166 24.16 4.93 11.61
CA ASN C 166 25.13 3.95 12.05
C ASN C 166 26.41 4.59 12.55
N VAL C 167 26.80 5.70 11.92
CA VAL C 167 27.98 6.42 12.36
C VAL C 167 27.78 6.89 13.78
N LYS C 168 26.61 7.50 14.04
CA LYS C 168 26.28 7.92 15.41
C LYS C 168 26.41 6.73 16.34
N LYS C 169 25.72 5.65 15.99
CA LYS C 169 25.72 4.48 16.84
C LYS C 169 27.14 4.00 17.12
N SER C 170 28.02 3.99 16.11
CA SER C 170 29.41 3.58 16.35
C SER C 170 30.13 4.51 17.32
N ARG C 171 30.10 5.79 16.98
CA ARG C 171 30.89 6.76 17.71
C ARG C 171 30.51 6.76 19.19
N GLY C 173 28.65 4.34 20.75
CA GLY C 173 28.83 3.01 21.30
C GLY C 173 30.27 2.75 21.67
N ALA C 175 32.66 4.84 22.18
CA ALA C 175 33.16 5.74 23.22
C ALA C 175 32.76 5.15 24.54
N PHE C 176 31.50 4.74 24.59
CA PHE C 176 30.96 4.19 25.80
C PHE C 176 31.83 3.03 26.30
N VAL C 177 32.08 2.08 25.42
CA VAL C 177 32.79 0.89 25.83
C VAL C 177 34.21 1.25 26.25
N ILE C 178 34.83 2.17 25.50
CA ILE C 178 36.21 2.56 25.83
C ILE C 178 36.20 3.16 27.23
N GLN C 179 35.22 4.02 27.50
CA GLN C 179 35.09 4.60 28.82
C GLN C 179 34.95 3.49 29.84
N LYS C 180 34.00 2.58 29.63
CA LYS C 180 33.78 1.54 30.64
C LYS C 180 35.03 0.71 30.90
N LEU C 181 35.92 0.64 29.92
CA LEU C 181 37.14 -0.15 30.07
C LEU C 181 38.24 0.60 30.82
N GLU C 182 38.27 1.93 30.68
CA GLU C 182 39.34 2.70 31.30
C GLU C 182 39.12 2.88 32.79
N GLU C 183 37.87 2.81 33.22
CA GLU C 183 37.56 2.63 34.63
C GLU C 183 37.85 1.17 35.01
N ALA C 184 39.15 0.87 35.15
CA ALA C 184 39.65 -0.47 35.52
C ALA C 184 41.16 -0.39 35.75
N ILE D 4 -25.23 5.67 -31.74
CA ILE D 4 -24.11 4.92 -32.32
C ILE D 4 -23.08 5.86 -32.95
N MET D 5 -23.10 7.13 -32.54
CA MET D 5 -22.23 8.19 -33.11
C MET D 5 -21.25 8.81 -32.09
N SER D 6 -19.98 8.95 -32.47
CA SER D 6 -18.96 9.41 -31.52
C SER D 6 -19.17 10.86 -31.07
N ALA D 7 -18.75 11.15 -29.85
CA ALA D 7 -18.96 12.45 -29.23
C ALA D 7 -17.76 13.38 -29.40
N SER D 8 -18.03 14.70 -29.38
CA SER D 8 -16.94 15.65 -29.32
C SER D 8 -16.61 15.76 -27.87
N PHE D 9 -15.42 16.25 -27.53
CA PHE D 9 -15.05 16.48 -26.13
C PHE D 9 -15.89 17.59 -25.56
N ALA D 10 -16.51 18.35 -26.46
CA ALA D 10 -17.43 19.42 -26.10
C ALA D 10 -18.79 19.03 -26.67
N PRO D 11 -19.73 18.68 -25.79
CA PRO D 11 -21.07 18.19 -26.08
C PRO D 11 -21.82 19.08 -27.08
N GLU D 12 -21.68 20.40 -26.90
CA GLU D 12 -22.24 21.41 -27.80
C GLU D 12 -21.84 21.25 -29.27
N CYS D 13 -20.68 20.65 -29.51
CA CYS D 13 -20.20 20.50 -30.87
C CYS D 13 -20.63 19.20 -31.51
N THR D 14 -21.09 18.22 -30.73
CA THR D 14 -21.29 16.88 -31.28
C THR D 14 -22.14 16.80 -32.55
N ASP D 15 -23.30 17.44 -32.50
CA ASP D 15 -24.21 17.41 -33.64
C ASP D 15 -23.48 17.98 -34.84
N LEU D 16 -22.85 19.13 -34.62
CA LEU D 16 -22.06 19.76 -35.66
C LEU D 16 -21.03 18.81 -36.22
N LYS D 17 -20.24 18.20 -35.33
CA LYS D 17 -19.22 17.25 -35.73
C LYS D 17 -19.81 16.18 -36.60
N THR D 18 -20.98 15.68 -36.21
CA THR D 18 -21.63 14.60 -36.94
C THR D 18 -21.92 14.99 -38.36
N LYS D 19 -22.54 16.16 -38.54
CA LYS D 19 -22.82 16.66 -39.87
C LYS D 19 -21.52 16.65 -40.67
N TYR D 20 -20.49 17.26 -40.08
CA TYR D 20 -19.24 17.39 -40.76
C TYR D 20 -18.72 16.00 -41.14
N ASP D 21 -18.72 15.09 -40.17
CA ASP D 21 -18.13 13.78 -40.41
C ASP D 21 -18.86 13.07 -41.53
N SER D 22 -20.20 13.16 -41.51
CA SER D 22 -20.99 12.53 -42.55
C SER D 22 -20.50 13.06 -43.89
N CYS D 23 -20.46 14.37 -44.02
CA CYS D 23 -20.01 14.98 -45.25
C CYS D 23 -18.61 14.50 -45.67
N PHE D 24 -17.68 14.52 -44.71
CA PHE D 24 -16.32 14.16 -45.06
C PHE D 24 -16.33 12.77 -45.61
N ASN D 25 -17.11 11.90 -44.97
CA ASN D 25 -17.07 10.49 -45.35
C ASN D 25 -17.45 10.32 -46.80
N GLU D 26 -18.54 10.98 -47.19
CA GLU D 26 -19.00 10.81 -48.56
C GLU D 26 -17.94 11.29 -49.52
N TRP D 27 -17.32 12.41 -49.17
CA TRP D 27 -16.32 12.99 -50.03
C TRP D 27 -15.08 12.09 -50.08
N TYR D 28 -14.78 11.44 -48.95
CA TYR D 28 -13.54 10.66 -48.84
C TYR D 28 -13.58 9.42 -49.74
N SER D 29 -14.69 8.69 -49.64
CA SER D 29 -14.89 7.43 -50.32
C SER D 29 -15.17 7.61 -51.80
N GLU D 30 -15.98 8.60 -52.12
CA GLU D 30 -16.50 8.76 -53.47
C GLU D 30 -15.72 9.70 -54.38
N LYS D 31 -15.11 10.72 -53.80
CA LYS D 31 -14.35 11.70 -54.59
C LYS D 31 -12.84 11.58 -54.39
N PHE D 32 -12.36 11.72 -53.15
CA PHE D 32 -10.92 11.76 -52.89
C PHE D 32 -10.19 10.46 -53.24
N LEU D 33 -10.69 9.32 -52.76
CA LEU D 33 -9.99 8.05 -53.00
C LEU D 33 -10.04 7.62 -54.45
N LYS D 34 -11.01 8.14 -55.19
CA LYS D 34 -11.17 7.80 -56.61
C LYS D 34 -10.50 8.80 -57.57
N GLY D 35 -9.71 9.73 -57.01
CA GLY D 35 -8.99 10.71 -57.78
C GLY D 35 -9.83 11.81 -58.40
N LYS D 36 -11.09 11.92 -57.97
CA LYS D 36 -12.02 12.90 -58.54
C LYS D 36 -11.96 14.26 -57.90
N SER D 37 -11.06 14.46 -56.93
CA SER D 37 -11.05 15.71 -56.18
C SER D 37 -9.83 15.88 -55.25
N VAL D 38 -9.34 17.12 -55.10
CA VAL D 38 -8.34 17.42 -54.07
C VAL D 38 -8.62 18.75 -53.32
N GLU D 39 -9.89 19.16 -53.25
CA GLU D 39 -10.26 20.39 -52.56
C GLU D 39 -11.25 20.09 -51.45
N ASN D 40 -11.62 21.12 -50.68
CA ASN D 40 -12.53 20.93 -49.56
C ASN D 40 -13.97 21.25 -49.96
N GLU D 41 -14.71 20.20 -50.31
CA GLU D 41 -16.13 20.33 -50.64
C GLU D 41 -17.06 20.24 -49.40
N CYS D 42 -16.49 20.40 -48.20
CA CYS D 42 -17.22 20.32 -46.92
C CYS D 42 -17.03 21.57 -46.08
N SER D 43 -16.72 22.68 -46.73
CA SER D 43 -16.29 23.87 -46.01
C SER D 43 -17.32 24.42 -45.04
N LYS D 44 -18.60 24.31 -45.37
CA LYS D 44 -19.66 24.81 -44.50
C LYS D 44 -19.70 24.10 -43.15
N GLN D 45 -19.88 22.78 -43.22
CA GLN D 45 -19.94 21.96 -42.02
C GLN D 45 -18.65 22.10 -41.24
N TRP D 46 -17.53 22.07 -41.98
CA TRP D 46 -16.23 22.21 -41.37
C TRP D 46 -16.18 23.52 -40.61
N TYR D 47 -16.78 24.56 -41.19
CA TYR D 47 -16.81 25.87 -40.57
C TYR D 47 -17.57 25.90 -39.22
N ALA D 48 -18.80 25.38 -39.24
CA ALA D 48 -19.60 25.39 -38.03
C ALA D 48 -18.89 24.63 -36.92
N TYR D 49 -18.52 23.39 -37.26
CA TYR D 49 -17.89 22.49 -36.33
C TYR D 49 -16.59 23.05 -35.77
N THR D 50 -15.72 23.60 -36.63
CA THR D 50 -14.43 24.04 -36.10
C THR D 50 -14.54 25.35 -35.31
N THR D 51 -15.52 26.17 -35.65
CA THR D 51 -15.69 27.39 -34.88
C THR D 51 -16.09 27.00 -33.45
N CYS D 52 -17.12 26.14 -33.36
CA CYS D 52 -17.54 25.62 -32.07
C CYS D 52 -16.37 24.93 -31.30
N VAL D 53 -15.66 24.03 -31.97
CA VAL D 53 -14.56 23.32 -31.29
C VAL D 53 -13.53 24.29 -30.73
N ASN D 54 -13.03 25.22 -31.55
CA ASN D 54 -11.97 26.10 -31.06
C ASN D 54 -12.45 27.01 -29.95
N ALA D 55 -13.72 27.40 -30.04
CA ALA D 55 -14.37 28.09 -28.92
C ALA D 55 -14.20 27.26 -27.62
N ALA D 56 -14.55 25.97 -27.67
CA ALA D 56 -14.44 25.13 -26.50
C ALA D 56 -13.01 24.93 -26.06
N LEU D 57 -12.13 24.86 -27.04
CA LEU D 57 -10.74 24.53 -26.77
C LEU D 57 -10.06 25.65 -26.01
N VAL D 58 -10.48 26.90 -26.25
CA VAL D 58 -9.88 28.03 -25.52
C VAL D 58 -9.90 27.87 -24.00
N LYS D 59 -11.05 27.43 -23.49
CA LYS D 59 -11.21 27.17 -22.06
C LYS D 59 -10.36 26.00 -21.54
N GLN D 60 -10.01 25.05 -22.41
CA GLN D 60 -9.33 23.79 -22.03
C GLN D 60 -7.87 23.91 -21.64
N GLY D 61 -7.44 23.10 -20.67
CA GLY D 61 -6.07 23.17 -20.24
C GLY D 61 -5.12 22.43 -21.15
N ILE D 62 -5.63 21.93 -22.29
CA ILE D 62 -4.78 21.14 -23.16
C ILE D 62 -4.38 21.97 -24.37
N LYS D 63 -5.00 23.14 -24.56
CA LYS D 63 -4.71 23.95 -25.75
C LYS D 63 -3.21 24.23 -25.98
N PRO D 64 -2.44 24.59 -24.93
CA PRO D 64 -0.98 24.71 -25.09
C PRO D 64 -0.28 23.44 -25.56
N ALA D 65 -0.44 22.31 -24.86
CA ALA D 65 0.22 21.06 -25.25
C ALA D 65 -0.13 20.64 -26.67
N LEU D 66 -1.39 20.83 -27.03
CA LEU D 66 -1.88 20.53 -28.36
C LEU D 66 -1.24 21.45 -29.40
N ASP D 67 -1.21 22.76 -29.13
CA ASP D 67 -0.61 23.71 -30.07
C ASP D 67 0.85 23.39 -30.26
N GLU D 68 1.52 23.12 -29.15
CA GLU D 68 2.91 22.74 -29.16
C GLU D 68 3.11 21.47 -29.99
N ALA D 69 2.22 20.50 -29.85
CA ALA D 69 2.36 19.26 -30.62
C ALA D 69 2.02 19.44 -32.08
N ARG D 70 1.30 20.49 -32.42
CA ARG D 70 0.94 20.73 -33.81
C ARG D 70 2.05 21.40 -34.61
N GLU D 71 3.04 21.94 -33.91
CA GLU D 71 4.17 22.54 -34.59
C GLU D 71 5.17 21.46 -35.01
N GLU D 72 5.00 20.28 -34.43
CA GLU D 72 5.86 19.12 -34.72
C GLU D 72 5.37 18.42 -35.98
N ALA D 73 6.28 17.75 -36.68
CA ALA D 73 5.88 16.99 -37.85
C ALA D 73 6.48 15.61 -37.70
N PRO D 74 5.69 14.67 -37.17
CA PRO D 74 6.23 13.36 -36.83
C PRO D 74 6.57 12.52 -38.06
N PHE D 75 6.11 12.91 -39.25
CA PHE D 75 6.44 12.15 -40.45
C PHE D 75 7.60 12.75 -41.27
N GLU D 76 8.26 13.79 -40.75
CA GLU D 76 9.35 14.45 -41.47
C GLU D 76 10.69 13.88 -40.99
N ASN D 77 11.45 13.30 -41.94
CA ASN D 77 12.69 12.54 -41.69
C ASN D 77 12.54 11.48 -40.58
N MET E 15 -7.01 -22.92 1.76
CA MET E 15 -8.37 -22.43 1.92
C MET E 15 -9.20 -22.73 0.67
N VAL E 16 -10.42 -23.24 0.86
CA VAL E 16 -11.28 -23.58 -0.25
C VAL E 16 -12.70 -23.04 -0.12
N LEU E 17 -13.15 -22.34 -1.16
CA LEU E 17 -14.50 -21.76 -1.25
C LEU E 17 -15.25 -22.34 -2.45
N LEU E 18 -16.56 -22.52 -2.31
CA LEU E 18 -17.35 -23.15 -3.37
C LEU E 18 -18.55 -22.34 -3.76
N HIS E 19 -18.80 -22.21 -5.06
CA HIS E 19 -20.00 -21.53 -5.57
C HIS E 19 -20.71 -22.38 -6.59
N LYS E 20 -22.03 -22.18 -6.69
CA LYS E 20 -22.86 -22.90 -7.65
C LYS E 20 -23.86 -22.01 -8.37
N SER E 21 -24.30 -22.43 -9.55
CA SER E 21 -25.20 -21.64 -10.36
C SER E 21 -25.97 -22.55 -11.30
N THR E 22 -27.15 -22.14 -11.75
CA THR E 22 -27.89 -22.93 -12.71
C THR E 22 -28.43 -21.96 -13.74
N HIS E 23 -28.41 -22.36 -15.00
CA HIS E 23 -29.14 -21.61 -15.99
C HIS E 23 -29.80 -22.56 -16.97
N ILE E 24 -30.93 -22.12 -17.54
CA ILE E 24 -31.66 -22.92 -18.50
C ILE E 24 -31.65 -22.18 -19.83
N PHE E 25 -31.09 -22.84 -20.84
CA PHE E 25 -31.07 -22.30 -22.19
C PHE E 25 -32.28 -22.81 -22.93
N PRO E 26 -33.11 -21.88 -23.40
CA PRO E 26 -34.34 -22.13 -24.17
C PRO E 26 -34.02 -22.54 -25.61
N THR E 27 -33.23 -23.59 -25.77
CA THR E 27 -32.84 -24.06 -27.11
C THR E 27 -32.30 -25.50 -27.02
N ASP E 28 -31.95 -26.08 -28.16
CA ASP E 28 -31.57 -27.49 -28.22
C ASP E 28 -30.07 -27.70 -27.93
N PHE E 29 -29.74 -28.87 -27.38
CA PHE E 29 -28.37 -29.23 -26.96
C PHE E 29 -27.28 -28.97 -27.99
N ALA E 30 -27.59 -29.26 -29.25
CA ALA E 30 -26.65 -29.04 -30.35
C ALA E 30 -26.23 -27.56 -30.47
N SER E 31 -27.20 -26.64 -30.42
CA SER E 31 -26.90 -25.22 -30.56
C SER E 31 -26.11 -24.70 -29.37
N VAL E 32 -26.44 -25.20 -28.19
CA VAL E 32 -25.74 -24.78 -26.99
C VAL E 32 -24.27 -25.21 -27.01
N SER E 33 -24.04 -26.52 -27.14
CA SER E 33 -22.68 -27.07 -27.16
C SER E 33 -21.85 -26.44 -28.29
N ARG E 34 -22.48 -26.28 -29.44
CA ARG E 34 -21.81 -25.57 -30.51
C ARG E 34 -21.44 -24.14 -30.09
N ALA E 35 -22.33 -23.49 -29.36
CA ALA E 35 -22.04 -22.14 -28.88
C ALA E 35 -20.81 -22.12 -27.99
N PHE E 36 -20.74 -23.10 -27.10
CA PHE E 36 -19.61 -23.24 -26.17
C PHE E 36 -18.29 -23.34 -26.89
N PHE E 37 -18.24 -24.15 -27.94
CA PHE E 37 -16.96 -24.25 -28.65
C PHE E 37 -16.60 -22.92 -29.32
N ASN E 38 -17.60 -22.08 -29.58
CA ASN E 38 -17.34 -20.83 -30.29
C ASN E 38 -17.64 -19.56 -29.51
N ARG E 39 -17.63 -19.66 -28.19
CA ARG E 39 -18.05 -18.58 -27.33
C ARG E 39 -17.11 -17.39 -27.29
N TYR E 40 -15.94 -17.50 -27.92
CA TYR E 40 -15.08 -16.33 -27.95
C TYR E 40 -14.79 -16.06 -29.39
N PRO E 41 -14.79 -14.77 -29.75
CA PRO E 41 -15.05 -13.67 -28.81
C PRO E 41 -16.56 -13.45 -28.54
N ASN E 42 -16.85 -12.74 -27.45
CA ASN E 42 -18.17 -12.14 -27.26
C ASN E 42 -18.02 -10.93 -26.34
N PRO E 43 -18.86 -9.88 -26.55
CA PRO E 43 -18.79 -8.56 -25.88
C PRO E 43 -18.88 -8.61 -24.35
N TYR E 44 -19.35 -9.72 -23.82
CA TYR E 44 -19.40 -9.85 -22.37
C TYR E 44 -18.11 -10.45 -21.83
N SER E 45 -17.21 -10.86 -22.73
CA SER E 45 -15.96 -11.48 -22.33
C SER E 45 -14.78 -10.79 -23.00
N PRO E 46 -14.44 -9.58 -22.52
CA PRO E 46 -13.45 -8.72 -23.16
C PRO E 46 -11.97 -9.02 -22.86
N HIS E 47 -11.69 -9.71 -21.77
CA HIS E 47 -10.31 -9.95 -21.34
C HIS E 47 -9.69 -11.20 -21.98
N VAL E 48 -10.44 -11.91 -22.82
CA VAL E 48 -9.95 -13.11 -23.50
C VAL E 48 -9.05 -12.79 -24.70
N LEU E 49 -7.82 -13.30 -24.65
CA LEU E 49 -6.82 -13.05 -25.69
C LEU E 49 -6.76 -14.15 -26.78
N SER E 50 -6.76 -15.43 -26.40
CA SER E 50 -6.72 -16.51 -27.39
C SER E 50 -7.32 -17.85 -26.92
N ILE E 51 -7.78 -18.66 -27.88
CA ILE E 51 -8.15 -20.04 -27.56
C ILE E 51 -7.43 -20.94 -28.52
N ASP E 52 -6.87 -22.04 -28.03
CA ASP E 52 -6.22 -22.99 -28.91
C ASP E 52 -6.62 -24.41 -28.62
N THR E 53 -6.82 -25.17 -29.67
CA THR E 53 -7.21 -26.55 -29.49
C THR E 53 -5.96 -27.42 -29.44
N ILE E 54 -5.77 -28.02 -28.27
CA ILE E 54 -4.61 -28.84 -28.02
C ILE E 54 -4.81 -30.27 -28.54
N SER E 55 -5.98 -30.84 -28.31
CA SER E 55 -6.21 -32.20 -28.80
C SER E 55 -7.70 -32.49 -28.90
N ARG E 56 -8.09 -33.29 -29.87
CA ARG E 56 -9.50 -33.66 -30.00
C ARG E 56 -9.76 -35.03 -30.64
N ASN E 57 -10.50 -35.89 -29.95
CA ASN E 57 -10.97 -37.09 -30.60
C ASN E 57 -12.20 -37.71 -29.97
N VAL E 58 -12.83 -38.65 -30.67
CA VAL E 58 -13.93 -39.43 -30.11
C VAL E 58 -13.41 -40.74 -29.49
N ASP E 59 -13.75 -41.01 -28.24
CA ASP E 59 -13.18 -42.17 -27.55
C ASP E 59 -13.91 -43.51 -27.88
N GLN E 60 -13.46 -44.60 -27.26
CA GLN E 60 -14.02 -45.93 -27.51
C GLN E 60 -15.53 -45.95 -27.35
N GLU E 61 -16.02 -45.20 -26.36
CA GLU E 61 -17.44 -45.20 -26.04
C GLU E 61 -18.24 -44.21 -26.91
N GLY E 62 -17.60 -43.62 -27.92
CA GLY E 62 -18.26 -42.71 -28.84
C GLY E 62 -18.37 -41.23 -28.44
N ASN E 63 -17.64 -40.80 -27.40
CA ASN E 63 -17.67 -39.41 -26.92
C ASN E 63 -16.59 -38.49 -27.46
N LEU E 64 -16.95 -37.23 -27.73
CA LEU E 64 -15.95 -36.27 -28.19
C LEU E 64 -15.21 -35.63 -27.01
N ARG E 65 -13.89 -35.79 -27.01
CA ARG E 65 -13.01 -35.31 -25.96
C ARG E 65 -12.08 -34.23 -26.52
N THR E 66 -12.20 -33.03 -25.97
CA THR E 66 -11.39 -31.90 -26.40
C THR E 66 -10.61 -31.30 -25.24
N THR E 67 -9.38 -30.90 -25.51
CA THR E 67 -8.63 -30.09 -24.57
C THR E 67 -8.19 -28.86 -25.32
N ARG E 68 -8.49 -27.70 -24.72
CA ARG E 68 -8.14 -26.41 -25.28
C ARG E 68 -7.35 -25.57 -24.29
N LEU E 69 -6.66 -24.57 -24.84
CA LEU E 69 -5.82 -23.65 -24.10
C LEU E 69 -6.27 -22.22 -24.36
N LEU E 70 -6.55 -21.49 -23.29
CA LEU E 70 -6.94 -20.08 -23.39
C LEU E 70 -5.85 -19.21 -22.79
N LYS E 71 -5.68 -18.00 -23.31
CA LYS E 71 -4.87 -17.01 -22.61
C LYS E 71 -5.79 -15.81 -22.34
N LYS E 72 -5.83 -15.35 -21.09
CA LYS E 72 -6.67 -14.21 -20.68
C LYS E 72 -5.78 -13.09 -20.15
N SER E 73 -6.25 -11.85 -20.23
CA SER E 73 -5.60 -10.76 -19.49
C SER E 73 -6.47 -10.39 -18.27
N GLY E 74 -5.85 -9.85 -17.23
CA GLY E 74 -6.62 -9.49 -16.06
C GLY E 74 -5.82 -8.94 -14.89
N LYS E 75 -6.50 -8.47 -13.87
CA LYS E 75 -5.82 -7.97 -12.68
C LYS E 75 -5.75 -9.05 -11.61
N LEU E 76 -4.58 -9.19 -11.01
CA LEU E 76 -4.46 -10.05 -9.84
C LEU E 76 -5.18 -9.36 -8.67
N PRO E 77 -5.76 -10.15 -7.74
CA PRO E 77 -6.61 -9.68 -6.63
C PRO E 77 -5.93 -8.75 -5.63
N THR E 78 -6.71 -7.83 -5.05
CA THR E 78 -6.20 -6.82 -4.12
C THR E 78 -5.53 -7.41 -2.89
N TRP E 79 -6.02 -8.56 -2.47
CA TRP E 79 -5.55 -9.19 -1.23
C TRP E 79 -4.25 -9.97 -1.46
N VAL E 80 -3.78 -10.00 -2.70
CA VAL E 80 -2.51 -10.65 -2.95
C VAL E 80 -1.47 -9.60 -2.59
N LYS E 81 -0.23 -10.04 -2.42
CA LYS E 81 0.87 -9.12 -2.19
C LYS E 81 0.83 -8.04 -3.26
N PRO E 82 0.83 -6.77 -2.83
CA PRO E 82 0.75 -5.60 -3.70
C PRO E 82 1.90 -5.47 -4.71
N PHE E 83 2.86 -6.39 -4.65
CA PHE E 83 3.93 -6.43 -5.66
C PHE E 83 3.50 -7.24 -6.90
N LEU E 84 2.57 -8.17 -6.69
CA LEU E 84 2.06 -9.01 -7.78
C LEU E 84 0.78 -8.38 -8.36
N ARG E 85 0.28 -7.34 -7.72
CA ARG E 85 -0.87 -6.60 -8.22
C ARG E 85 -0.51 -5.93 -9.54
N GLY E 86 -1.52 -5.75 -10.39
CA GLY E 86 -1.32 -5.18 -11.71
C GLY E 86 -1.97 -6.07 -12.75
N ILE E 87 -1.79 -5.76 -14.02
CA ILE E 87 -2.33 -6.61 -15.05
C ILE E 87 -1.32 -7.66 -15.43
N THR E 88 -1.80 -8.90 -15.57
CA THR E 88 -0.97 -9.99 -16.04
C THR E 88 -1.78 -10.80 -17.06
N GLU E 89 -1.16 -11.84 -17.58
CA GLU E 89 -1.82 -12.76 -18.50
C GLU E 89 -1.79 -14.15 -17.89
N THR E 90 -2.90 -14.88 -17.95
CA THR E 90 -2.90 -16.23 -17.42
C THR E 90 -3.28 -17.21 -18.50
N TRP E 91 -2.66 -18.38 -18.44
CA TRP E 91 -3.04 -19.50 -19.28
C TRP E 91 -4.11 -20.26 -18.50
N ILE E 92 -5.12 -20.74 -19.21
CA ILE E 92 -6.23 -21.52 -18.64
C ILE E 92 -6.49 -22.77 -19.48
N ILE E 93 -6.65 -23.93 -18.85
CA ILE E 93 -6.96 -25.13 -19.63
C ILE E 93 -8.44 -25.48 -19.56
N GLU E 94 -9.02 -25.87 -20.69
CA GLU E 94 -10.43 -26.20 -20.74
C GLU E 94 -10.60 -27.59 -21.36
N VAL E 95 -11.24 -28.50 -20.64
CA VAL E 95 -11.34 -29.88 -21.03
C VAL E 95 -12.82 -30.20 -21.12
N SER E 96 -13.25 -30.83 -22.21
CA SER E 96 -14.65 -31.07 -22.45
C SER E 96 -14.92 -32.47 -22.98
N VAL E 97 -16.08 -33.01 -22.59
CA VAL E 97 -16.57 -34.27 -23.13
C VAL E 97 -18.00 -34.06 -23.64
N VAL E 98 -18.30 -34.49 -24.86
CA VAL E 98 -19.68 -34.47 -25.32
C VAL E 98 -20.14 -35.92 -25.55
N ASN E 99 -21.28 -36.27 -24.98
CA ASN E 99 -21.91 -37.56 -25.20
C ASN E 99 -23.16 -37.32 -25.99
N PRO E 100 -23.11 -37.60 -27.31
CA PRO E 100 -24.18 -37.28 -28.25
C PRO E 100 -25.41 -38.16 -28.06
N ALA E 101 -25.21 -39.35 -27.52
CA ALA E 101 -26.32 -40.28 -27.23
C ALA E 101 -27.31 -39.68 -26.22
N ASN E 102 -26.82 -39.39 -25.02
CA ASN E 102 -27.61 -38.79 -23.95
C ASN E 102 -27.80 -37.29 -24.18
N SER E 103 -27.08 -36.76 -25.17
CA SER E 103 -26.96 -35.32 -25.37
C SER E 103 -26.57 -34.59 -24.07
N THR E 104 -25.42 -34.94 -23.52
CA THR E 104 -24.90 -34.27 -22.33
C THR E 104 -23.45 -33.84 -22.56
N LYS E 106 -19.81 -32.19 -20.52
CA LYS E 106 -19.12 -31.77 -19.32
C LYS E 106 -17.92 -30.91 -19.72
N THR E 107 -17.76 -29.78 -19.03
CA THR E 107 -16.69 -28.84 -19.32
C THR E 107 -15.97 -28.54 -18.00
N TYR E 108 -14.68 -28.30 -18.10
CA TYR E 108 -13.85 -28.05 -16.95
C TYR E 108 -12.77 -27.04 -17.34
N THR E 109 -12.61 -25.99 -16.56
CA THR E 109 -11.50 -25.10 -16.81
C THR E 109 -10.69 -25.00 -15.52
N ARG E 110 -9.39 -24.77 -15.63
CA ARG E 110 -8.66 -24.36 -14.43
C ARG E 110 -7.46 -23.60 -14.89
N ASN E 111 -6.92 -22.75 -14.02
CA ASN E 111 -5.76 -21.97 -14.44
C ASN E 111 -4.49 -22.81 -14.45
N LEU E 112 -3.64 -22.57 -15.45
CA LEU E 112 -2.37 -23.29 -15.53
C LEU E 112 -1.27 -22.62 -14.74
N ASP E 113 -1.28 -21.30 -14.76
CA ASP E 113 -0.25 -20.54 -14.08
C ASP E 113 -0.88 -19.66 -13.02
N HIS E 114 -0.02 -18.98 -12.26
CA HIS E 114 -0.41 -18.25 -11.07
C HIS E 114 -1.05 -19.21 -10.09
N THR E 115 -0.72 -20.50 -10.22
CA THR E 115 -1.37 -21.55 -9.44
C THR E 115 -0.95 -21.59 -7.97
N GLY E 116 0.21 -20.99 -7.68
CA GLY E 116 0.69 -20.87 -6.32
C GLY E 116 -0.24 -19.97 -5.52
N ILE E 117 -0.68 -18.91 -6.19
CA ILE E 117 -1.60 -17.93 -5.62
C ILE E 117 -3.01 -18.54 -5.45
N LYS E 119 -5.93 -21.68 -7.24
CA LYS E 119 -6.40 -22.60 -8.27
C LYS E 119 -7.91 -22.35 -8.28
N VAL E 120 -8.44 -21.98 -9.44
CA VAL E 120 -9.85 -21.72 -9.55
C VAL E 120 -10.37 -22.66 -10.60
N GLU E 121 -11.21 -23.61 -10.18
CA GLU E 121 -11.66 -24.62 -11.11
C GLU E 121 -13.14 -24.45 -11.37
N GLU E 122 -13.56 -24.65 -12.62
CA GLU E 122 -14.97 -24.57 -12.90
C GLU E 122 -15.44 -25.78 -13.68
N TYR E 123 -16.44 -26.45 -13.11
CA TYR E 123 -17.14 -27.53 -13.77
C TYR E 123 -18.46 -26.97 -14.24
N THR E 124 -18.85 -27.31 -15.45
CA THR E 124 -20.20 -26.99 -15.90
C THR E 124 -20.68 -28.15 -16.73
N THR E 125 -21.88 -28.64 -16.42
CA THR E 125 -22.48 -29.73 -17.17
C THR E 125 -23.71 -29.22 -17.91
N TYR E 126 -23.83 -29.51 -19.19
CA TYR E 126 -25.08 -29.23 -19.90
C TYR E 126 -25.80 -30.55 -20.07
N GLN E 127 -27.10 -30.57 -19.79
CA GLN E 127 -27.88 -31.80 -19.93
C GLN E 127 -29.25 -31.44 -20.46
N PHE E 128 -29.74 -32.25 -21.40
CA PHE E 128 -30.99 -31.92 -22.07
C PHE E 128 -32.22 -32.38 -21.30
N ASP E 129 -33.28 -31.57 -21.35
CA ASP E 129 -34.54 -31.90 -20.71
C ASP E 129 -35.64 -31.89 -21.76
N SER E 130 -36.04 -33.10 -22.17
CA SER E 130 -37.09 -33.28 -23.16
C SER E 130 -38.47 -32.99 -22.57
N SER E 133 -38.10 -28.88 -22.27
CA SER E 133 -37.74 -28.71 -23.67
C SER E 133 -36.55 -27.78 -23.79
N SER E 134 -35.58 -27.97 -22.89
CA SER E 134 -34.52 -26.98 -22.74
C SER E 134 -33.21 -27.61 -22.29
N THR E 135 -32.10 -26.88 -22.47
CA THR E 135 -30.82 -27.39 -21.99
C THR E 135 -30.50 -26.81 -20.63
N ILE E 136 -30.36 -27.68 -19.62
CA ILE E 136 -30.12 -27.22 -18.27
C ILE E 136 -28.62 -27.31 -17.99
N ALA E 137 -28.05 -26.17 -17.65
CA ALA E 137 -26.62 -26.00 -17.40
C ALA E 137 -26.31 -25.74 -15.92
N ASP E 138 -25.54 -26.64 -15.31
CA ASP E 138 -25.18 -26.49 -13.90
C ASP E 138 -23.71 -26.12 -13.76
N SER E 139 -23.44 -25.06 -13.02
CA SER E 139 -22.10 -24.55 -12.83
C SER E 139 -21.65 -24.70 -11.39
N ARG E 140 -20.41 -25.14 -11.23
CA ARG E 140 -19.76 -25.27 -9.93
C ARG E 140 -18.35 -24.71 -9.99
N VAL E 141 -17.98 -23.87 -9.03
CA VAL E 141 -16.62 -23.37 -8.97
C VAL E 141 -15.95 -23.62 -7.62
N LYS E 142 -14.74 -24.17 -7.63
CA LYS E 142 -13.97 -24.35 -6.42
C LYS E 142 -12.71 -23.49 -6.45
N PHE E 143 -12.64 -22.55 -5.50
CA PHE E 143 -11.50 -21.66 -5.33
C PHE E 143 -10.58 -22.17 -4.22
N SER E 144 -9.26 -22.16 -4.47
CA SER E 144 -8.29 -22.56 -3.46
C SER E 144 -7.04 -21.69 -3.37
N SER E 145 -6.70 -21.25 -2.16
CA SER E 145 -5.54 -20.38 -1.95
C SER E 145 -4.62 -20.88 -0.83
N GLY E 146 -3.31 -20.72 -1.05
CA GLY E 146 -2.29 -21.09 -0.10
C GLY E 146 -1.77 -19.85 0.60
N PHE E 147 -2.43 -18.72 0.30
CA PHE E 147 -2.19 -17.44 0.95
C PHE E 147 -2.21 -17.56 2.47
N ASN E 148 -3.16 -18.33 3.00
CA ASN E 148 -3.31 -18.55 4.44
C ASN E 148 -2.00 -19.00 5.13
N MET E 149 -1.35 -20.02 4.55
CA MET E 149 -0.09 -20.52 5.09
C MET E 149 1.05 -19.49 4.98
N GLY E 150 1.02 -18.67 3.94
CA GLY E 150 2.06 -17.66 3.74
C GLY E 150 1.95 -16.59 4.81
N ILE E 151 0.71 -16.13 5.03
CA ILE E 151 0.42 -15.17 6.08
C ILE E 151 0.87 -15.76 7.41
N LYS E 152 0.46 -17.00 7.67
CA LYS E 152 0.83 -17.69 8.91
C LYS E 152 2.34 -17.74 9.17
N SER E 153 3.11 -18.04 8.14
CA SER E 153 4.57 -18.05 8.28
C SER E 153 5.11 -16.65 8.62
N LYS E 154 4.62 -15.65 7.89
CA LYS E 154 5.05 -14.28 8.13
C LYS E 154 4.76 -13.90 9.60
N VAL E 155 3.62 -14.37 10.10
CA VAL E 155 3.29 -14.21 11.51
C VAL E 155 4.31 -14.90 12.40
N GLU E 156 4.67 -16.14 12.11
CA GLU E 156 5.69 -16.82 12.93
C GLU E 156 6.92 -15.97 13.06
N ASP E 157 7.44 -15.44 11.94
CA ASP E 157 8.63 -14.59 12.04
C ASP E 157 8.37 -13.35 12.90
N TRP E 158 7.22 -12.71 12.70
CA TRP E 158 6.88 -11.51 13.49
C TRP E 158 6.90 -11.80 14.99
N SER E 159 6.23 -12.87 15.39
CA SER E 159 6.20 -13.32 16.77
C SER E 159 7.59 -13.62 17.34
N ARG E 160 8.42 -14.34 16.58
CA ARG E 160 9.80 -14.62 17.01
C ARG E 160 10.53 -13.33 17.29
N THR E 161 10.45 -12.39 16.34
CA THR E 161 11.16 -11.13 16.44
C THR E 161 10.71 -10.30 17.61
N LYS E 162 9.39 -10.09 17.71
CA LYS E 162 8.76 -9.35 18.83
C LYS E 162 9.16 -9.96 20.15
N PHE E 163 9.15 -11.29 20.21
CA PHE E 163 9.58 -11.92 21.44
C PHE E 163 11.01 -11.61 21.80
N ASP E 164 11.93 -11.82 20.86
CA ASP E 164 13.37 -11.62 21.08
C ASP E 164 13.70 -10.17 21.45
N GLU E 165 13.12 -9.23 20.70
CA GLU E 165 13.23 -7.80 20.98
C GLU E 165 12.78 -7.53 22.40
N ASN E 166 11.62 -8.07 22.77
CA ASN E 166 11.10 -7.76 24.09
C ASN E 166 11.99 -8.32 25.17
N VAL E 167 12.60 -9.47 24.93
CA VAL E 167 13.55 -9.99 25.92
C VAL E 167 14.75 -9.03 26.10
N LYS E 168 15.33 -8.56 25.01
CA LYS E 168 16.40 -7.57 25.19
C LYS E 168 15.91 -6.33 25.98
N LYS E 169 14.78 -5.73 25.56
CA LYS E 169 14.24 -4.56 26.24
C LYS E 169 14.01 -4.81 27.73
N SER E 170 13.51 -5.99 28.09
CA SER E 170 13.31 -6.34 29.50
C SER E 170 14.63 -6.31 30.24
N ARG E 171 15.62 -7.02 29.69
CA ARG E 171 16.92 -7.18 30.32
C ARG E 171 17.58 -5.79 30.53
N GLY E 173 16.08 -2.64 30.38
CA GLY E 173 15.23 -1.81 31.23
C GLY E 173 15.37 -2.17 32.69
N ALA E 175 17.79 -3.68 34.09
CA ALA E 175 19.15 -3.27 34.53
C ALA E 175 19.24 -1.75 34.84
N PHE E 176 18.76 -0.94 33.91
CA PHE E 176 18.76 0.52 34.03
C PHE E 176 18.05 0.94 35.31
N VAL E 177 16.86 0.39 35.54
CA VAL E 177 16.06 0.68 36.73
C VAL E 177 16.64 0.18 38.06
N ILE E 178 17.14 -1.06 38.07
CA ILE E 178 17.72 -1.64 39.27
C ILE E 178 18.94 -0.81 39.68
N GLN E 179 19.75 -0.44 38.69
CA GLN E 179 20.86 0.47 38.94
C GLN E 179 20.40 1.85 39.46
N LYS E 180 19.54 2.54 38.72
CA LYS E 180 19.03 3.85 39.15
C LYS E 180 18.41 3.78 40.56
N LEU E 181 18.04 2.57 40.97
CA LEU E 181 17.56 2.31 42.33
C LEU E 181 18.75 2.29 43.29
N GLU E 182 19.80 1.54 42.95
CA GLU E 182 20.92 1.39 43.86
C GLU E 182 22.22 1.98 43.31
N ILE F 4 -15.87 -11.71 -36.61
CA ILE F 4 -14.51 -11.85 -36.14
C ILE F 4 -14.34 -13.22 -35.49
N MET F 5 -13.18 -13.82 -35.70
CA MET F 5 -12.95 -15.17 -35.22
C MET F 5 -11.77 -15.21 -34.25
N SER F 6 -11.63 -16.30 -33.52
CA SER F 6 -10.65 -16.37 -32.44
C SER F 6 -9.22 -16.30 -32.93
N ALA F 7 -8.36 -15.78 -32.07
CA ALA F 7 -6.96 -15.67 -32.40
C ALA F 7 -6.26 -16.85 -31.76
N SER F 8 -5.19 -17.33 -32.37
CA SER F 8 -4.32 -18.29 -31.73
C SER F 8 -3.30 -17.45 -30.95
N PHE F 9 -2.62 -18.05 -29.97
CA PHE F 9 -1.59 -17.31 -29.26
C PHE F 9 -0.40 -17.07 -30.19
N ALA F 10 -0.40 -17.82 -31.29
CA ALA F 10 0.60 -17.62 -32.33
C ALA F 10 -0.17 -17.14 -33.55
N PRO F 11 -0.03 -15.84 -33.85
CA PRO F 11 -0.73 -15.16 -34.94
C PRO F 11 -0.58 -15.90 -36.28
N GLU F 12 0.62 -16.40 -36.56
CA GLU F 12 0.86 -17.20 -37.76
C GLU F 12 -0.11 -18.37 -37.88
N CYS F 13 -0.56 -18.91 -36.74
CA CYS F 13 -1.42 -20.08 -36.75
C CYS F 13 -2.87 -19.70 -36.88
N THR F 14 -3.16 -18.41 -36.66
CA THR F 14 -4.55 -17.95 -36.63
C THR F 14 -5.28 -18.38 -37.89
N ASP F 15 -4.68 -18.12 -39.05
CA ASP F 15 -5.29 -18.55 -40.30
C ASP F 15 -5.54 -20.05 -40.30
N LEU F 16 -4.49 -20.83 -40.03
CA LEU F 16 -4.61 -22.28 -39.97
C LEU F 16 -5.73 -22.61 -38.96
N LYS F 17 -5.66 -22.01 -37.77
CA LYS F 17 -6.70 -22.25 -36.76
C LYS F 17 -8.10 -21.99 -37.28
N THR F 18 -8.29 -20.87 -37.97
CA THR F 18 -9.61 -20.53 -38.47
C THR F 18 -10.12 -21.66 -39.35
N LYS F 19 -9.29 -22.09 -40.31
CA LYS F 19 -9.72 -23.19 -41.18
C LYS F 19 -10.15 -24.41 -40.37
N TYR F 20 -9.27 -24.85 -39.47
CA TYR F 20 -9.57 -26.06 -38.74
C TYR F 20 -10.89 -25.86 -38.04
N ASP F 21 -11.03 -24.73 -37.34
CA ASP F 21 -12.21 -24.56 -36.49
C ASP F 21 -13.45 -24.57 -37.35
N SER F 22 -13.36 -23.89 -38.49
CA SER F 22 -14.50 -23.83 -39.39
C SER F 22 -14.92 -25.26 -39.75
N CYS F 23 -13.95 -26.04 -40.21
CA CYS F 23 -14.17 -27.42 -40.62
C CYS F 23 -14.85 -28.17 -39.48
N PHE F 24 -14.29 -28.05 -38.28
CA PHE F 24 -14.82 -28.79 -37.15
C PHE F 24 -16.29 -28.47 -36.88
N ASN F 25 -16.61 -27.18 -36.98
CA ASN F 25 -17.96 -26.77 -36.67
C ASN F 25 -18.91 -27.56 -37.51
N GLU F 26 -18.62 -27.61 -38.81
CA GLU F 26 -19.51 -28.30 -39.73
C GLU F 26 -19.67 -29.73 -39.30
N TRP F 27 -18.54 -30.39 -39.11
CA TRP F 27 -18.56 -31.82 -38.85
C TRP F 27 -19.26 -32.05 -37.55
N TYR F 28 -19.10 -31.10 -36.62
CA TYR F 28 -19.68 -31.30 -35.31
C TYR F 28 -21.19 -31.30 -35.45
N SER F 29 -21.70 -30.33 -36.19
CA SER F 29 -23.13 -30.10 -36.24
C SER F 29 -23.81 -31.13 -37.13
N GLU F 30 -23.23 -31.40 -38.29
CA GLU F 30 -23.91 -32.17 -39.32
C GLU F 30 -23.66 -33.67 -39.23
N LYS F 31 -22.49 -34.05 -38.75
CA LYS F 31 -22.09 -35.45 -38.74
C LYS F 31 -22.04 -36.08 -37.35
N PHE F 32 -21.23 -35.51 -36.44
CA PHE F 32 -21.00 -36.18 -35.16
C PHE F 32 -22.25 -36.32 -34.33
N LEU F 33 -22.96 -35.22 -34.13
CA LEU F 33 -24.15 -35.20 -33.27
C LEU F 33 -25.35 -35.96 -33.84
N LYS F 34 -25.41 -36.12 -35.15
CA LYS F 34 -26.54 -36.81 -35.78
C LYS F 34 -26.25 -38.30 -35.96
N GLY F 35 -25.14 -38.76 -35.40
CA GLY F 35 -24.73 -40.15 -35.48
C GLY F 35 -24.28 -40.60 -36.85
N LYS F 36 -24.02 -39.64 -37.74
CA LYS F 36 -23.64 -39.98 -39.12
C LYS F 36 -22.12 -40.18 -39.28
N SER F 37 -21.38 -40.00 -38.20
CA SER F 37 -19.93 -40.08 -38.24
C SER F 37 -19.32 -40.04 -36.84
N VAL F 38 -18.23 -40.77 -36.63
CA VAL F 38 -17.45 -40.67 -35.41
C VAL F 38 -15.97 -40.60 -35.79
N GLU F 39 -15.69 -40.14 -37.00
CA GLU F 39 -14.30 -40.08 -37.46
C GLU F 39 -13.90 -38.66 -37.77
N ASN F 40 -12.61 -38.48 -38.04
CA ASN F 40 -12.03 -37.14 -38.21
C ASN F 40 -11.90 -36.77 -39.68
N GLU F 41 -12.88 -36.04 -40.17
CA GLU F 41 -12.90 -35.59 -41.55
C GLU F 41 -12.15 -34.27 -41.73
N CYS F 42 -11.34 -33.93 -40.74
CA CYS F 42 -10.64 -32.65 -40.70
C CYS F 42 -9.13 -32.82 -40.55
N SER F 43 -8.62 -33.98 -40.98
CA SER F 43 -7.25 -34.37 -40.70
C SER F 43 -6.19 -33.46 -41.27
N LYS F 44 -6.39 -32.98 -42.49
CA LYS F 44 -5.43 -32.09 -43.10
C LYS F 44 -5.33 -30.78 -42.32
N GLN F 45 -6.47 -30.09 -42.20
CA GLN F 45 -6.54 -28.79 -41.55
C GLN F 45 -6.05 -28.91 -40.11
N TRP F 46 -6.46 -30.00 -39.47
CA TRP F 46 -5.99 -30.27 -38.13
C TRP F 46 -4.51 -30.46 -38.03
N TYR F 47 -3.92 -31.21 -38.97
CA TYR F 47 -2.48 -31.45 -38.96
C TYR F 47 -1.75 -30.13 -39.11
N ALA F 48 -2.12 -29.34 -40.11
CA ALA F 48 -1.45 -28.07 -40.36
C ALA F 48 -1.51 -27.22 -39.11
N TYR F 49 -2.72 -27.04 -38.58
CA TYR F 49 -2.94 -26.21 -37.41
C TYR F 49 -2.10 -26.68 -36.22
N THR F 50 -2.15 -27.96 -35.93
CA THR F 50 -1.50 -28.45 -34.72
C THR F 50 0.03 -28.51 -34.88
N THR F 51 0.50 -28.63 -36.12
CA THR F 51 1.94 -28.53 -36.37
C THR F 51 2.42 -27.12 -36.06
N CYS F 52 1.78 -26.13 -36.69
CA CYS F 52 2.14 -24.74 -36.44
C CYS F 52 2.09 -24.44 -34.95
N VAL F 53 0.98 -24.83 -34.33
CA VAL F 53 0.76 -24.60 -32.91
C VAL F 53 1.84 -25.21 -32.02
N ASN F 54 2.22 -26.46 -32.27
CA ASN F 54 3.24 -27.10 -31.44
C ASN F 54 4.62 -26.48 -31.63
N ALA F 55 4.88 -26.09 -32.88
CA ALA F 55 6.07 -25.31 -33.19
C ALA F 55 6.13 -24.06 -32.31
N ALA F 56 5.03 -23.32 -32.27
CA ALA F 56 4.95 -22.11 -31.44
C ALA F 56 4.99 -22.42 -29.94
N LEU F 57 4.44 -23.56 -29.56
CA LEU F 57 4.28 -23.96 -28.17
C LEU F 57 5.60 -24.29 -27.52
N VAL F 58 6.53 -24.82 -28.32
CA VAL F 58 7.87 -25.10 -27.83
C VAL F 58 8.52 -23.80 -27.29
N LYS F 59 8.33 -22.69 -28.01
CA LYS F 59 8.84 -21.38 -27.59
C LYS F 59 8.23 -20.84 -26.29
N GLN F 60 6.95 -21.14 -26.03
CA GLN F 60 6.28 -20.63 -24.83
C GLN F 60 6.72 -21.44 -23.61
N GLY F 61 6.93 -20.75 -22.49
CA GLY F 61 7.41 -21.40 -21.29
C GLY F 61 6.35 -22.12 -20.51
N ILE F 62 5.17 -22.29 -21.11
CA ILE F 62 4.01 -22.84 -20.40
C ILE F 62 3.83 -24.33 -20.69
N LYS F 63 4.54 -24.82 -21.70
CA LYS F 63 4.44 -26.24 -22.11
C LYS F 63 4.65 -27.28 -20.99
N PRO F 64 5.59 -27.05 -20.05
CA PRO F 64 5.67 -27.99 -18.92
C PRO F 64 4.34 -28.12 -18.18
N ALA F 65 3.78 -26.98 -17.74
CA ALA F 65 2.52 -26.91 -17.01
C ALA F 65 1.33 -27.53 -17.76
N LEU F 66 1.23 -27.23 -19.05
CA LEU F 66 0.17 -27.78 -19.89
C LEU F 66 0.32 -29.30 -19.99
N ASP F 67 1.55 -29.76 -20.21
CA ASP F 67 1.82 -31.19 -20.31
C ASP F 67 1.44 -31.90 -19.02
N GLU F 68 1.85 -31.32 -17.90
CA GLU F 68 1.55 -31.86 -16.58
C GLU F 68 0.05 -31.94 -16.31
N ALA F 69 -0.67 -30.88 -16.67
CA ALA F 69 -2.12 -30.76 -16.49
C ALA F 69 -2.94 -31.60 -17.45
N ARG F 70 -2.31 -32.10 -18.51
CA ARG F 70 -2.99 -33.02 -19.44
C ARG F 70 -2.95 -34.45 -18.89
N GLU F 71 -2.09 -34.67 -17.92
CA GLU F 71 -2.01 -35.97 -17.25
C GLU F 71 -3.12 -36.09 -16.21
N GLU F 72 -3.76 -34.98 -15.90
CA GLU F 72 -4.87 -34.96 -14.94
C GLU F 72 -6.15 -35.45 -15.62
N ALA F 73 -7.03 -36.07 -14.84
CA ALA F 73 -8.35 -36.49 -15.34
C ALA F 73 -9.42 -35.99 -14.37
N PRO F 74 -9.95 -34.79 -14.64
CA PRO F 74 -10.84 -34.02 -13.75
C PRO F 74 -12.24 -34.57 -13.61
N PHE F 75 -12.61 -35.55 -14.43
CA PHE F 75 -13.94 -36.12 -14.32
C PHE F 75 -13.98 -37.43 -13.52
N PRO G 14 21.90 -3.66 -11.11
CA PRO G 14 22.05 -3.87 -9.67
C PRO G 14 22.62 -2.61 -9.03
N VAL G 16 24.14 0.26 -6.71
CA VAL G 16 25.17 0.31 -5.67
C VAL G 16 25.34 1.74 -5.12
N LEU G 17 25.42 1.87 -3.80
CA LEU G 17 25.67 3.17 -3.17
C LEU G 17 26.86 3.02 -2.24
N LEU G 18 27.64 4.10 -2.08
CA LEU G 18 28.83 4.01 -1.27
C LEU G 18 28.80 5.09 -0.21
N HIS G 19 29.32 4.76 0.97
CA HIS G 19 29.49 5.78 1.96
C HIS G 19 30.84 5.54 2.60
N LYS G 20 31.55 6.61 3.00
CA LYS G 20 32.78 6.43 3.75
C LYS G 20 32.79 7.36 4.90
N SER G 21 33.47 6.97 5.97
CA SER G 21 33.47 7.77 7.19
C SER G 21 34.76 7.54 7.91
N THR G 22 35.23 8.53 8.66
CA THR G 22 36.45 8.37 9.42
C THR G 22 36.20 8.83 10.82
N HIS G 23 36.63 8.03 11.79
CA HIS G 23 36.52 8.44 13.17
C HIS G 23 37.87 8.36 13.83
N ILE G 24 38.10 9.29 14.75
CA ILE G 24 39.35 9.36 15.48
C ILE G 24 39.12 9.14 16.97
N PHE G 25 39.76 8.11 17.50
CA PHE G 25 39.69 7.82 18.92
C PHE G 25 40.92 8.41 19.58
N PRO G 26 40.73 9.36 20.50
CA PRO G 26 41.85 9.94 21.23
C PRO G 26 42.42 8.95 22.25
N THR G 27 42.86 7.78 21.77
CA THR G 27 43.38 6.74 22.65
C THR G 27 44.21 5.71 21.89
N ASP G 28 44.76 4.75 22.62
CA ASP G 28 45.70 3.83 22.01
C ASP G 28 45.01 2.62 21.37
N PHE G 29 45.66 2.09 20.33
CA PHE G 29 45.18 0.94 19.59
C PHE G 29 44.72 -0.23 20.46
N ALA G 30 45.45 -0.50 21.53
CA ALA G 30 45.08 -1.59 22.42
C ALA G 30 43.66 -1.40 22.96
N SER G 31 43.36 -0.18 23.40
CA SER G 31 42.05 0.12 23.99
C SER G 31 40.93 0.09 22.95
N VAL G 32 41.23 0.61 21.75
CA VAL G 32 40.24 0.63 20.69
C VAL G 32 39.91 -0.78 20.23
N SER G 33 40.92 -1.55 19.84
CA SER G 33 40.68 -2.93 19.38
C SER G 33 40.03 -3.81 20.45
N ARG G 34 40.49 -3.72 21.70
CA ARG G 34 39.77 -4.43 22.75
C ARG G 34 38.29 -3.98 22.88
N ALA G 35 38.02 -2.68 22.76
CA ALA G 35 36.65 -2.24 22.76
C ALA G 35 35.88 -2.89 21.62
N PHE G 36 36.48 -2.91 20.44
CA PHE G 36 35.84 -3.52 19.29
C PHE G 36 35.45 -4.98 19.57
N PHE G 37 36.36 -5.75 20.14
CA PHE G 37 36.00 -7.13 20.46
C PHE G 37 34.92 -7.19 21.54
N ASN G 38 34.72 -6.10 22.27
CA ASN G 38 33.64 -6.05 23.29
C ASN G 38 32.56 -4.98 23.10
N ARG G 39 32.30 -4.57 21.86
CA ARG G 39 31.46 -3.39 21.62
C ARG G 39 29.96 -3.57 21.88
N TYR G 40 29.56 -4.81 22.10
CA TYR G 40 28.17 -5.14 22.41
C TYR G 40 28.12 -5.94 23.69
N PRO G 41 27.08 -5.76 24.49
CA PRO G 41 25.98 -4.85 24.20
C PRO G 41 26.44 -3.46 24.56
N ASN G 42 25.73 -2.45 24.09
CA ASN G 42 25.91 -1.09 24.58
C ASN G 42 24.65 -0.34 24.26
N PRO G 43 24.29 0.64 25.11
CA PRO G 43 23.01 1.35 25.07
C PRO G 43 22.69 2.06 23.76
N TYR G 44 23.67 2.31 22.91
CA TYR G 44 23.39 3.00 21.65
C TYR G 44 23.11 2.04 20.51
N SER G 45 23.23 0.74 20.79
CA SER G 45 22.97 -0.28 19.80
C SER G 45 21.97 -1.28 20.35
N PRO G 46 20.69 -0.88 20.44
CA PRO G 46 19.69 -1.67 21.15
C PRO G 46 19.16 -2.84 20.32
N HIS G 47 19.30 -2.79 19.01
CA HIS G 47 18.76 -3.84 18.16
C HIS G 47 19.69 -5.04 18.04
N VAL G 48 20.88 -4.99 18.59
CA VAL G 48 21.76 -6.15 18.50
C VAL G 48 21.29 -7.14 19.48
N LEU G 49 20.94 -8.35 19.02
CA LEU G 49 20.35 -9.36 19.90
C LEU G 49 21.42 -10.27 20.48
N SER G 50 22.38 -10.68 19.67
CA SER G 50 23.47 -11.49 20.15
C SER G 50 24.74 -11.33 19.29
N ILE G 51 25.90 -11.62 19.86
CA ILE G 51 27.12 -11.70 19.11
C ILE G 51 27.74 -13.04 19.56
N ASP G 52 28.30 -13.83 18.65
CA ASP G 52 28.98 -15.11 19.00
C ASP G 52 30.27 -15.27 18.21
N THR G 53 31.29 -15.86 18.83
CA THR G 53 32.56 -16.12 18.17
C THR G 53 32.53 -17.47 17.51
N ILE G 54 32.66 -17.47 16.19
CA ILE G 54 32.62 -18.67 15.36
C ILE G 54 33.98 -19.36 15.31
N SER G 55 35.03 -18.57 15.11
CA SER G 55 36.40 -19.09 15.10
C SER G 55 37.41 -18.02 15.42
N ARG G 56 38.48 -18.43 16.08
CA ARG G 56 39.52 -17.49 16.41
C ARG G 56 40.84 -18.23 16.39
N ASN G 57 41.82 -17.66 15.72
CA ASN G 57 43.10 -18.33 15.56
C ASN G 57 44.20 -17.34 15.39
N VAL G 58 45.41 -17.75 15.73
CA VAL G 58 46.59 -16.99 15.35
C VAL G 58 47.26 -17.62 14.12
N ASP G 59 47.41 -16.84 13.05
CA ASP G 59 47.93 -17.40 11.79
C ASP G 59 49.46 -17.47 11.71
N GLN G 60 49.95 -17.87 10.54
CA GLN G 60 51.39 -17.99 10.28
C GLN G 60 52.17 -16.74 10.60
N GLU G 61 51.62 -15.58 10.23
CA GLU G 61 52.34 -14.33 10.38
C GLU G 61 52.17 -13.71 11.77
N GLY G 62 51.59 -14.47 12.68
CA GLY G 62 51.44 -14.00 14.05
C GLY G 62 50.24 -13.10 14.29
N ASN G 63 49.32 -13.04 13.33
CA ASN G 63 48.12 -12.22 13.46
C ASN G 63 46.92 -12.99 13.99
N LEU G 64 46.08 -12.29 14.74
CA LEU G 64 44.83 -12.84 15.25
C LEU G 64 43.73 -12.73 14.20
N ARG G 65 43.14 -13.86 13.84
CA ARG G 65 42.09 -13.93 12.85
C ARG G 65 40.82 -14.40 13.55
N THR G 66 39.79 -13.54 13.55
CA THR G 66 38.54 -13.87 14.21
C THR G 66 37.33 -13.82 13.27
N THR G 67 36.41 -14.76 13.44
CA THR G 67 35.12 -14.70 12.76
C THR G 67 33.99 -14.75 13.84
N ARG G 68 33.06 -13.79 13.73
CA ARG G 68 31.94 -13.62 14.62
C ARG G 68 30.63 -13.58 13.87
N LEU G 69 29.56 -13.86 14.58
CA LEU G 69 28.17 -13.85 14.10
C LEU G 69 27.29 -12.97 15.03
N LEU G 70 26.65 -11.92 14.48
CA LEU G 70 25.72 -11.07 15.23
C LEU G 70 24.37 -11.41 14.71
N LYS G 71 23.33 -11.21 15.54
CA LYS G 71 21.95 -11.31 15.09
C LYS G 71 21.42 -9.92 15.38
N LYS G 72 20.78 -9.25 14.41
CA LYS G 72 20.20 -7.93 14.66
C LYS G 72 18.73 -8.02 14.42
N SER G 73 17.93 -7.21 15.11
CA SER G 73 16.53 -7.07 14.73
C SER G 73 16.39 -5.73 14.06
N GLY G 74 15.37 -5.56 13.21
CA GLY G 74 15.09 -4.25 12.63
C GLY G 74 13.98 -4.36 11.61
N LYS G 75 13.51 -3.21 11.13
CA LYS G 75 12.40 -3.21 10.17
C LYS G 75 12.96 -3.16 8.77
N LEU G 76 12.41 -3.95 7.87
CA LEU G 76 12.79 -3.81 6.48
C LEU G 76 12.32 -2.47 5.95
N PRO G 77 13.09 -1.88 5.04
CA PRO G 77 12.82 -0.54 4.49
C PRO G 77 11.52 -0.47 3.71
N THR G 78 10.86 0.69 3.74
CA THR G 78 9.57 0.89 3.09
C THR G 78 9.59 0.68 1.56
N TRP G 79 10.76 0.82 0.93
CA TRP G 79 10.85 0.70 -0.52
C TRP G 79 10.85 -0.74 -1.02
N VAL G 80 10.83 -1.69 -0.12
CA VAL G 80 10.82 -3.09 -0.49
C VAL G 80 9.38 -3.47 -0.80
N LYS G 81 9.19 -4.52 -1.60
CA LYS G 81 7.87 -5.09 -1.83
C LYS G 81 7.24 -5.36 -0.47
N PRO G 82 6.10 -4.70 -0.17
CA PRO G 82 5.44 -4.79 1.14
C PRO G 82 5.03 -6.21 1.56
N PHE G 83 5.27 -7.17 0.68
CA PHE G 83 5.04 -8.57 1.00
C PHE G 83 6.20 -9.04 1.85
N LEU G 84 7.36 -8.39 1.67
CA LEU G 84 8.55 -8.65 2.48
C LEU G 84 8.68 -7.65 3.62
N ARG G 85 7.92 -6.56 3.57
CA ARG G 85 7.96 -5.53 4.61
C ARG G 85 7.58 -6.11 5.97
N GLY G 86 7.97 -5.40 7.02
CA GLY G 86 7.70 -5.87 8.35
C GLY G 86 8.99 -5.83 9.12
N ILE G 87 9.00 -6.45 10.29
CA ILE G 87 10.20 -6.46 11.10
C ILE G 87 10.75 -7.85 11.10
N THR G 88 12.07 -7.96 11.02
CA THR G 88 12.65 -9.26 11.12
C THR G 88 13.98 -9.24 11.84
N GLU G 89 14.71 -10.33 11.66
CA GLU G 89 16.05 -10.45 12.18
C GLU G 89 17.00 -10.71 11.03
N THR G 90 18.19 -10.13 11.10
CA THR G 90 19.23 -10.37 10.12
C THR G 90 20.42 -11.03 10.82
N TRP G 91 21.04 -12.02 10.19
CA TRP G 91 22.34 -12.49 10.67
C TRP G 91 23.43 -11.69 9.98
N ILE G 92 24.47 -11.34 10.72
CA ILE G 92 25.57 -10.58 10.15
C ILE G 92 26.88 -11.25 10.52
N ILE G 93 27.76 -11.43 9.55
CA ILE G 93 29.06 -12.02 9.82
C ILE G 93 30.08 -10.94 9.90
N GLU G 94 31.03 -11.10 10.81
CA GLU G 94 32.05 -10.13 11.04
C GLU G 94 33.41 -10.81 11.06
N VAL G 95 34.33 -10.38 10.20
CA VAL G 95 35.64 -11.01 10.07
C VAL G 95 36.70 -9.97 10.40
N SER G 96 37.69 -10.30 11.22
CA SER G 96 38.68 -9.31 11.62
C SER G 96 40.09 -9.89 11.66
N VAL G 97 41.08 -9.05 11.38
CA VAL G 97 42.49 -9.39 11.54
C VAL G 97 43.14 -8.36 12.40
N VAL G 98 43.88 -8.80 13.41
CA VAL G 98 44.68 -7.90 14.22
C VAL G 98 46.17 -8.21 14.01
N ASN G 99 46.96 -7.15 13.78
CA ASN G 99 48.40 -7.25 13.70
C ASN G 99 49.01 -6.50 14.85
N PRO G 100 49.51 -7.24 15.84
CA PRO G 100 49.98 -6.62 17.09
C PRO G 100 51.30 -5.88 16.91
N ALA G 101 52.13 -6.32 15.97
CA ALA G 101 53.42 -5.70 15.69
C ALA G 101 53.25 -4.25 15.23
N ASN G 102 52.56 -4.10 14.10
CA ASN G 102 52.30 -2.81 13.46
C ASN G 102 51.23 -1.99 14.14
N SER G 103 50.58 -2.56 15.16
CA SER G 103 49.36 -1.99 15.78
C SER G 103 48.29 -1.62 14.76
N THR G 104 47.80 -2.59 13.98
CA THR G 104 46.73 -2.29 13.01
C THR G 104 45.63 -3.32 12.99
N LYS G 106 42.04 -4.80 10.67
CA LYS G 106 41.16 -4.69 9.50
C LYS G 106 39.91 -5.46 9.82
N THR G 107 38.73 -4.94 9.53
CA THR G 107 37.50 -5.65 9.85
C THR G 107 36.59 -5.62 8.63
N TYR G 108 35.67 -6.59 8.57
CA TYR G 108 34.68 -6.72 7.49
C TYR G 108 33.31 -7.26 8.00
N THR G 109 32.20 -6.57 7.70
CA THR G 109 30.90 -7.11 8.08
C THR G 109 30.00 -7.18 6.88
N ARG G 110 29.06 -8.11 6.90
CA ARG G 110 28.00 -8.14 5.89
C ARG G 110 26.85 -9.00 6.34
N ASN G 111 25.66 -8.77 5.81
CA ASN G 111 24.55 -9.58 6.23
C ASN G 111 24.67 -10.93 5.54
N LEU G 112 24.35 -12.01 6.28
CA LEU G 112 24.35 -13.35 5.74
C LEU G 112 23.02 -13.65 5.08
N ASP G 113 21.94 -13.11 5.63
CA ASP G 113 20.64 -13.38 5.05
C ASP G 113 19.94 -12.11 4.62
N HIS G 114 18.78 -12.28 4.01
CA HIS G 114 18.09 -11.22 3.29
C HIS G 114 18.93 -10.71 2.12
N THR G 115 19.83 -11.53 1.59
CA THR G 115 20.73 -11.02 0.55
C THR G 115 19.97 -10.79 -0.74
N GLY G 116 18.79 -11.39 -0.83
CA GLY G 116 17.93 -11.17 -1.98
C GLY G 116 17.49 -9.73 -2.02
N ILE G 117 17.11 -9.15 -0.88
CA ILE G 117 16.68 -7.75 -0.81
C ILE G 117 17.85 -6.79 -0.98
N LYS G 119 22.42 -6.36 -0.06
CA LYS G 119 23.69 -6.76 0.52
C LYS G 119 24.35 -5.46 0.97
N VAL G 120 24.75 -5.40 2.23
CA VAL G 120 25.42 -4.22 2.77
C VAL G 120 26.75 -4.63 3.39
N GLU G 121 27.85 -4.18 2.79
CA GLU G 121 29.19 -4.55 3.23
C GLU G 121 29.90 -3.38 3.85
N GLU G 122 30.74 -3.64 4.85
CA GLU G 122 31.56 -2.59 5.41
C GLU G 122 32.97 -3.08 5.68
N TYR G 123 33.99 -2.40 5.11
CA TYR G 123 35.41 -2.63 5.47
C TYR G 123 35.91 -1.52 6.36
N THR G 124 36.68 -1.86 7.40
CA THR G 124 37.22 -0.81 8.26
C THR G 124 38.66 -1.08 8.66
N THR G 125 39.53 -0.06 8.56
CA THR G 125 40.91 -0.22 9.01
C THR G 125 41.18 0.67 10.22
N TYR G 126 41.72 0.10 11.29
CA TYR G 126 42.16 0.85 12.47
C TYR G 126 43.67 0.96 12.41
N GLN G 127 44.19 2.14 12.68
CA GLN G 127 45.62 2.36 12.64
C GLN G 127 46.05 3.36 13.73
N PHE G 128 47.24 3.20 14.30
CA PHE G 128 47.68 4.19 15.29
C PHE G 128 48.44 5.36 14.62
N ASP G 129 48.21 6.57 15.10
CA ASP G 129 48.94 7.75 14.65
C ASP G 129 49.56 8.42 15.86
N SER G 130 50.86 8.27 15.97
CA SER G 130 51.64 8.75 17.11
C SER G 130 51.64 10.28 17.18
N ALA G 131 51.54 10.92 16.03
CA ALA G 131 51.46 12.38 15.97
C ALA G 131 50.31 12.92 16.81
N THR G 132 49.12 12.40 16.58
CA THR G 132 47.93 12.83 17.33
C THR G 132 47.74 12.03 18.62
N SER G 133 48.58 11.00 18.78
CA SER G 133 48.40 10.02 19.85
C SER G 133 47.01 9.41 19.82
N SER G 134 46.56 9.01 18.61
CA SER G 134 45.18 8.61 18.41
C SER G 134 45.03 7.44 17.46
N THR G 135 43.96 6.68 17.60
CA THR G 135 43.68 5.58 16.70
C THR G 135 42.70 6.05 15.66
N ILE G 136 43.08 5.97 14.39
CA ILE G 136 42.23 6.41 13.30
C ILE G 136 41.57 5.24 12.59
N ALA G 137 40.24 5.30 12.56
CA ALA G 137 39.39 4.26 12.01
C ALA G 137 38.73 4.70 10.70
N ASP G 138 39.02 4.00 9.61
CA ASP G 138 38.47 4.32 8.28
C ASP G 138 37.44 3.30 7.85
N SER G 139 36.24 3.77 7.54
CA SER G 139 35.15 2.89 7.13
C SER G 139 34.72 3.11 5.69
N ARG G 140 34.55 2.03 4.95
CA ARG G 140 34.01 2.12 3.61
C ARG G 140 32.85 1.13 3.43
N VAL G 141 31.66 1.67 3.14
CA VAL G 141 30.45 0.87 3.04
C VAL G 141 29.88 0.83 1.64
N LYS G 142 29.55 -0.38 1.18
CA LYS G 142 28.88 -0.56 -0.10
C LYS G 142 27.51 -1.21 0.09
N PHE G 143 26.45 -0.46 -0.27
CA PHE G 143 25.09 -0.96 -0.32
C PHE G 143 24.82 -1.41 -1.74
N SER G 144 24.29 -2.61 -1.94
CA SER G 144 23.88 -3.02 -3.28
C SER G 144 22.56 -3.80 -3.27
N SER G 145 21.65 -3.40 -4.14
CA SER G 145 20.31 -3.98 -4.22
C SER G 145 19.86 -4.33 -5.60
N GLY G 146 18.96 -5.31 -5.69
CA GLY G 146 18.40 -5.73 -6.98
C GLY G 146 16.99 -5.21 -7.22
N PHE G 147 16.48 -4.39 -6.30
CA PHE G 147 15.17 -3.75 -6.40
C PHE G 147 14.92 -3.15 -7.79
N ASN G 148 15.93 -2.46 -8.32
CA ASN G 148 15.88 -1.82 -9.64
C ASN G 148 15.47 -2.81 -10.72
N GLY G 150 13.85 -5.46 -10.34
CA GLY G 150 12.50 -5.90 -10.05
C GLY G 150 11.46 -4.96 -10.61
N ILE G 151 11.67 -3.67 -10.40
CA ILE G 151 10.79 -2.70 -11.00
C ILE G 151 10.82 -2.86 -12.51
N LYS G 152 12.03 -2.85 -13.10
CA LYS G 152 12.11 -2.91 -14.55
C LYS G 152 11.35 -4.10 -15.12
N SER G 153 11.50 -5.25 -14.47
CA SER G 153 10.78 -6.44 -14.89
C SER G 153 9.25 -6.27 -14.81
N LYS G 154 8.76 -5.73 -13.69
CA LYS G 154 7.32 -5.48 -13.55
C LYS G 154 6.80 -4.58 -14.68
N VAL G 155 7.57 -3.51 -14.97
CA VAL G 155 7.19 -2.56 -16.02
C VAL G 155 7.14 -3.25 -17.37
N GLU G 156 8.14 -4.09 -17.65
CA GLU G 156 8.16 -4.87 -18.89
C GLU G 156 6.95 -5.74 -19.07
N ASP G 157 6.61 -6.52 -18.06
CA ASP G 157 5.44 -7.39 -18.20
C ASP G 157 4.23 -6.53 -18.48
N TRP G 158 4.11 -5.41 -17.76
CA TRP G 158 3.01 -4.50 -18.00
C TRP G 158 2.95 -4.08 -19.46
N SER G 159 4.08 -3.63 -19.99
CA SER G 159 4.15 -3.16 -21.37
C SER G 159 3.74 -4.24 -22.36
N ARG G 160 4.27 -5.44 -22.18
CA ARG G 160 3.90 -6.60 -23.01
C ARG G 160 2.37 -6.82 -23.01
N THR G 161 1.78 -6.86 -21.81
CA THR G 161 0.33 -7.08 -21.66
C THR G 161 -0.48 -5.96 -22.28
N LYS G 162 -0.13 -4.72 -21.99
CA LYS G 162 -0.83 -3.59 -22.58
C LYS G 162 -0.78 -3.70 -24.09
N PHE G 163 0.38 -4.03 -24.62
CA PHE G 163 0.50 -4.16 -26.06
C PHE G 163 -0.44 -5.26 -26.58
N ASP G 164 -0.45 -6.43 -25.94
CA ASP G 164 -1.35 -7.48 -26.40
C ASP G 164 -2.81 -7.02 -26.42
N GLU G 165 -3.26 -6.45 -25.31
CA GLU G 165 -4.63 -5.94 -25.20
C GLU G 165 -4.94 -4.98 -26.36
N ASN G 166 -4.03 -4.06 -26.63
CA ASN G 166 -4.23 -3.06 -27.68
C ASN G 166 -4.28 -3.63 -29.10
N VAL G 167 -3.48 -4.67 -29.34
CA VAL G 167 -3.53 -5.38 -30.60
C VAL G 167 -4.89 -6.03 -30.77
N LYS G 168 -5.36 -6.76 -29.77
CA LYS G 168 -6.73 -7.30 -29.80
C LYS G 168 -7.81 -6.23 -30.06
N LYS G 169 -7.82 -5.17 -29.25
CA LYS G 169 -8.77 -4.10 -29.43
C LYS G 169 -8.72 -3.55 -30.87
N SER G 170 -7.53 -3.32 -31.43
CA SER G 170 -7.46 -2.86 -32.82
C SER G 170 -8.03 -3.83 -33.82
N ARG G 171 -7.59 -5.09 -33.81
CA ARG G 171 -8.08 -6.08 -34.76
C ARG G 171 -9.60 -6.25 -34.65
N GLY G 173 -11.99 -4.27 -33.14
CA GLY G 173 -12.72 -3.05 -33.44
C GLY G 173 -12.75 -2.73 -34.92
N ALA G 175 -12.19 -4.70 -37.41
CA ALA G 175 -12.92 -5.73 -38.15
C ALA G 175 -14.41 -5.43 -38.03
N PHE G 176 -14.85 -5.08 -36.82
CA PHE G 176 -16.24 -4.70 -36.56
C PHE G 176 -16.72 -3.55 -37.44
N VAL G 177 -15.98 -2.45 -37.48
CA VAL G 177 -16.38 -1.32 -38.29
C VAL G 177 -16.37 -1.65 -39.78
N ILE G 178 -15.35 -2.36 -40.22
CA ILE G 178 -15.24 -2.75 -41.61
C ILE G 178 -16.42 -3.61 -42.03
N GLN G 179 -16.81 -4.55 -41.17
CA GLN G 179 -18.03 -5.32 -41.36
C GLN G 179 -19.25 -4.39 -41.42
N LYS G 180 -19.42 -3.47 -40.46
CA LYS G 180 -20.57 -2.53 -40.49
C LYS G 180 -20.75 -1.80 -41.85
N LEU G 181 -19.68 -1.66 -42.63
CA LEU G 181 -19.80 -1.12 -43.98
C LEU G 181 -20.28 -2.23 -44.95
N GLU G 182 -21.42 -1.97 -45.59
CA GLU G 182 -22.07 -2.93 -46.47
C GLU G 182 -23.21 -2.28 -47.26
N SER H 6 26.14 -9.65 27.63
CA SER H 6 26.17 -10.15 26.27
C SER H 6 25.42 -11.46 26.07
N ALA H 7 24.65 -11.57 24.99
CA ALA H 7 23.86 -12.77 24.78
C ALA H 7 24.43 -13.64 23.70
N SER H 8 24.32 -14.94 23.86
CA SER H 8 24.59 -15.83 22.76
C SER H 8 23.27 -15.90 22.04
N PHE H 9 23.25 -16.35 20.79
CA PHE H 9 21.99 -16.52 20.10
C PHE H 9 21.23 -17.73 20.64
N ALA H 10 21.96 -18.58 21.35
CA ALA H 10 21.40 -19.74 22.02
C ALA H 10 21.64 -19.52 23.50
N PRO H 11 20.57 -19.24 24.25
CA PRO H 11 20.69 -18.89 25.67
C PRO H 11 21.53 -19.85 26.50
N GLU H 12 21.41 -21.14 26.22
CA GLU H 12 22.20 -22.17 26.93
C GLU H 12 23.70 -21.88 26.85
N CYS H 13 24.15 -21.17 25.81
CA CYS H 13 25.57 -20.91 25.65
C CYS H 13 26.08 -19.66 26.35
N THR H 14 25.18 -18.77 26.79
CA THR H 14 25.65 -17.49 27.30
C THR H 14 26.68 -17.57 28.42
N ASP H 15 26.47 -18.38 29.46
CA ASP H 15 27.47 -18.44 30.53
C ASP H 15 28.79 -18.88 29.95
N LEU H 16 28.74 -19.91 29.12
CA LEU H 16 29.95 -20.40 28.48
C LEU H 16 30.63 -19.23 27.75
N LYS H 17 29.85 -18.52 26.94
CA LYS H 17 30.39 -17.36 26.23
C LYS H 17 31.04 -16.37 27.17
N THR H 18 30.40 -16.05 28.28
CA THR H 18 31.02 -15.11 29.19
C THR H 18 32.39 -15.56 29.64
N LYS H 19 32.48 -16.80 30.11
CA LYS H 19 33.74 -17.35 30.60
C LYS H 19 34.79 -17.20 29.50
N TYR H 20 34.41 -17.66 28.31
CA TYR H 20 35.36 -17.68 27.25
C TYR H 20 35.82 -16.25 27.04
N ASP H 21 34.87 -15.33 26.90
CA ASP H 21 35.20 -13.96 26.53
C ASP H 21 36.07 -13.35 27.62
N SER H 22 35.72 -13.66 28.85
CA SER H 22 36.47 -13.14 29.97
C SER H 22 37.92 -13.54 29.77
N CYS H 23 38.14 -14.84 29.63
CA CYS H 23 39.48 -15.36 29.44
C CYS H 23 40.18 -14.71 28.25
N PHE H 24 39.50 -14.67 27.11
CA PHE H 24 40.15 -14.16 25.90
C PHE H 24 40.63 -12.76 26.13
N ASN H 25 39.80 -11.96 26.80
CA ASN H 25 40.09 -10.55 26.94
C ASN H 25 41.41 -10.37 27.65
N GLU H 26 41.61 -11.10 28.76
CA GLU H 26 42.86 -10.94 29.49
C GLU H 26 44.01 -11.29 28.58
N TRP H 27 43.86 -12.43 27.91
CA TRP H 27 44.94 -12.95 27.11
C TRP H 27 45.22 -11.94 26.06
N TYR H 28 44.18 -11.28 25.57
CA TYR H 28 44.34 -10.37 24.45
C TYR H 28 45.17 -9.19 24.87
N SER H 29 44.83 -8.64 26.03
CA SER H 29 45.46 -7.40 26.46
C SER H 29 46.85 -7.59 27.03
N GLU H 30 47.02 -8.66 27.81
CA GLU H 30 48.23 -8.83 28.60
C GLU H 30 49.37 -9.59 27.94
N LYS H 31 49.02 -10.49 27.02
CA LYS H 31 50.01 -11.33 26.37
C LYS H 31 50.10 -11.04 24.87
N PHE H 32 48.97 -11.13 24.18
CA PHE H 32 49.01 -11.03 22.73
C PHE H 32 49.45 -9.67 22.23
N LEU H 33 48.83 -8.59 22.71
CA LEU H 33 49.21 -7.27 22.20
C LEU H 33 50.61 -6.86 22.66
N LYS H 34 51.08 -7.46 23.76
CA LYS H 34 52.40 -7.16 24.31
C LYS H 34 53.48 -8.12 23.78
N GLY H 35 53.11 -8.94 22.81
CA GLY H 35 54.05 -9.85 22.19
C GLY H 35 54.51 -11.00 23.08
N LYS H 36 53.81 -11.22 24.19
CA LYS H 36 54.22 -12.23 25.15
C LYS H 36 53.64 -13.62 24.85
N SER H 37 52.95 -13.74 23.72
CA SER H 37 52.28 -15.00 23.37
C SER H 37 51.79 -14.99 21.93
N ASN H 40 47.85 -20.31 22.93
CA ASN H 40 46.40 -20.20 23.10
C ASN H 40 45.96 -20.69 24.48
N GLU H 41 45.88 -19.76 25.44
CA GLU H 41 45.56 -20.09 26.82
C GLU H 41 44.07 -20.18 27.12
N CYS H 42 43.22 -20.28 26.10
CA CYS H 42 41.78 -20.28 26.38
C CYS H 42 41.06 -21.50 25.85
N SER H 43 41.83 -22.54 25.57
CA SER H 43 41.30 -23.72 24.91
C SER H 43 40.20 -24.41 25.71
N LYS H 44 40.32 -24.47 27.03
CA LYS H 44 39.26 -25.13 27.78
C LYS H 44 37.94 -24.41 27.57
N GLN H 45 37.91 -23.13 27.94
CA GLN H 45 36.70 -22.35 27.88
C GLN H 45 36.22 -22.31 26.46
N TRP H 46 37.17 -22.16 25.53
CA TRP H 46 36.80 -22.20 24.12
C TRP H 46 36.13 -23.53 23.70
N TYR H 47 36.65 -24.66 24.18
CA TYR H 47 36.09 -25.96 23.87
C TYR H 47 34.63 -26.06 24.35
N ALA H 48 34.39 -25.72 25.62
CA ALA H 48 33.03 -25.79 26.14
C ALA H 48 32.09 -24.91 25.31
N TYR H 49 32.52 -23.66 25.14
CA TYR H 49 31.70 -22.68 24.48
C TYR H 49 31.36 -23.13 23.08
N THR H 50 32.39 -23.56 22.36
CA THR H 50 32.18 -23.84 20.95
C THR H 50 31.41 -25.13 20.71
N THR H 51 31.53 -26.10 21.62
CA THR H 51 30.73 -27.32 21.52
C THR H 51 29.24 -26.96 21.67
N CYS H 52 28.94 -26.17 22.71
CA CYS H 52 27.57 -25.69 22.83
C CYS H 52 27.11 -24.94 21.58
N VAL H 53 27.89 -23.95 21.11
CA VAL H 53 27.43 -23.14 19.96
C VAL H 53 27.18 -23.98 18.76
N ASN H 54 28.09 -24.89 18.42
CA ASN H 54 27.90 -25.69 17.21
C ASN H 54 26.72 -26.64 17.29
N ALA H 55 26.55 -27.23 18.48
CA ALA H 55 25.33 -27.99 18.74
C ALA H 55 24.12 -27.12 18.39
N ALA H 56 24.13 -25.87 18.84
CA ALA H 56 23.02 -24.98 18.55
C ALA H 56 22.90 -24.61 17.06
N LEU H 57 24.03 -24.50 16.38
CA LEU H 57 24.01 -24.06 15.00
C LEU H 57 23.43 -25.12 14.08
N VAL H 58 23.61 -26.41 14.40
CA VAL H 58 23.06 -27.46 13.53
C VAL H 58 21.56 -27.29 13.31
N LYS H 59 20.82 -26.98 14.38
CA LYS H 59 19.39 -26.71 14.26
C LYS H 59 19.09 -25.42 13.47
N GLN H 60 20.04 -24.49 13.41
CA GLN H 60 19.80 -23.20 12.76
C GLN H 60 19.80 -23.30 11.25
N GLY H 61 18.93 -22.52 10.63
CA GLY H 61 18.83 -22.52 9.19
C GLY H 61 19.82 -21.60 8.51
N ILE H 62 20.78 -21.07 9.26
CA ILE H 62 21.74 -20.12 8.69
C ILE H 62 23.06 -20.86 8.41
N LYS H 63 23.19 -22.07 8.97
CA LYS H 63 24.45 -22.86 8.85
C LYS H 63 24.97 -23.06 7.41
N PRO H 64 24.07 -23.32 6.44
CA PRO H 64 24.62 -23.37 5.09
C PRO H 64 25.29 -22.08 4.77
N ALA H 65 24.54 -20.98 4.86
CA ALA H 65 25.05 -19.65 4.48
C ALA H 65 26.30 -19.28 5.26
N LEU H 66 26.32 -19.61 6.54
CA LEU H 66 27.48 -19.33 7.38
C LEU H 66 28.71 -20.15 6.95
N ASP H 67 28.55 -21.44 6.67
CA ASP H 67 29.68 -22.27 6.22
C ASP H 67 30.23 -21.70 4.90
N GLU H 68 29.29 -21.39 4.01
CA GLU H 68 29.64 -20.80 2.76
C GLU H 68 30.42 -19.51 2.96
N ALA H 69 29.97 -18.67 3.88
CA ALA H 69 30.66 -17.38 4.09
C ALA H 69 31.99 -17.57 4.78
N ARG H 70 32.15 -18.71 5.43
CA ARG H 70 33.40 -19.03 6.08
C ARG H 70 34.43 -19.55 5.08
N GLU H 71 33.97 -19.92 3.89
CA GLU H 71 34.91 -20.26 2.83
C GLU H 71 35.46 -19.02 2.08
N GLU H 72 34.80 -17.88 2.25
CA GLU H 72 35.21 -16.66 1.54
C GLU H 72 36.35 -15.97 2.28
N ALA H 73 37.20 -15.28 1.53
CA ALA H 73 38.30 -14.57 2.14
C ALA H 73 38.19 -13.13 1.69
N PRO H 74 37.56 -12.29 2.52
CA PRO H 74 37.28 -10.91 2.14
C PRO H 74 38.53 -10.04 2.19
N PHE H 75 39.57 -10.48 2.88
CA PHE H 75 40.75 -9.63 2.95
C PHE H 75 41.81 -9.96 1.89
N GLU H 76 41.49 -10.89 1.00
CA GLU H 76 42.41 -11.29 -0.06
C GLU H 76 42.07 -10.63 -1.41
N ASN H 77 43.07 -9.92 -1.96
CA ASN H 77 42.91 -9.08 -3.16
C ASN H 77 41.74 -8.10 -3.10
N PRO I 14 -7.53 -20.62 15.40
CA PRO I 14 -6.64 -19.71 16.13
C PRO I 14 -5.21 -20.25 16.28
N MET I 15 -4.25 -19.63 15.61
CA MET I 15 -2.87 -20.11 15.67
C MET I 15 -2.29 -19.80 17.05
N VAL I 16 -1.47 -20.69 17.58
CA VAL I 16 -0.81 -20.43 18.86
C VAL I 16 0.68 -20.71 18.79
N LEU I 17 1.47 -19.73 19.24
CA LEU I 17 2.92 -19.89 19.29
C LEU I 17 3.39 -19.68 20.71
N LEU I 18 4.35 -20.46 21.16
CA LEU I 18 4.78 -20.32 22.53
C LEU I 18 6.26 -19.99 22.51
N HIS I 19 6.68 -19.08 23.40
CA HIS I 19 8.10 -18.79 23.53
C HIS I 19 8.40 -18.83 24.99
N LYS I 20 9.62 -19.14 25.37
CA LYS I 20 10.02 -19.13 26.75
C LYS I 20 11.38 -18.48 26.87
N SER I 21 11.69 -17.98 28.04
CA SER I 21 12.91 -17.22 28.29
C SER I 21 13.28 -17.38 29.76
N THR I 22 14.55 -17.19 30.09
CA THR I 22 15.01 -17.27 31.48
C THR I 22 16.02 -16.17 31.69
N HIS I 23 15.97 -15.52 32.85
CA HIS I 23 16.97 -14.50 33.15
C HIS I 23 17.47 -14.64 34.58
N ILE I 24 18.68 -14.15 34.83
CA ILE I 24 19.25 -14.17 36.15
C ILE I 24 19.63 -12.76 36.55
N PHE I 25 19.11 -12.29 37.68
CA PHE I 25 19.49 -10.99 38.23
C PHE I 25 20.54 -11.20 39.33
N PRO I 26 21.71 -10.58 39.18
CA PRO I 26 22.77 -10.65 40.19
C PRO I 26 22.51 -9.69 41.37
N THR I 27 21.34 -9.75 42.00
CA THR I 27 21.00 -8.86 43.11
C THR I 27 19.78 -9.39 43.87
N ASP I 28 19.33 -8.67 44.91
CA ASP I 28 18.30 -9.21 45.83
C ASP I 28 16.82 -9.02 45.45
N PHE I 29 16.01 -10.03 45.82
CA PHE I 29 14.60 -10.08 45.48
C PHE I 29 13.88 -8.78 45.77
N ALA I 30 14.19 -8.16 46.91
CA ALA I 30 13.56 -6.91 47.27
C ALA I 30 13.79 -5.86 46.19
N SER I 31 15.03 -5.81 45.67
CA SER I 31 15.34 -4.84 44.61
C SER I 31 14.74 -5.21 43.25
N VAL I 32 14.69 -6.50 42.94
CA VAL I 32 14.08 -6.90 41.68
C VAL I 32 12.60 -6.55 41.69
N SER I 33 11.84 -7.09 42.65
CA SER I 33 10.40 -6.81 42.75
C SER I 33 10.09 -5.32 42.91
N ARG I 34 10.83 -4.61 43.76
CA ARG I 34 10.63 -3.17 43.77
C ARG I 34 10.86 -2.56 42.38
N ALA I 35 11.91 -3.01 41.68
CA ALA I 35 12.21 -2.48 40.33
C ALA I 35 11.07 -2.75 39.34
N PHE I 36 10.52 -3.97 39.43
CA PHE I 36 9.39 -4.40 38.62
C PHE I 36 8.23 -3.45 38.82
N PHE I 37 7.94 -3.11 40.08
CA PHE I 37 6.90 -2.13 40.33
C PHE I 37 7.33 -0.74 39.82
N ASN I 38 8.62 -0.52 39.60
CA ASN I 38 9.02 0.79 39.13
C ASN I 38 9.74 0.89 37.78
N ARG I 39 9.56 -0.13 36.95
CA ARG I 39 10.33 -0.23 35.73
C ARG I 39 9.98 0.80 34.64
N TYR I 40 8.96 1.63 34.84
CA TYR I 40 8.63 2.68 33.86
C TYR I 40 8.50 4.05 34.53
N PRO I 41 8.86 5.12 33.81
CA PRO I 41 9.38 5.01 32.45
C PRO I 41 10.88 4.73 32.49
N ASN I 42 11.41 4.21 31.39
CA ASN I 42 12.85 4.01 31.21
C ASN I 42 13.13 4.06 29.71
N PRO I 43 14.37 4.45 29.31
CA PRO I 43 14.71 4.74 27.92
C PRO I 43 14.61 3.56 26.94
N TYR I 44 14.63 2.33 27.45
CA TYR I 44 14.60 1.16 26.58
C TYR I 44 13.19 0.61 26.37
N SER I 45 12.24 1.23 27.04
CA SER I 45 10.85 0.88 26.83
C SER I 45 10.10 2.20 26.59
N PRO I 46 10.31 2.81 25.42
CA PRO I 46 9.73 4.12 25.13
C PRO I 46 8.28 4.05 24.75
N HIS I 47 7.79 2.86 24.39
CA HIS I 47 6.43 2.76 23.90
C HIS I 47 5.40 2.79 25.04
N VAL I 48 5.90 2.80 26.26
CA VAL I 48 5.05 2.84 27.43
C VAL I 48 4.60 4.28 27.60
N LEU I 49 3.30 4.51 27.55
CA LEU I 49 2.77 5.84 27.64
C LEU I 49 2.42 6.15 29.10
N SER I 50 1.74 5.19 29.73
CA SER I 50 1.33 5.34 31.11
C SER I 50 1.15 3.99 31.77
N ILE I 51 1.35 3.96 33.09
CA ILE I 51 1.04 2.79 33.90
C ILE I 51 0.18 3.27 35.09
N ASP I 52 -0.90 2.56 35.42
CA ASP I 52 -1.76 2.90 36.57
C ASP I 52 -2.02 1.68 37.43
N THR I 53 -2.09 1.88 38.74
CA THR I 53 -2.44 0.82 39.68
C THR I 53 -3.97 0.80 39.88
N ILE I 54 -4.59 -0.32 39.46
CA ILE I 54 -6.04 -0.51 39.53
C ILE I 54 -6.52 -1.01 40.88
N SER I 55 -5.82 -1.97 41.44
CA SER I 55 -6.18 -2.46 42.76
C SER I 55 -4.98 -3.10 43.42
N ARG I 56 -4.87 -2.93 44.72
CA ARG I 56 -3.80 -3.57 45.45
C ARG I 56 -4.23 -3.87 46.87
N ASN I 57 -4.07 -5.12 47.29
CA ASN I 57 -4.27 -5.43 48.69
C ASN I 57 -3.50 -6.66 49.10
N VAL I 58 -3.37 -6.88 50.41
CA VAL I 58 -2.75 -8.10 50.89
C VAL I 58 -3.85 -9.12 51.16
N ASP I 59 -3.72 -10.31 50.59
CA ASP I 59 -4.76 -11.35 50.67
C ASP I 59 -4.72 -12.18 51.95
N GLN I 60 -5.57 -13.20 51.99
CA GLN I 60 -5.67 -14.12 53.12
C GLN I 60 -4.34 -14.72 53.58
N GLU I 61 -3.50 -15.14 52.64
CA GLU I 61 -2.24 -15.80 52.99
C GLU I 61 -1.05 -14.83 53.14
N GLY I 62 -1.32 -13.54 53.17
CA GLY I 62 -0.25 -12.58 53.40
C GLY I 62 0.52 -12.20 52.15
N ASN I 63 -0.03 -12.55 51.00
CA ASN I 63 0.57 -12.23 49.71
C ASN I 63 0.01 -10.93 49.18
N LEU I 64 0.86 -10.13 48.55
CA LEU I 64 0.44 -8.89 47.91
C LEU I 64 -0.13 -9.16 46.53
N ARG I 65 -1.34 -8.70 46.29
CA ARG I 65 -1.98 -8.90 45.00
C ARG I 65 -2.21 -7.55 44.36
N THR I 66 -1.57 -7.32 43.20
CA THR I 66 -1.75 -6.07 42.52
C THR I 66 -2.28 -6.27 41.11
N THR I 67 -3.10 -5.32 40.65
CA THR I 67 -3.47 -5.24 39.26
C THR I 67 -3.23 -3.85 38.77
N ARG I 68 -2.48 -3.74 37.66
CA ARG I 68 -2.17 -2.46 37.05
C ARG I 68 -2.60 -2.39 35.59
N LEU I 69 -2.74 -1.16 35.10
CA LEU I 69 -3.17 -0.88 33.75
C LEU I 69 -2.13 -0.03 32.98
N LEU I 70 -1.59 -0.55 31.87
CA LEU I 70 -0.62 0.19 31.06
C LEU I 70 -1.21 0.54 29.71
N LYS I 71 -0.78 1.66 29.15
CA LYS I 71 -1.12 1.94 27.76
C LYS I 71 0.21 2.03 27.00
N LYS I 72 0.37 1.25 25.94
CA LYS I 72 1.55 1.41 25.11
C LYS I 72 1.07 1.74 23.72
N SER I 73 1.92 2.42 22.96
CA SER I 73 1.62 2.69 21.57
C SER I 73 2.39 1.78 20.65
N GLY I 74 1.83 1.54 19.48
CA GLY I 74 2.52 0.78 18.46
C GLY I 74 1.65 0.59 17.24
N LYS I 75 2.30 0.19 16.16
CA LYS I 75 1.62 -0.01 14.89
C LYS I 75 1.28 -1.47 14.71
N LEU I 76 0.11 -1.74 14.14
CA LEU I 76 -0.19 -3.09 13.70
C LEU I 76 0.83 -3.35 12.58
N PRO I 77 1.24 -4.63 12.42
CA PRO I 77 2.29 -4.94 11.42
C PRO I 77 1.82 -4.51 10.04
N THR I 78 2.70 -3.92 9.23
CA THR I 78 2.26 -3.24 7.99
C THR I 78 1.47 -4.13 7.04
N TRP I 79 1.76 -5.43 7.05
CA TRP I 79 1.11 -6.32 6.10
C TRP I 79 -0.30 -6.73 6.51
N VAL I 80 -0.67 -6.46 7.75
CA VAL I 80 -2.02 -6.78 8.21
C VAL I 80 -3.00 -5.63 7.91
N LYS I 81 -2.44 -4.46 7.57
CA LYS I 81 -3.25 -3.26 7.29
C LYS I 81 -4.39 -3.42 6.27
N PRO I 82 -4.13 -4.03 5.09
CA PRO I 82 -5.24 -4.11 4.11
C PRO I 82 -6.43 -4.95 4.53
N PHE I 83 -6.31 -5.72 5.61
CA PHE I 83 -7.41 -6.51 6.14
C PHE I 83 -8.26 -5.72 7.15
N GLY I 86 -6.71 -0.54 11.55
CA GLY I 86 -5.84 -0.73 12.69
C GLY I 86 -6.06 0.29 13.79
N ILE I 87 -5.19 0.32 14.80
CA ILE I 87 -5.31 1.28 15.91
C ILE I 87 -3.96 1.62 16.51
N THR I 88 -3.80 2.89 16.89
CA THR I 88 -2.53 3.39 17.39
C THR I 88 -2.11 3.01 18.82
N GLU I 89 -3.08 2.79 19.71
CA GLU I 89 -2.75 2.47 21.10
C GLU I 89 -3.36 1.18 21.60
N THR I 90 -2.62 0.47 22.45
CA THR I 90 -3.10 -0.75 23.10
C THR I 90 -3.04 -0.68 24.65
N TRP I 91 -4.12 -1.13 25.30
CA TRP I 91 -4.18 -1.29 26.78
C TRP I 91 -3.73 -2.68 27.22
N ILE I 92 -2.98 -2.71 28.31
CA ILE I 92 -2.43 -3.93 28.83
C ILE I 92 -2.70 -4.06 30.31
N ILE I 93 -3.20 -5.20 30.72
CA ILE I 93 -3.40 -5.49 32.11
C ILE I 93 -2.20 -6.28 32.64
N GLU I 94 -1.76 -5.94 33.84
CA GLU I 94 -0.67 -6.63 34.50
C GLU I 94 -1.13 -7.02 35.91
N VAL I 95 -1.07 -8.30 36.20
CA VAL I 95 -1.57 -8.85 37.45
C VAL I 95 -0.44 -9.60 38.13
N SER I 96 -0.22 -9.32 39.40
CA SER I 96 0.93 -9.88 40.07
C SER I 96 0.63 -10.31 41.51
N VAL I 97 1.35 -11.35 41.94
CA VAL I 97 1.31 -11.83 43.31
C VAL I 97 2.71 -11.81 43.85
N VAL I 98 2.91 -11.23 45.04
CA VAL I 98 4.22 -11.32 45.68
C VAL I 98 4.11 -12.07 46.97
N ASN I 99 4.97 -13.06 47.16
CA ASN I 99 5.05 -13.79 48.42
C ASN I 99 6.38 -13.47 49.10
N PRO I 100 6.33 -12.62 50.13
CA PRO I 100 7.52 -12.07 50.80
C PRO I 100 8.22 -13.12 51.64
N ALA I 101 7.47 -14.15 52.08
CA ALA I 101 8.03 -15.25 52.84
C ALA I 101 9.06 -16.02 52.01
N ASN I 102 8.58 -16.59 50.91
CA ASN I 102 9.40 -17.40 50.02
C ASN I 102 10.31 -16.58 49.11
N SER I 103 10.16 -15.26 49.16
CA SER I 103 10.76 -14.37 48.17
C SER I 103 10.43 -14.79 46.74
N THR I 104 9.14 -14.90 46.40
CA THR I 104 8.75 -15.30 45.04
C THR I 104 7.69 -14.35 44.46
N LYS I 106 4.88 -13.74 40.93
CA LYS I 106 4.36 -14.20 39.67
C LYS I 106 3.65 -13.04 39.00
N THR I 107 3.84 -12.89 37.70
CA THR I 107 3.24 -11.80 36.95
C THR I 107 2.55 -12.35 35.71
N TYR I 108 1.55 -11.60 35.26
CA TYR I 108 0.78 -11.98 34.11
C TYR I 108 0.42 -10.69 33.38
N THR I 109 0.76 -10.59 32.10
CA THR I 109 0.34 -9.42 31.34
C THR I 109 -0.39 -9.91 30.12
N ARG I 110 -1.33 -9.10 29.66
CA ARG I 110 -1.91 -9.36 28.35
C ARG I 110 -2.59 -8.10 27.87
N ASN I 111 -2.82 -8.04 26.56
CA ASN I 111 -3.52 -6.91 25.98
C ASN I 111 -5.02 -7.05 26.28
N LEU I 112 -5.68 -5.92 26.52
CA LEU I 112 -7.11 -5.90 26.81
C LEU I 112 -7.96 -5.80 25.56
N ASP I 113 -7.47 -5.03 24.58
CA ASP I 113 -8.18 -4.83 23.32
C ASP I 113 -7.39 -5.35 22.13
N HIS I 114 -8.00 -5.31 20.94
CA HIS I 114 -7.46 -5.88 19.72
C HIS I 114 -7.28 -7.38 19.85
N THR I 115 -8.03 -7.98 20.77
CA THR I 115 -7.91 -9.41 21.08
C THR I 115 -8.45 -10.30 19.96
N GLY I 116 -9.25 -9.71 19.08
CA GLY I 116 -9.78 -10.43 17.95
C GLY I 116 -8.65 -10.76 17.01
N ILE I 117 -7.77 -9.79 16.83
CA ILE I 117 -6.61 -9.97 15.99
C ILE I 117 -5.60 -10.90 16.67
N LYS I 119 -3.77 -12.04 20.73
CA LYS I 119 -3.65 -11.95 22.18
C LYS I 119 -2.24 -12.38 22.55
N VAL I 120 -1.54 -11.56 23.32
CA VAL I 120 -0.20 -11.91 23.73
C VAL I 120 -0.20 -12.04 25.22
N GLU I 121 -0.02 -13.25 25.73
CA GLU I 121 -0.01 -13.45 27.16
C GLU I 121 1.36 -13.76 27.70
N GLU I 122 1.78 -13.10 28.78
CA GLU I 122 3.09 -13.43 29.31
C GLU I 122 3.02 -13.71 30.78
N TYR I 123 3.44 -14.92 31.16
CA TYR I 123 3.58 -15.31 32.55
C TYR I 123 5.05 -15.20 32.89
N THR I 124 5.37 -14.65 34.06
CA THR I 124 6.75 -14.62 34.49
C THR I 124 6.79 -14.97 35.98
N THR I 125 7.62 -15.92 36.42
CA THR I 125 7.77 -16.14 37.86
C THR I 125 9.20 -15.85 38.30
N TYR I 126 9.35 -14.98 39.30
CA TYR I 126 10.63 -14.62 39.92
C TYR I 126 10.80 -15.45 41.19
N GLN I 127 12.01 -15.97 41.43
CA GLN I 127 12.25 -16.78 42.63
C GLN I 127 13.68 -16.56 43.11
N PHE I 128 13.89 -16.56 44.44
CA PHE I 128 15.25 -16.35 44.92
C PHE I 128 16.07 -17.64 45.01
N ASP I 129 17.34 -17.53 44.62
CA ASP I 129 18.31 -18.62 44.69
C ASP I 129 19.56 -18.21 45.47
N SER I 134 21.13 -14.72 44.09
CA SER I 134 20.61 -14.06 42.89
C SER I 134 19.15 -14.47 42.63
N THR I 135 18.43 -13.60 41.93
CA THR I 135 17.01 -13.82 41.60
C THR I 135 16.74 -14.34 40.17
N ILE I 136 16.10 -15.52 40.08
CA ILE I 136 15.85 -16.22 38.82
C ILE I 136 14.44 -16.01 38.24
N ALA I 137 14.39 -15.53 37.00
CA ALA I 137 13.12 -15.21 36.35
C ALA I 137 12.73 -16.13 35.19
N ASP I 138 11.58 -16.81 35.29
CA ASP I 138 11.10 -17.68 34.21
C ASP I 138 9.92 -17.11 33.43
N SER I 139 10.10 -16.86 32.14
CA SER I 139 9.03 -16.26 31.34
C SER I 139 8.52 -17.21 30.29
N ARG I 140 7.21 -17.22 30.09
CA ARG I 140 6.68 -17.89 28.94
C ARG I 140 5.57 -17.03 28.33
N VAL I 141 5.66 -16.83 27.03
CA VAL I 141 4.74 -15.98 26.29
C VAL I 141 3.96 -16.88 25.36
N LYS I 142 2.66 -16.69 25.29
CA LYS I 142 1.81 -17.39 24.36
C LYS I 142 1.23 -16.34 23.44
N PHE I 143 1.57 -16.41 22.16
CA PHE I 143 0.96 -15.54 21.18
C PHE I 143 -0.19 -16.34 20.60
N SER I 144 -1.32 -15.68 20.40
CA SER I 144 -2.49 -16.34 19.85
C SER I 144 -3.01 -15.44 18.77
N SER I 145 -3.23 -16.01 17.60
CA SER I 145 -3.60 -15.21 16.46
C SER I 145 -4.88 -15.66 15.81
N GLY I 146 -5.42 -14.75 15.01
CA GLY I 146 -6.65 -14.92 14.27
C GLY I 146 -6.48 -14.12 12.99
N PHE I 147 -5.26 -13.61 12.81
CA PHE I 147 -4.83 -12.93 11.58
C PHE I 147 -5.25 -13.77 10.37
N ASN I 148 -5.11 -15.08 10.49
CA ASN I 148 -5.61 -16.01 9.48
C ASN I 148 -7.11 -15.82 9.20
N MET I 149 -7.91 -15.73 10.26
CA MET I 149 -9.36 -15.54 10.14
C MET I 149 -9.78 -14.22 9.48
N GLY I 150 -8.93 -13.19 9.58
CA GLY I 150 -9.21 -11.91 8.97
C GLY I 150 -9.17 -11.93 7.44
N ILE I 151 -8.15 -12.58 6.88
CA ILE I 151 -8.01 -12.75 5.43
C ILE I 151 -9.24 -13.46 4.85
N LYS I 152 -9.63 -14.56 5.50
CA LYS I 152 -10.79 -15.35 5.06
C LYS I 152 -12.05 -14.50 4.78
N SER I 153 -12.29 -13.47 5.58
CA SER I 153 -13.42 -12.58 5.29
C SER I 153 -13.26 -11.83 3.96
N LYS I 154 -12.13 -11.14 3.76
CA LYS I 154 -11.92 -10.35 2.56
C LYS I 154 -11.93 -11.23 1.31
N VAL I 155 -11.29 -12.39 1.43
CA VAL I 155 -11.27 -13.40 0.36
C VAL I 155 -12.67 -13.95 0.05
N GLU I 156 -13.45 -14.26 1.09
CA GLU I 156 -14.85 -14.66 0.86
C GLU I 156 -15.58 -13.58 0.04
N ASP I 157 -15.45 -12.31 0.44
CA ASP I 157 -16.11 -11.23 -0.30
C ASP I 157 -15.68 -11.16 -1.76
N TRP I 158 -14.36 -11.19 -1.97
CA TRP I 158 -13.77 -11.14 -3.31
C TRP I 158 -14.36 -12.27 -4.15
N SER I 159 -14.32 -13.47 -3.57
CA SER I 159 -14.82 -14.66 -4.23
C SER I 159 -16.26 -14.48 -4.66
N ARG I 160 -17.09 -13.99 -3.74
CA ARG I 160 -18.49 -13.77 -4.06
C ARG I 160 -18.62 -12.87 -5.27
N THR I 161 -18.04 -11.67 -5.19
CA THR I 161 -18.20 -10.65 -6.21
C THR I 161 -17.73 -11.16 -7.57
N LYS I 162 -16.55 -11.79 -7.57
CA LYS I 162 -15.98 -12.41 -8.77
C LYS I 162 -16.93 -13.44 -9.38
N PHE I 163 -17.48 -14.31 -8.53
CA PHE I 163 -18.38 -15.34 -9.00
C PHE I 163 -19.62 -14.75 -9.62
N ASP I 164 -20.17 -13.74 -8.98
CA ASP I 164 -21.34 -13.06 -9.56
C ASP I 164 -21.03 -12.47 -10.94
N GLU I 165 -19.91 -11.74 -11.02
CA GLU I 165 -19.43 -11.14 -12.28
C GLU I 165 -19.39 -12.21 -13.38
N ASN I 166 -18.74 -13.32 -13.07
CA ASN I 166 -18.54 -14.39 -14.04
C ASN I 166 -19.83 -15.08 -14.43
N VAL I 167 -20.74 -15.24 -13.48
CA VAL I 167 -22.03 -15.85 -13.77
C VAL I 167 -22.73 -14.99 -14.81
N LYS I 168 -22.70 -13.67 -14.60
CA LYS I 168 -23.24 -12.76 -15.61
C LYS I 168 -22.58 -12.96 -16.97
N LYS I 169 -21.26 -12.83 -17.04
CA LYS I 169 -20.54 -13.00 -18.31
C LYS I 169 -20.77 -14.34 -19.04
N SER I 170 -20.80 -15.46 -18.31
CA SER I 170 -21.11 -16.76 -18.89
C SER I 170 -22.49 -16.78 -19.51
N ARG I 171 -23.51 -16.40 -18.73
CA ARG I 171 -24.89 -16.41 -19.24
C ARG I 171 -25.04 -15.54 -20.47
N GLY I 173 -22.72 -14.06 -22.51
CA GLY I 173 -21.87 -14.42 -23.63
C GLY I 173 -22.51 -15.56 -24.38
N ALA I 175 -25.64 -16.61 -24.39
CA ALA I 175 -26.87 -16.21 -25.06
C ALA I 175 -26.55 -15.48 -26.37
N PHE I 176 -25.58 -14.56 -26.30
CA PHE I 176 -25.15 -13.78 -27.47
C PHE I 176 -24.75 -14.69 -28.62
N VAL I 177 -23.85 -15.64 -28.34
CA VAL I 177 -23.39 -16.54 -29.38
C VAL I 177 -24.54 -17.46 -29.87
N ILE I 178 -25.39 -17.95 -28.97
CA ILE I 178 -26.50 -18.82 -29.36
C ILE I 178 -27.42 -18.14 -30.38
N GLN I 179 -27.61 -16.83 -30.21
CA GLN I 179 -28.28 -16.00 -31.22
C GLN I 179 -27.60 -16.08 -32.60
N MET J 5 9.49 9.04 37.10
CA MET J 5 8.20 8.75 37.74
C MET J 5 7.00 8.72 36.75
N SER J 6 6.23 7.63 36.84
CA SER J 6 5.19 7.27 35.89
C SER J 6 4.01 8.23 35.77
N ALA J 7 3.49 8.29 34.56
CA ALA J 7 2.32 9.10 34.28
C ALA J 7 1.12 8.17 34.31
N SER J 8 -0.02 8.71 34.74
CA SER J 8 -1.29 8.02 34.68
C SER J 8 -1.86 8.28 33.27
N PHE J 9 -2.77 7.44 32.79
CA PHE J 9 -3.35 7.68 31.48
C PHE J 9 -4.19 8.93 31.47
N ALA J 10 -4.62 9.33 32.66
CA ALA J 10 -5.36 10.57 32.84
C ALA J 10 -4.45 11.48 33.64
N PRO J 11 -3.91 12.50 32.98
CA PRO J 11 -2.91 13.45 33.47
C PRO J 11 -3.33 14.10 34.79
N GLU J 12 -4.62 14.42 34.90
CA GLU J 12 -5.18 14.99 36.13
C GLU J 12 -4.87 14.13 37.39
N CYS J 13 -4.73 12.82 37.21
CA CYS J 13 -4.43 11.92 38.30
C CYS J 13 -2.95 11.73 38.57
N THR J 14 -2.10 12.18 37.66
CA THR J 14 -0.68 11.85 37.72
C THR J 14 0.00 12.23 39.03
N ASP J 15 -0.27 13.44 39.50
CA ASP J 15 0.33 13.96 40.71
C ASP J 15 0.03 13.09 41.94
N LEU J 16 -1.27 12.81 42.10
CA LEU J 16 -1.80 11.96 43.16
C LEU J 16 -1.15 10.60 43.10
N LYS J 17 -1.20 10.01 41.90
CA LYS J 17 -0.57 8.72 41.63
C LYS J 17 0.88 8.71 42.12
N THR J 18 1.58 9.80 41.89
CA THR J 18 2.96 9.93 42.39
C THR J 18 3.01 9.84 43.91
N LYS J 19 2.13 10.58 44.59
CA LYS J 19 2.02 10.45 46.06
C LYS J 19 1.70 9.00 46.55
N TYR J 20 0.69 8.38 45.95
CA TYR J 20 0.36 7.01 46.35
C TYR J 20 1.56 6.09 46.15
N ASP J 21 2.18 6.17 44.97
CA ASP J 21 3.30 5.29 44.64
C ASP J 21 4.48 5.49 45.57
N SER J 22 4.79 6.75 45.88
CA SER J 22 5.88 7.04 46.82
C SER J 22 5.64 6.33 48.15
N CYS J 23 4.46 6.59 48.73
CA CYS J 23 4.09 5.93 49.98
C CYS J 23 4.16 4.40 49.88
N PHE J 24 3.56 3.85 48.84
CA PHE J 24 3.54 2.40 48.67
C PHE J 24 4.94 1.84 48.60
N ASN J 25 5.83 2.55 47.90
CA ASN J 25 7.22 2.13 47.78
C ASN J 25 7.85 2.01 49.15
N GLU J 26 7.73 3.05 49.98
CA GLU J 26 8.33 2.89 51.29
C GLU J 26 7.70 1.73 52.10
N TRP J 27 6.37 1.59 52.05
CA TRP J 27 5.74 0.53 52.84
C TRP J 27 6.22 -0.81 52.34
N TYR J 28 6.40 -0.94 51.03
CA TYR J 28 6.79 -2.21 50.43
C TYR J 28 8.23 -2.59 50.77
N SER J 29 9.13 -1.63 50.64
CA SER J 29 10.55 -1.91 50.84
C SER J 29 10.84 -2.08 52.31
N GLU J 30 10.29 -1.22 53.15
CA GLU J 30 10.69 -1.20 54.56
C GLU J 30 9.86 -2.11 55.46
N LYS J 31 8.57 -2.24 55.18
CA LYS J 31 7.65 -2.95 56.09
C LYS J 31 7.12 -4.28 55.56
N PHE J 32 6.50 -4.29 54.39
CA PHE J 32 5.90 -5.53 53.91
C PHE J 32 6.92 -6.63 53.67
N LEU J 33 7.97 -6.32 52.91
CA LEU J 33 9.03 -7.28 52.59
C LEU J 33 9.88 -7.68 53.79
N LYS J 34 9.89 -6.85 54.82
CA LYS J 34 10.63 -7.15 56.03
C LYS J 34 9.77 -7.92 57.03
N GLY J 35 8.58 -8.35 56.58
CA GLY J 35 7.66 -9.13 57.39
C GLY J 35 6.97 -8.43 58.56
N LYS J 36 7.09 -7.11 58.58
CA LYS J 36 6.59 -6.25 59.65
C LYS J 36 5.15 -5.75 59.46
N SER J 37 4.46 -6.22 58.42
CA SER J 37 3.14 -5.67 58.09
C SER J 37 2.38 -6.54 57.10
N VAL J 38 1.05 -6.61 57.25
CA VAL J 38 0.18 -7.26 56.26
C VAL J 38 -1.04 -6.41 55.96
N GLU J 39 -0.88 -5.10 56.16
CA GLU J 39 -1.96 -4.13 55.93
C GLU J 39 -1.58 -3.04 54.92
N ASN J 40 -2.56 -2.27 54.48
CA ASN J 40 -2.31 -1.19 53.53
C ASN J 40 -2.25 0.13 54.28
N GLU J 41 -1.03 0.56 54.59
CA GLU J 41 -0.84 1.81 55.33
C GLU J 41 -0.90 3.07 54.46
N CYS J 42 -1.51 3.00 53.28
CA CYS J 42 -1.47 4.14 52.36
C CYS J 42 -2.85 4.66 51.98
N SER J 43 -3.82 4.45 52.87
CA SER J 43 -5.23 4.65 52.60
C SER J 43 -5.67 6.03 52.15
N LYS J 44 -5.07 7.07 52.70
CA LYS J 44 -5.40 8.44 52.28
C LYS J 44 -5.11 8.69 50.78
N GLN J 45 -3.81 8.54 50.42
CA GLN J 45 -3.29 8.73 49.06
C GLN J 45 -3.89 7.74 48.08
N TRP J 46 -4.05 6.50 48.53
CA TRP J 46 -4.74 5.55 47.69
C TRP J 46 -6.14 5.99 47.35
N TYR J 47 -6.90 6.45 48.36
CA TYR J 47 -8.29 6.84 48.13
C TYR J 47 -8.33 7.98 47.09
N ALA J 48 -7.52 9.02 47.34
CA ALA J 48 -7.49 10.16 46.43
C ALA J 48 -7.24 9.72 44.98
N TYR J 49 -6.15 8.97 44.83
CA TYR J 49 -5.77 8.47 43.53
C TYR J 49 -6.88 7.65 42.87
N THR J 50 -7.43 6.70 43.59
CA THR J 50 -8.32 5.72 42.99
C THR J 50 -9.64 6.33 42.59
N THR J 51 -10.00 7.40 43.30
CA THR J 51 -11.17 8.18 42.92
C THR J 51 -10.97 8.96 41.63
N CYS J 52 -9.86 9.72 41.58
CA CYS J 52 -9.55 10.46 40.34
C CYS J 52 -9.49 9.55 39.10
N VAL J 53 -8.72 8.47 39.24
CA VAL J 53 -8.58 7.51 38.16
C VAL J 53 -9.89 6.91 37.75
N ASN J 54 -10.70 6.42 38.69
CA ASN J 54 -11.96 5.77 38.29
C ASN J 54 -12.94 6.73 37.61
N ALA J 55 -12.88 7.99 38.03
CA ALA J 55 -13.56 9.04 37.28
C ALA J 55 -13.12 8.98 35.81
N ALA J 56 -11.80 8.95 35.56
CA ALA J 56 -11.32 8.84 34.17
C ALA J 56 -11.66 7.53 33.46
N LEU J 57 -11.61 6.44 34.19
CA LEU J 57 -11.74 5.13 33.60
C LEU J 57 -13.17 4.86 33.12
N VAL J 58 -14.17 5.50 33.74
CA VAL J 58 -15.53 5.38 33.18
C VAL J 58 -15.63 5.97 31.72
N LYS J 59 -14.95 7.08 31.45
CA LYS J 59 -14.95 7.70 30.11
C LYS J 59 -14.36 6.81 29.02
N GLN J 60 -13.37 6.02 29.40
CA GLN J 60 -12.61 5.16 28.50
C GLN J 60 -13.45 3.93 28.17
N GLY J 61 -13.35 3.44 26.95
CA GLY J 61 -14.12 2.27 26.53
C GLY J 61 -13.57 0.93 27.01
N ILE J 62 -12.72 0.98 28.04
CA ILE J 62 -11.94 -0.20 28.43
C ILE J 62 -12.45 -0.92 29.68
N LYS J 63 -13.29 -0.26 30.46
CA LYS J 63 -13.78 -0.84 31.71
C LYS J 63 -14.40 -2.25 31.62
N PRO J 64 -15.23 -2.52 30.58
CA PRO J 64 -15.73 -3.90 30.42
C PRO J 64 -14.64 -4.96 30.32
N ALA J 65 -13.75 -4.82 29.34
CA ALA J 65 -12.66 -5.77 29.09
C ALA J 65 -11.75 -5.95 30.30
N LEU J 66 -11.44 -4.84 30.95
CA LEU J 66 -10.59 -4.83 32.13
C LEU J 66 -11.26 -5.63 33.25
N ASP J 67 -12.57 -5.41 33.42
CA ASP J 67 -13.35 -6.11 34.43
C ASP J 67 -13.36 -7.60 34.14
N GLU J 68 -13.57 -7.98 32.88
CA GLU J 68 -13.53 -9.39 32.46
C GLU J 68 -12.19 -10.04 32.77
N ALA J 69 -11.09 -9.33 32.52
CA ALA J 69 -9.76 -9.85 32.82
C ALA J 69 -9.48 -9.85 34.34
N ARG J 70 -10.27 -9.08 35.09
CA ARG J 70 -10.20 -9.11 36.56
C ARG J 70 -11.06 -10.22 37.19
N GLU J 71 -12.02 -10.75 36.43
CA GLU J 71 -12.78 -11.90 36.92
C GLU J 71 -11.99 -13.18 36.61
N GLU J 72 -11.01 -13.04 35.73
CA GLU J 72 -10.13 -14.16 35.38
C GLU J 72 -8.99 -14.27 36.39
N ALA J 73 -8.56 -15.50 36.64
CA ALA J 73 -7.44 -15.72 37.54
C ALA J 73 -6.41 -16.57 36.77
N PRO J 74 -5.46 -15.88 36.12
CA PRO J 74 -4.49 -16.47 35.21
C PRO J 74 -3.47 -17.32 35.95
N PHE J 75 -3.53 -17.34 37.27
CA PHE J 75 -2.57 -18.10 38.05
C PHE J 75 -3.10 -19.48 38.37
N PRO K 14 -5.71 24.94 4.69
CA PRO K 14 -4.49 24.60 5.43
C PRO K 14 -4.74 24.29 6.91
N MET K 15 -4.56 23.03 7.32
CA MET K 15 -4.83 22.64 8.72
C MET K 15 -3.83 23.23 9.69
N VAL K 16 -4.33 23.76 10.79
CA VAL K 16 -3.49 24.29 11.86
C VAL K 16 -3.93 23.73 13.20
N LEU K 17 -2.98 23.16 13.92
CA LEU K 17 -3.25 22.67 15.25
C LEU K 17 -2.33 23.35 16.26
N LEU K 18 -2.85 23.57 17.45
CA LEU K 18 -2.08 24.22 18.50
C LEU K 18 -2.11 23.26 19.68
N HIS K 19 -1.01 23.17 20.41
CA HIS K 19 -0.99 22.40 21.66
C HIS K 19 -0.20 23.12 22.74
N LYS K 20 -0.53 22.87 24.00
CA LYS K 20 0.22 23.46 25.11
C LYS K 20 0.49 22.42 26.18
N SER K 21 1.58 22.62 26.91
CA SER K 21 1.93 21.71 28.00
C SER K 21 2.82 22.51 28.95
N THR K 22 2.85 22.13 30.21
CA THR K 22 3.67 22.81 31.21
C THR K 22 4.34 21.80 32.14
N HIS K 23 5.60 22.07 32.50
CA HIS K 23 6.30 21.23 33.47
C HIS K 23 7.00 22.06 34.53
N ILE K 24 7.21 21.48 35.71
CA ILE K 24 7.88 22.19 36.77
C ILE K 24 9.19 21.48 37.12
N PHE K 25 10.31 22.16 36.94
CA PHE K 25 11.58 21.58 37.33
C PHE K 25 11.94 22.08 38.71
N PRO K 26 12.02 21.16 39.68
CA PRO K 26 12.37 21.48 41.07
C PRO K 26 13.85 21.84 41.22
N THR K 27 14.30 22.85 40.48
CA THR K 27 15.71 23.25 40.50
C THR K 27 15.94 24.65 39.92
N ASP K 28 17.19 25.15 39.98
CA ASP K 28 17.44 26.56 39.66
C ASP K 28 17.65 26.89 38.18
N PHE K 29 17.25 28.10 37.80
CA PHE K 29 17.30 28.55 36.40
C PHE K 29 18.65 28.28 35.71
N ALA K 30 19.76 28.48 36.42
CA ALA K 30 21.07 28.20 35.86
C ALA K 30 21.13 26.75 35.42
N SER K 31 20.58 25.86 36.23
CA SER K 31 20.65 24.44 35.91
C SER K 31 19.78 24.04 34.73
N VAL K 32 18.55 24.52 34.72
CA VAL K 32 17.63 24.15 33.66
C VAL K 32 18.14 24.71 32.33
N SER K 33 18.38 26.01 32.27
CA SER K 33 18.85 26.61 31.05
C SER K 33 20.19 26.03 30.57
N ARG K 34 21.16 25.84 31.47
CA ARG K 34 22.42 25.19 31.07
C ARG K 34 22.21 23.79 30.50
N ALA K 35 21.35 23.01 31.16
CA ALA K 35 21.04 21.69 30.67
C ALA K 35 20.47 21.81 29.26
N PHE K 36 19.61 22.80 29.06
CA PHE K 36 19.06 23.03 27.72
C PHE K 36 20.21 23.22 26.68
N PHE K 37 21.22 24.01 27.00
CA PHE K 37 22.32 24.15 26.04
C PHE K 37 23.13 22.85 25.86
N ASN K 38 23.00 21.93 26.81
CA ASN K 38 23.71 20.67 26.68
C ASN K 38 22.82 19.44 26.67
N ARG K 39 21.56 19.63 26.27
CA ARG K 39 20.55 18.57 26.41
C ARG K 39 20.74 17.34 25.52
N TYR K 40 21.71 17.36 24.60
CA TYR K 40 22.01 16.18 23.79
C TYR K 40 23.50 15.83 23.86
N PRO K 41 23.83 14.51 23.82
CA PRO K 41 22.86 13.43 23.68
C PRO K 41 22.22 13.09 25.02
N ASN K 42 21.07 12.43 24.98
CA ASN K 42 20.49 11.89 26.20
C ASN K 42 19.66 10.70 25.79
N PRO K 43 19.54 9.72 26.69
CA PRO K 43 18.95 8.44 26.28
C PRO K 43 17.54 8.53 25.70
N TYR K 44 16.82 9.62 25.93
CA TYR K 44 15.46 9.67 25.38
C TYR K 44 15.39 10.33 24.02
N SER K 45 16.53 10.81 23.55
CA SER K 45 16.56 11.45 22.26
C SER K 45 17.64 10.80 21.43
N PRO K 46 17.37 9.57 20.98
CA PRO K 46 18.37 8.82 20.23
C PRO K 46 18.43 9.25 18.78
N HIS K 47 17.39 9.89 18.28
CA HIS K 47 17.33 10.23 16.85
C HIS K 47 18.02 11.54 16.51
N VAL K 48 18.51 12.26 17.51
CA VAL K 48 19.24 13.48 17.25
C VAL K 48 20.66 13.13 16.82
N LEU K 49 21.03 13.61 15.64
CA LEU K 49 22.32 13.33 14.99
C LEU K 49 23.39 14.35 15.31
N SER K 50 23.09 15.65 15.23
CA SER K 50 24.15 16.64 15.50
C SER K 50 23.57 17.95 15.97
N ILE K 51 24.32 18.74 16.73
CA ILE K 51 23.90 20.09 17.11
C ILE K 51 25.01 21.09 16.81
N ASP K 52 24.70 22.23 16.23
CA ASP K 52 25.76 23.21 16.04
C ASP K 52 25.29 24.59 16.43
N THR K 53 26.20 25.37 17.00
CA THR K 53 25.91 26.75 17.35
C THR K 53 26.22 27.62 16.14
N ILE K 54 25.20 28.21 15.54
CA ILE K 54 25.39 29.03 14.36
C ILE K 54 25.86 30.43 14.73
N SER K 55 25.25 31.02 15.75
CA SER K 55 25.64 32.37 16.18
C SER K 55 25.29 32.62 17.65
N ARG K 56 26.13 33.40 18.31
CA ARG K 56 25.85 33.69 19.70
C ARG K 56 26.38 35.07 20.00
N ASN K 57 25.50 35.90 20.56
CA ASN K 57 25.81 37.30 20.87
C ASN K 57 25.05 37.84 22.06
N VAL K 58 25.53 38.91 22.68
CA VAL K 58 24.76 39.60 23.71
C VAL K 58 24.14 40.87 23.10
N ASP K 59 22.83 41.02 23.21
CA ASP K 59 22.13 42.10 22.52
C ASP K 59 22.21 43.40 23.31
N GLN K 60 21.52 44.43 22.81
CA GLN K 60 21.48 45.74 23.44
C GLN K 60 21.00 45.70 24.89
N GLU K 61 19.95 44.91 25.15
CA GLU K 61 19.31 44.85 26.48
C GLU K 61 19.96 43.84 27.45
N GLY K 62 21.14 43.34 27.11
CA GLY K 62 21.88 42.43 27.99
C GLY K 62 21.56 40.94 27.91
N ASN K 63 20.81 40.54 26.89
CA ASN K 63 20.44 39.13 26.69
C ASN K 63 21.36 38.35 25.72
N LEU K 64 21.52 37.06 25.98
CA LEU K 64 22.28 36.15 25.09
C LEU K 64 21.35 35.60 24.01
N ARG K 65 21.72 35.81 22.76
CA ARG K 65 20.92 35.35 21.64
C ARG K 65 21.73 34.31 20.93
N THR K 66 21.20 33.09 20.87
CA THR K 66 21.89 31.99 20.24
C THR K 66 21.00 31.43 19.15
N THR K 67 21.63 31.05 18.04
CA THR K 67 20.94 30.32 17.00
C THR K 67 21.72 29.03 16.84
N ARG K 68 21.03 27.90 16.87
CA ARG K 68 21.64 26.61 16.67
C ARG K 68 20.94 25.81 15.59
N LEU K 69 21.69 24.86 15.01
CA LEU K 69 21.19 24.02 13.95
C LEU K 69 21.32 22.57 14.41
N LEU K 70 20.20 21.86 14.44
CA LEU K 70 20.17 20.46 14.83
C LEU K 70 19.81 19.64 13.62
N LYS K 71 20.33 18.41 13.53
CA LYS K 71 19.86 17.48 12.52
C LYS K 71 19.33 16.26 13.25
N LYS K 72 18.14 15.79 12.91
CA LYS K 72 17.63 14.55 13.49
C LYS K 72 17.21 13.58 12.40
N SER K 73 17.21 12.29 12.71
CA SER K 73 16.67 11.28 11.82
C SER K 73 15.26 10.91 12.30
N GLY K 74 14.44 10.36 11.41
CA GLY K 74 13.11 9.96 11.84
C GLY K 74 12.28 9.40 10.71
N LYS K 75 11.11 8.88 11.06
CA LYS K 75 10.18 8.38 10.05
C LYS K 75 9.15 9.48 9.80
N LEU K 76 8.85 9.74 8.53
CA LEU K 76 7.81 10.69 8.17
C LEU K 76 6.49 10.05 8.60
N PRO K 77 5.51 10.87 9.00
CA PRO K 77 4.23 10.44 9.59
C PRO K 77 3.41 9.56 8.65
N THR K 78 2.73 8.55 9.21
CA THR K 78 2.03 7.54 8.44
C THR K 78 0.95 8.06 7.47
N TRP K 79 0.43 9.26 7.73
CA TRP K 79 -0.62 9.85 6.90
C TRP K 79 -0.19 10.54 5.57
N VAL K 80 1.11 10.58 5.26
CA VAL K 80 1.54 11.24 4.00
C VAL K 80 1.39 10.31 2.79
N LYS K 81 1.64 10.86 1.59
CA LYS K 81 1.67 10.05 0.36
C LYS K 81 2.64 8.91 0.58
N PRO K 82 2.21 7.67 0.31
CA PRO K 82 3.03 6.48 0.65
C PRO K 82 4.42 6.39 0.00
N PHE K 83 4.74 7.28 -0.94
CA PHE K 83 6.09 7.33 -1.52
C PHE K 83 7.08 8.19 -0.71
N LEU K 84 6.56 9.18 0.02
CA LEU K 84 7.42 10.04 0.86
C LEU K 84 7.50 9.48 2.27
N ARG K 85 6.63 8.50 2.55
CA ARG K 85 6.68 7.76 3.80
C ARG K 85 7.99 7.01 3.80
N GLY K 86 8.53 6.70 4.97
CA GLY K 86 9.84 6.09 5.03
C GLY K 86 10.67 6.87 6.02
N ILE K 87 11.98 6.63 6.05
CA ILE K 87 12.81 7.32 7.01
C ILE K 87 13.62 8.35 6.27
N THR K 88 13.73 9.52 6.89
CA THR K 88 14.49 10.63 6.35
C THR K 88 15.23 11.37 7.47
N GLU K 89 15.87 12.49 7.11
CA GLU K 89 16.54 13.36 8.05
C GLU K 89 15.96 14.76 7.91
N THR K 90 15.80 15.44 9.02
CA THR K 90 15.28 16.79 9.02
C THR K 90 16.27 17.71 9.70
N TRP K 91 16.46 18.90 9.14
CA TRP K 91 17.21 19.98 9.80
C TRP K 91 16.26 20.84 10.63
N ILE K 92 16.70 21.26 11.81
CA ILE K 92 15.88 22.06 12.69
C ILE K 92 16.64 23.29 13.18
N ILE K 93 15.98 24.45 13.13
CA ILE K 93 16.60 25.66 13.64
C ILE K 93 16.05 25.83 15.03
N GLU K 94 16.92 26.26 15.94
CA GLU K 94 16.56 26.47 17.33
C GLU K 94 17.12 27.81 17.72
N VAL K 95 16.27 28.74 18.15
CA VAL K 95 16.69 30.11 18.46
C VAL K 95 16.30 30.46 19.89
N SER K 96 17.22 31.09 20.62
CA SER K 96 16.99 31.35 22.03
C SER K 96 17.45 32.72 22.51
N VAL K 97 16.73 33.22 23.51
CA VAL K 97 17.12 34.42 24.24
C VAL K 97 17.14 34.05 25.73
N VAL K 98 18.20 34.43 26.42
CA VAL K 98 18.31 34.29 27.87
C VAL K 98 18.40 35.67 28.51
N ASN K 99 17.60 35.88 29.55
CA ASN K 99 17.66 37.10 30.34
C ASN K 99 18.18 36.72 31.72
N PRO K 100 19.44 37.05 32.03
CA PRO K 100 20.01 36.64 33.31
C PRO K 100 19.41 37.45 34.43
N ALA K 101 19.01 38.68 34.13
CA ALA K 101 18.40 39.57 35.12
C ALA K 101 17.08 39.02 35.67
N ASN K 102 16.08 38.88 34.80
CA ASN K 102 14.78 38.35 35.18
C ASN K 102 14.79 36.82 35.32
N SER K 103 15.94 36.21 35.03
CA SER K 103 16.09 34.76 34.99
C SER K 103 15.00 34.10 34.15
N THR K 104 14.98 34.44 32.86
CA THR K 104 14.00 33.89 31.94
C THR K 104 14.66 33.40 30.65
N LYS K 106 13.64 32.09 26.45
CA LYS K 106 12.69 31.85 25.40
C LYS K 106 13.37 31.05 24.30
N THR K 107 12.67 30.01 23.82
CA THR K 107 13.19 29.14 22.77
C THR K 107 12.18 28.89 21.67
N TYR K 108 12.70 28.70 20.46
CA TYR K 108 11.85 28.44 19.30
C TYR K 108 12.55 27.41 18.42
N THR K 109 11.83 26.34 18.09
CA THR K 109 12.40 25.35 17.19
C THR K 109 11.46 25.17 16.02
N ARG K 110 12.03 24.91 14.84
CA ARG K 110 11.19 24.48 13.72
C ARG K 110 12.02 23.79 12.61
N ASN K 111 11.34 22.99 11.81
CA ASN K 111 12.03 22.31 10.72
C ASN K 111 12.33 23.28 9.61
N LEU K 112 13.54 23.17 9.07
CA LEU K 112 13.99 23.97 7.94
C LEU K 112 13.67 23.32 6.61
N ASP K 113 13.67 21.99 6.59
CA ASP K 113 13.34 21.29 5.37
C ASP K 113 12.14 20.40 5.64
N HIS K 114 11.61 19.76 4.60
CA HIS K 114 10.32 19.02 4.64
C HIS K 114 9.10 19.90 4.93
N THR K 115 9.20 21.20 4.67
CA THR K 115 8.13 22.14 5.02
C THR K 115 6.94 22.02 4.08
N GLY K 116 7.19 21.46 2.90
CA GLY K 116 6.16 21.24 1.91
C GLY K 116 5.18 20.26 2.50
N ILE K 117 5.71 19.27 3.19
CA ILE K 117 4.88 18.28 3.87
C ILE K 117 4.21 18.88 5.12
N LYS K 119 4.86 21.91 8.68
CA LYS K 119 5.67 22.80 9.48
C LYS K 119 5.31 22.55 10.94
N VAL K 120 6.30 22.29 11.78
CA VAL K 120 6.06 22.15 13.21
C VAL K 120 6.92 23.16 13.96
N GLU K 121 6.26 24.09 14.64
CA GLU K 121 6.94 25.13 15.39
C GLU K 121 6.72 24.89 16.88
N GLU K 122 7.76 25.13 17.68
CA GLU K 122 7.61 25.04 19.12
C GLU K 122 8.25 26.20 19.86
N TYR K 123 7.42 26.84 20.69
CA TYR K 123 7.85 27.84 21.64
C TYR K 123 7.94 27.17 22.98
N THR K 124 9.01 27.47 23.72
CA THR K 124 9.07 27.03 25.10
C THR K 124 9.71 28.13 25.90
N THR K 125 9.04 28.52 26.97
CA THR K 125 9.57 29.52 27.87
C THR K 125 9.85 28.93 29.25
N TYR K 126 11.06 29.14 29.72
CA TYR K 126 11.44 28.77 31.07
C TYR K 126 11.46 30.04 31.89
N GLN K 127 10.88 30.00 33.08
CA GLN K 127 10.92 31.17 33.93
C GLN K 127 11.14 30.73 35.35
N PHE K 128 11.97 31.45 36.09
CA PHE K 128 12.20 31.05 37.46
C PHE K 128 11.09 31.58 38.36
N ASP K 129 10.69 30.74 39.30
CA ASP K 129 9.65 31.05 40.26
C ASP K 129 10.25 30.91 41.66
N SER K 130 10.43 32.06 42.31
CA SER K 130 11.02 32.13 43.65
C SER K 130 10.11 31.48 44.68
N ALA K 131 8.81 31.58 44.45
CA ALA K 131 7.80 30.97 45.32
C ALA K 131 8.01 29.47 45.48
N THR K 132 8.08 28.76 44.36
CA THR K 132 8.26 27.32 44.40
C THR K 132 9.74 26.92 44.49
N SER K 133 10.64 27.91 44.38
CA SER K 133 12.07 27.68 44.20
C SER K 133 12.29 26.76 43.01
N SER K 134 11.53 27.00 41.95
CA SER K 134 11.44 26.07 40.84
C SER K 134 11.35 26.79 39.52
N THR K 135 11.75 26.11 38.46
CA THR K 135 11.68 26.69 37.13
C THR K 135 10.45 26.16 36.42
N ILE K 136 9.60 27.06 35.94
CA ILE K 136 8.38 26.67 35.21
C ILE K 136 8.53 26.77 33.69
N ALA K 137 8.24 25.67 33.01
CA ALA K 137 8.38 25.60 31.56
C ALA K 137 7.02 25.49 30.87
N ASP K 138 6.72 26.49 30.05
CA ASP K 138 5.49 26.48 29.26
C ASP K 138 5.85 26.27 27.80
N SER K 139 5.32 25.19 27.24
CA SER K 139 5.58 24.84 25.86
C SER K 139 4.32 24.95 25.03
N ARG K 140 4.46 25.60 23.88
CA ARG K 140 3.38 25.77 22.93
C ARG K 140 3.82 25.35 21.53
N VAL K 141 3.04 24.50 20.87
CA VAL K 141 3.34 24.00 19.54
C VAL K 141 2.31 24.38 18.47
N LYS K 142 2.78 24.83 17.31
CA LYS K 142 1.88 25.03 16.16
C LYS K 142 2.26 24.07 15.04
N PHE K 143 1.35 23.14 14.71
CA PHE K 143 1.53 22.24 13.58
C PHE K 143 0.75 22.79 12.40
N SER K 144 1.39 22.95 11.25
CA SER K 144 0.65 23.37 10.07
C SER K 144 1.16 22.67 8.80
N GLY K 150 -4.45 18.63 -1.49
CA GLY K 150 -3.74 17.78 -2.41
C GLY K 150 -4.59 16.57 -2.79
N ILE K 151 -5.17 15.93 -1.77
CA ILE K 151 -6.09 14.80 -1.95
C ILE K 151 -7.32 15.23 -2.75
N LYS K 152 -7.88 16.36 -2.36
CA LYS K 152 -9.06 16.93 -3.00
C LYS K 152 -8.89 16.98 -4.51
N SER K 153 -7.69 17.26 -4.98
CA SER K 153 -7.43 17.23 -6.40
C SER K 153 -7.69 15.85 -6.99
N LYS K 154 -7.13 14.83 -6.34
CA LYS K 154 -7.25 13.46 -6.82
C LYS K 154 -8.73 13.05 -6.86
N VAL K 155 -9.46 13.40 -5.82
CA VAL K 155 -10.91 13.16 -5.77
C VAL K 155 -11.63 13.87 -6.92
N GLU K 156 -11.29 15.13 -7.16
CA GLU K 156 -11.90 15.89 -8.25
C GLU K 156 -11.74 15.14 -9.55
N ASP K 157 -10.50 14.75 -9.86
CA ASP K 157 -10.20 14.05 -11.11
C ASP K 157 -10.99 12.76 -11.20
N TRP K 158 -11.05 12.04 -10.08
CA TRP K 158 -11.83 10.81 -10.02
C TRP K 158 -13.29 11.07 -10.40
N SER K 159 -13.90 12.08 -9.78
CA SER K 159 -15.30 12.38 -10.03
C SER K 159 -15.55 12.83 -11.46
N ARG K 160 -14.71 13.70 -12.01
CA ARG K 160 -14.88 14.05 -13.42
C ARG K 160 -14.83 12.78 -14.28
N THR K 161 -13.83 11.92 -14.05
CA THR K 161 -13.69 10.73 -14.87
C THR K 161 -14.90 9.82 -14.80
N LYS K 162 -15.30 9.51 -13.57
CA LYS K 162 -16.44 8.63 -13.35
C LYS K 162 -17.64 9.26 -14.04
N PHE K 163 -17.80 10.57 -13.91
CA PHE K 163 -18.90 11.21 -14.56
C PHE K 163 -18.88 11.04 -16.08
N ASP K 164 -17.73 11.31 -16.73
CA ASP K 164 -17.61 11.23 -18.19
C ASP K 164 -17.87 9.82 -18.72
N GLU K 165 -17.24 8.85 -18.06
CA GLU K 165 -17.46 7.44 -18.37
C GLU K 165 -18.94 7.12 -18.32
N ASN K 166 -19.60 7.56 -17.24
CA ASN K 166 -21.02 7.26 -16.98
C ASN K 166 -22.00 7.95 -17.93
N VAL K 167 -21.67 9.18 -18.33
CA VAL K 167 -22.42 9.86 -19.38
C VAL K 167 -22.35 9.07 -20.69
N LYS K 168 -21.14 8.58 -21.03
CA LYS K 168 -20.99 7.72 -22.20
C LYS K 168 -21.85 6.49 -22.09
N LYS K 169 -21.71 5.75 -20.99
CA LYS K 169 -22.47 4.52 -20.78
C LYS K 169 -23.98 4.75 -20.86
N SER K 170 -24.50 5.82 -20.24
CA SER K 170 -25.94 6.12 -20.35
C SER K 170 -26.38 6.43 -21.78
N ARG K 171 -25.66 7.33 -22.46
CA ARG K 171 -26.06 7.65 -23.83
C ARG K 171 -26.07 6.39 -24.71
N GLY K 173 -25.96 3.04 -23.87
CA GLY K 173 -26.87 2.01 -23.40
C GLY K 173 -28.29 2.35 -23.76
N ALA K 175 -29.45 4.40 -26.05
CA ALA K 175 -29.64 4.34 -27.49
C ALA K 175 -29.74 2.89 -27.97
N PHE K 176 -28.89 2.03 -27.44
CA PHE K 176 -28.93 0.62 -27.77
C PHE K 176 -30.30 0.02 -27.51
N VAL K 177 -30.80 0.19 -26.28
CA VAL K 177 -32.10 -0.37 -25.91
C VAL K 177 -33.20 0.23 -26.76
N ILE K 178 -33.17 1.54 -26.98
CA ILE K 178 -34.20 2.19 -27.77
C ILE K 178 -34.22 1.58 -29.18
N GLN K 179 -33.05 1.37 -29.76
CA GLN K 179 -32.99 0.70 -31.05
C GLN K 179 -33.63 -0.68 -30.97
N LYS K 180 -33.18 -1.53 -30.05
CA LYS K 180 -33.74 -2.89 -29.93
C LYS K 180 -35.27 -2.93 -29.71
N LEU K 181 -35.85 -1.87 -29.16
CA LEU K 181 -37.32 -1.79 -29.03
C LEU K 181 -37.99 -1.27 -30.30
N GLU K 182 -37.24 -1.21 -31.41
CA GLU K 182 -37.77 -0.69 -32.67
C GLU K 182 -37.74 -1.73 -33.79
N MET L 5 29.92 16.19 24.58
CA MET L 5 29.84 14.97 23.75
C MET L 5 29.11 15.04 22.40
N SER L 6 28.19 15.98 22.18
CA SER L 6 27.39 15.93 20.94
C SER L 6 28.24 16.19 19.70
N ALA L 7 27.81 15.67 18.56
CA ALA L 7 28.56 15.78 17.29
C ALA L 7 28.17 17.02 16.44
N SER L 8 29.08 17.53 15.62
CA SER L 8 28.72 18.51 14.60
C SER L 8 28.36 17.78 13.31
N PHE L 9 27.59 18.43 12.45
CA PHE L 9 27.23 17.82 11.18
C PHE L 9 28.47 17.69 10.31
N ALA L 10 29.54 18.37 10.69
CA ALA L 10 30.83 18.21 10.04
C ALA L 10 31.79 17.66 11.08
N PRO L 11 32.16 16.37 10.95
CA PRO L 11 33.01 15.63 11.90
C PRO L 11 34.35 16.35 12.20
N GLU L 12 34.93 16.97 11.18
CA GLU L 12 36.14 17.78 11.34
C GLU L 12 35.98 18.92 12.37
N CYS L 13 34.74 19.37 12.55
CA CYS L 13 34.45 20.46 13.46
C CYS L 13 34.14 20.00 14.90
N THR L 14 33.86 18.71 15.09
CA THR L 14 33.41 18.26 16.39
C THR L 14 34.36 18.60 17.56
N ASP L 15 35.67 18.36 17.41
CA ASP L 15 36.60 18.70 18.49
C ASP L 15 36.64 20.20 18.82
N LEU L 16 36.78 21.03 17.79
CA LEU L 16 36.77 22.47 17.97
C LEU L 16 35.49 22.88 18.69
N LYS L 17 34.37 22.32 18.22
CA LYS L 17 33.05 22.50 18.82
C LYS L 17 33.01 22.15 20.31
N THR L 18 33.63 21.03 20.66
CA THR L 18 33.69 20.61 22.05
C THR L 18 34.43 21.63 22.91
N LYS L 19 35.62 22.04 22.42
CA LYS L 19 36.47 23.05 23.06
C LYS L 19 35.64 24.32 23.32
N TYR L 20 34.98 24.81 22.26
CA TYR L 20 34.16 26.00 22.36
C TYR L 20 33.02 25.86 23.37
N ASP L 21 32.25 24.77 23.26
CA ASP L 21 31.11 24.56 24.13
C ASP L 21 31.53 24.48 25.57
N SER L 22 32.65 23.82 25.79
CA SER L 22 33.20 23.73 27.12
C SER L 22 33.40 25.13 27.67
N CYS L 23 34.15 25.96 26.92
CA CYS L 23 34.45 27.32 27.34
C CYS L 23 33.19 28.14 27.64
N PHE L 24 32.25 28.10 26.69
CA PHE L 24 30.97 28.79 26.84
C PHE L 24 30.17 28.31 28.05
N ASN L 25 30.13 27.00 28.30
CA ASN L 25 29.43 26.46 29.44
C ASN L 25 30.01 27.09 30.68
N GLU L 26 31.34 27.09 30.82
CA GLU L 26 31.91 27.73 32.00
C GLU L 26 31.54 29.20 32.12
N TRP L 27 31.66 29.92 31.01
CA TRP L 27 31.41 31.35 31.06
C TRP L 27 29.96 31.63 31.40
N TYR L 28 29.09 30.80 30.84
CA TYR L 28 27.66 30.97 31.00
C TYR L 28 27.27 30.75 32.45
N SER L 29 27.82 29.71 33.06
CA SER L 29 27.44 29.35 34.42
C SER L 29 28.10 30.31 35.41
N GLU L 30 29.36 30.62 35.19
CA GLU L 30 30.12 31.36 36.18
C GLU L 30 30.11 32.89 36.01
N LYS L 31 30.02 33.35 34.77
CA LYS L 31 30.16 34.79 34.49
C LYS L 31 28.84 35.43 34.09
N PHE L 32 28.21 34.93 33.03
CA PHE L 32 27.01 35.55 32.47
C PHE L 32 25.81 35.52 33.40
N LEU L 33 25.49 34.34 33.92
CA LEU L 33 24.31 34.23 34.74
C LEU L 33 24.49 34.99 36.04
N LYS L 34 25.75 35.23 36.41
CA LYS L 34 26.07 35.96 37.63
C LYS L 34 26.30 37.46 37.43
N GLY L 35 26.10 37.94 36.20
CA GLY L 35 26.25 39.35 35.90
C GLY L 35 27.67 39.89 35.97
N LYS L 36 28.64 38.99 36.04
CA LYS L 36 30.04 39.38 36.19
C LYS L 36 30.67 39.66 34.81
N SER L 37 29.84 39.55 33.77
CA SER L 37 30.29 39.75 32.39
C SER L 37 29.09 39.80 31.45
N VAL L 38 29.21 40.64 30.43
CA VAL L 38 28.25 40.65 29.33
C VAL L 38 29.03 40.74 28.02
N GLU L 39 30.25 40.20 28.04
CA GLU L 39 31.15 40.21 26.90
C GLU L 39 31.48 38.78 26.46
N ASN L 40 32.16 38.64 25.33
CA ASN L 40 32.47 37.33 24.78
C ASN L 40 33.87 36.91 25.19
N GLU L 41 33.97 36.08 26.24
CA GLU L 41 35.26 35.55 26.67
C GLU L 41 35.68 34.24 25.99
N CYS L 42 35.12 33.92 24.83
CA CYS L 42 35.50 32.70 24.14
C CYS L 42 35.95 33.00 22.71
N SER L 43 36.72 34.06 22.53
CA SER L 43 37.12 34.54 21.19
C SER L 43 37.85 33.49 20.32
N LYS L 44 38.90 32.90 20.87
CA LYS L 44 39.71 31.96 20.10
C LYS L 44 38.96 30.67 19.76
N GLN L 45 38.44 29.98 20.77
CA GLN L 45 37.76 28.72 20.54
C GLN L 45 36.58 28.92 19.59
N TRP L 46 35.81 29.98 19.81
CA TRP L 46 34.69 30.30 18.92
C TRP L 46 35.15 30.56 17.51
N TYR L 47 36.27 31.28 17.37
CA TYR L 47 36.82 31.55 16.04
C TYR L 47 37.15 30.26 15.32
N ALA L 48 37.91 29.37 15.95
CA ALA L 48 38.29 28.10 15.29
C ALA L 48 37.04 27.31 14.89
N TYR L 49 36.15 27.11 15.86
CA TYR L 49 34.93 26.35 15.65
C TYR L 49 34.12 26.91 14.49
N THR L 50 33.87 28.22 14.52
CA THR L 50 32.99 28.85 13.55
C THR L 50 33.59 29.03 12.15
N THR L 51 34.92 29.10 12.09
CA THR L 51 35.59 29.11 10.81
C THR L 51 35.32 27.77 10.17
N CYS L 52 35.63 26.69 10.92
CA CYS L 52 35.40 25.35 10.41
C CYS L 52 33.96 25.13 9.98
N VAL L 53 33.02 25.49 10.87
CA VAL L 53 31.60 25.30 10.59
C VAL L 53 31.18 26.08 9.35
N ASN L 54 31.57 27.34 9.24
CA ASN L 54 31.11 28.09 8.08
C ASN L 54 31.70 27.58 6.76
N ALA L 55 32.97 27.17 6.83
CA ALA L 55 33.60 26.44 5.73
C ALA L 55 32.79 25.22 5.30
N ALA L 56 32.44 24.35 6.25
CA ALA L 56 31.68 23.12 5.98
C ALA L 56 30.23 23.36 5.59
N LEU L 57 29.63 24.37 6.19
CA LEU L 57 28.20 24.64 6.04
C LEU L 57 27.90 25.26 4.70
N VAL L 58 28.79 26.12 4.23
CA VAL L 58 28.59 26.74 2.93
C VAL L 58 28.46 25.71 1.79
N LYS L 59 29.22 24.62 1.85
CA LYS L 59 29.06 23.53 0.89
C LYS L 59 27.69 22.86 0.96
N GLN L 60 27.02 22.99 2.11
CA GLN L 60 25.74 22.30 2.31
C GLN L 60 24.58 22.94 1.55
N GLY L 61 23.69 22.11 1.02
CA GLY L 61 22.52 22.58 0.28
C GLY L 61 21.46 23.11 1.22
N ILE L 62 21.88 23.36 2.45
CA ILE L 62 21.02 23.72 3.53
C ILE L 62 21.14 25.21 3.86
N LYS L 63 22.25 25.80 3.41
CA LYS L 63 22.60 27.19 3.69
C LYS L 63 21.54 28.24 3.31
N PRO L 64 20.88 28.09 2.13
CA PRO L 64 19.75 28.99 1.84
C PRO L 64 18.60 29.00 2.87
N ALA L 65 17.97 27.86 3.13
CA ALA L 65 16.84 27.81 4.07
C ALA L 65 17.22 28.37 5.43
N LEU L 66 18.46 28.06 5.85
CA LEU L 66 18.96 28.53 7.12
C LEU L 66 19.09 30.04 7.12
N ASP L 67 19.69 30.59 6.07
CA ASP L 67 19.84 32.04 5.97
C ASP L 67 18.48 32.73 5.93
N GLU L 68 17.55 32.12 5.22
CA GLU L 68 16.18 32.62 5.13
C GLU L 68 15.56 32.72 6.50
N ALA L 69 15.73 31.66 7.30
CA ALA L 69 15.17 31.61 8.64
C ALA L 69 15.90 32.49 9.66
N ARG L 70 17.13 32.89 9.34
CA ARG L 70 17.87 33.77 10.24
C ARG L 70 17.48 35.24 10.09
N GLU L 71 16.83 35.59 8.98
CA GLU L 71 16.33 36.94 8.77
C GLU L 71 14.98 37.10 9.50
N GLU L 72 14.46 35.97 9.92
CA GLU L 72 13.17 35.84 10.59
C GLU L 72 13.30 36.13 12.09
N ALA L 73 12.24 36.66 12.69
CA ALA L 73 12.21 36.96 14.13
C ALA L 73 10.97 36.35 14.77
N PRO L 74 11.15 35.18 15.42
CA PRO L 74 10.08 34.34 15.98
C PRO L 74 9.46 34.89 17.25
N PHE L 75 10.05 35.95 17.81
CA PHE L 75 9.52 36.53 19.03
C PHE L 75 8.73 37.84 18.80
#